data_1NBP
# 
_entry.id   1NBP 
# 
_audit_conform.dict_name       mmcif_pdbx.dic 
_audit_conform.dict_version    5.398 
_audit_conform.dict_location   http://mmcif.pdb.org/dictionaries/ascii/mmcif_pdbx.dic 
# 
loop_
_database_2.database_id 
_database_2.database_code 
_database_2.pdbx_database_accession 
_database_2.pdbx_DOI 
PDB   1NBP         pdb_00001nbp 10.2210/pdb1nbp/pdb 
RCSB  RCSB017747   ?            ?                   
WWPDB D_1000017747 ?            ?                   
# 
loop_
_pdbx_audit_revision_history.ordinal 
_pdbx_audit_revision_history.data_content_type 
_pdbx_audit_revision_history.major_revision 
_pdbx_audit_revision_history.minor_revision 
_pdbx_audit_revision_history.revision_date 
1 'Structure model' 1 0 2002-12-18 
2 'Structure model' 1 1 2008-04-28 
3 'Structure model' 1 2 2011-07-13 
4 'Structure model' 1 3 2017-10-11 
5 'Structure model' 1 4 2021-10-27 
6 'Structure model' 1 5 2023-08-16 
7 'Structure model' 1 6 2024-10-30 
# 
_pdbx_audit_revision_details.ordinal             1 
_pdbx_audit_revision_details.revision_ordinal    1 
_pdbx_audit_revision_details.data_content_type   'Structure model' 
_pdbx_audit_revision_details.provider            repository 
_pdbx_audit_revision_details.type                'Initial release' 
_pdbx_audit_revision_details.description         ? 
_pdbx_audit_revision_details.details             ? 
# 
loop_
_pdbx_audit_revision_group.ordinal 
_pdbx_audit_revision_group.revision_ordinal 
_pdbx_audit_revision_group.data_content_type 
_pdbx_audit_revision_group.group 
1 2 'Structure model' 'Version format compliance' 
2 3 'Structure model' 'Version format compliance' 
3 4 'Structure model' 'Refinement description'    
4 5 'Structure model' 'Database references'       
5 5 'Structure model' 'Derived calculations'      
6 6 'Structure model' 'Data collection'           
7 6 'Structure model' 'Refinement description'    
8 7 'Structure model' 'Structure summary'         
# 
loop_
_pdbx_audit_revision_category.ordinal 
_pdbx_audit_revision_category.revision_ordinal 
_pdbx_audit_revision_category.data_content_type 
_pdbx_audit_revision_category.category 
1  4 'Structure model' software                      
2  5 'Structure model' database_2                    
3  5 'Structure model' struct_conn                   
4  5 'Structure model' struct_ref_seq_dif            
5  5 'Structure model' struct_site                   
6  6 'Structure model' chem_comp_atom                
7  6 'Structure model' chem_comp_bond                
8  6 'Structure model' pdbx_initial_refinement_model 
9  7 'Structure model' pdbx_entry_details            
10 7 'Structure model' pdbx_modification_feature     
# 
loop_
_pdbx_audit_revision_item.ordinal 
_pdbx_audit_revision_item.revision_ordinal 
_pdbx_audit_revision_item.data_content_type 
_pdbx_audit_revision_item.item 
1 5 'Structure model' '_database_2.pdbx_DOI'                
2 5 'Structure model' '_database_2.pdbx_database_accession' 
3 5 'Structure model' '_struct_conn.pdbx_leaving_atom_flag' 
4 5 'Structure model' '_struct_ref_seq_dif.details'         
5 5 'Structure model' '_struct_site.pdbx_auth_asym_id'      
6 5 'Structure model' '_struct_site.pdbx_auth_comp_id'      
7 5 'Structure model' '_struct_site.pdbx_auth_seq_id'       
# 
_pdbx_database_status.status_code                     REL 
_pdbx_database_status.entry_id                        1NBP 
_pdbx_database_status.recvd_initial_deposition_date   2002-12-03 
_pdbx_database_status.deposit_site                    RCSB 
_pdbx_database_status.process_site                    RCSB 
_pdbx_database_status.status_code_sf                  REL 
_pdbx_database_status.status_code_mr                  ? 
_pdbx_database_status.SG_entry                        ? 
_pdbx_database_status.pdb_format_compatible           Y 
_pdbx_database_status.status_code_cs                  ? 
_pdbx_database_status.methods_development_category    ? 
_pdbx_database_status.status_code_nmr_data            ? 
# 
loop_
_pdbx_database_related.db_name 
_pdbx_database_related.db_id 
_pdbx_database_related.details 
_pdbx_database_related.content_type 
PDB 1M47 . unspecified 
PDB 1M48 . unspecified 
PDB 1M49 . unspecified 
PDB 1M4A . unspecified 
PDB 1M4B . unspecified 
PDB 1M4C . unspecified 
# 
loop_
_audit_author.name 
_audit_author.pdbx_ordinal 
'Hyde, J.'       1 
'Braisted, A.C.' 2 
'Randal, M.'     3 
'Arkin, M.R.'    4 
# 
_citation.id                        primary 
_citation.title                     
'Discovery and characterization of cooperative ligand binding in the adaptive region of interleukin-2' 
_citation.journal_abbrev            Biochemistry 
_citation.journal_volume            42 
_citation.page_first                6475 
_citation.page_last                 6483 
_citation.year                      2003 
_citation.journal_id_ASTM           BICHAW 
_citation.country                   US 
_citation.journal_id_ISSN           0006-2960 
_citation.journal_id_CSD            0033 
_citation.book_publisher            ? 
_citation.pdbx_database_id_PubMed   12767230 
_citation.pdbx_database_id_DOI      10.1021/bi034138g 
# 
loop_
_citation_author.citation_id 
_citation_author.name 
_citation_author.ordinal 
_citation_author.identifier_ORCID 
primary 'Hyde, J.'       1 ? 
primary 'Braisted, A.C.' 2 ? 
primary 'Randal, M.'     3 ? 
primary 'Arkin, M.R.'    4 ? 
# 
loop_
_entity.id 
_entity.type 
_entity.src_method 
_entity.pdbx_description 
_entity.formula_weight 
_entity.pdbx_number_of_molecules 
_entity.pdbx_ec 
_entity.pdbx_mutation 
_entity.pdbx_fragment 
_entity.details 
1 polymer     man Interleukin-2                                                    15375.948 1  ? Y31C ? ? 
2 non-polymer syn 'SULFATE ION'                                                    96.063    1  ? ?    ? ? 
3 non-polymer syn '3-MERCAPTO-1-(1,3,4,9-TETRAHYDRO-B-CARBOLIN-2-YL)-PROPAN-1-ONE' 260.355   1  ? ?    ? ? 
4 water       nat water                                                            18.015    49 ? ?    ? ? 
# 
_entity_name_com.entity_id   1 
_entity_name_com.name        'IL-2, T-cell growth factor, TCGF, Aldesleukin' 
# 
_entity_poly.entity_id                      1 
_entity_poly.type                           'polypeptide(L)' 
_entity_poly.nstd_linkage                   no 
_entity_poly.nstd_monomer                   no 
_entity_poly.pdbx_seq_one_letter_code       
;APTSSSTKKTQLQLEHLLLDLQMILNGINNCKNPKLTRMLTFKFYMPKKATELKHLQCLEEELKPLEEVLNLAQSKNFHL
RPRDLISNINVIVLELKGSETTFMCEYADETATIVEFLNRWITFCQSIISTLT
;
_entity_poly.pdbx_seq_one_letter_code_can   
;APTSSSTKKTQLQLEHLLLDLQMILNGINNCKNPKLTRMLTFKFYMPKKATELKHLQCLEEELKPLEEVLNLAQSKNFHL
RPRDLISNINVIVLELKGSETTFMCEYADETATIVEFLNRWITFCQSIISTLT
;
_entity_poly.pdbx_strand_id                 A 
_entity_poly.pdbx_target_identifier         ? 
# 
loop_
_pdbx_entity_nonpoly.entity_id 
_pdbx_entity_nonpoly.name 
_pdbx_entity_nonpoly.comp_id 
2 'SULFATE ION'                                                    SO4 
3 '3-MERCAPTO-1-(1,3,4,9-TETRAHYDRO-B-CARBOLIN-2-YL)-PROPAN-1-ONE' MHC 
4 water                                                            HOH 
# 
loop_
_entity_poly_seq.entity_id 
_entity_poly_seq.num 
_entity_poly_seq.mon_id 
_entity_poly_seq.hetero 
1 1   ALA n 
1 2   PRO n 
1 3   THR n 
1 4   SER n 
1 5   SER n 
1 6   SER n 
1 7   THR n 
1 8   LYS n 
1 9   LYS n 
1 10  THR n 
1 11  GLN n 
1 12  LEU n 
1 13  GLN n 
1 14  LEU n 
1 15  GLU n 
1 16  HIS n 
1 17  LEU n 
1 18  LEU n 
1 19  LEU n 
1 20  ASP n 
1 21  LEU n 
1 22  GLN n 
1 23  MET n 
1 24  ILE n 
1 25  LEU n 
1 26  ASN n 
1 27  GLY n 
1 28  ILE n 
1 29  ASN n 
1 30  ASN n 
1 31  CYS n 
1 32  LYS n 
1 33  ASN n 
1 34  PRO n 
1 35  LYS n 
1 36  LEU n 
1 37  THR n 
1 38  ARG n 
1 39  MET n 
1 40  LEU n 
1 41  THR n 
1 42  PHE n 
1 43  LYS n 
1 44  PHE n 
1 45  TYR n 
1 46  MET n 
1 47  PRO n 
1 48  LYS n 
1 49  LYS n 
1 50  ALA n 
1 51  THR n 
1 52  GLU n 
1 53  LEU n 
1 54  LYS n 
1 55  HIS n 
1 56  LEU n 
1 57  GLN n 
1 58  CYS n 
1 59  LEU n 
1 60  GLU n 
1 61  GLU n 
1 62  GLU n 
1 63  LEU n 
1 64  LYS n 
1 65  PRO n 
1 66  LEU n 
1 67  GLU n 
1 68  GLU n 
1 69  VAL n 
1 70  LEU n 
1 71  ASN n 
1 72  LEU n 
1 73  ALA n 
1 74  GLN n 
1 75  SER n 
1 76  LYS n 
1 77  ASN n 
1 78  PHE n 
1 79  HIS n 
1 80  LEU n 
1 81  ARG n 
1 82  PRO n 
1 83  ARG n 
1 84  ASP n 
1 85  LEU n 
1 86  ILE n 
1 87  SER n 
1 88  ASN n 
1 89  ILE n 
1 90  ASN n 
1 91  VAL n 
1 92  ILE n 
1 93  VAL n 
1 94  LEU n 
1 95  GLU n 
1 96  LEU n 
1 97  LYS n 
1 98  GLY n 
1 99  SER n 
1 100 GLU n 
1 101 THR n 
1 102 THR n 
1 103 PHE n 
1 104 MET n 
1 105 CYS n 
1 106 GLU n 
1 107 TYR n 
1 108 ALA n 
1 109 ASP n 
1 110 GLU n 
1 111 THR n 
1 112 ALA n 
1 113 THR n 
1 114 ILE n 
1 115 VAL n 
1 116 GLU n 
1 117 PHE n 
1 118 LEU n 
1 119 ASN n 
1 120 ARG n 
1 121 TRP n 
1 122 ILE n 
1 123 THR n 
1 124 PHE n 
1 125 CYS n 
1 126 GLN n 
1 127 SER n 
1 128 ILE n 
1 129 ILE n 
1 130 SER n 
1 131 THR n 
1 132 LEU n 
1 133 THR n 
# 
_entity_src_gen.entity_id                          1 
_entity_src_gen.pdbx_src_id                        1 
_entity_src_gen.pdbx_alt_source_flag               sample 
_entity_src_gen.pdbx_seq_type                      ? 
_entity_src_gen.pdbx_beg_seq_num                   ? 
_entity_src_gen.pdbx_end_seq_num                   ? 
_entity_src_gen.gene_src_common_name               human 
_entity_src_gen.gene_src_genus                     Homo 
_entity_src_gen.pdbx_gene_src_gene                 IL2 
_entity_src_gen.gene_src_species                   ? 
_entity_src_gen.gene_src_strain                    ? 
_entity_src_gen.gene_src_tissue                    ? 
_entity_src_gen.gene_src_tissue_fraction           ? 
_entity_src_gen.gene_src_details                   ? 
_entity_src_gen.pdbx_gene_src_fragment             ? 
_entity_src_gen.pdbx_gene_src_scientific_name      'Homo sapiens' 
_entity_src_gen.pdbx_gene_src_ncbi_taxonomy_id     9606 
_entity_src_gen.pdbx_gene_src_variant              ? 
_entity_src_gen.pdbx_gene_src_cell_line            ? 
_entity_src_gen.pdbx_gene_src_atcc                 ? 
_entity_src_gen.pdbx_gene_src_organ                ? 
_entity_src_gen.pdbx_gene_src_organelle            ? 
_entity_src_gen.pdbx_gene_src_cell                 ? 
_entity_src_gen.pdbx_gene_src_cellular_location    ? 
_entity_src_gen.host_org_common_name               ? 
_entity_src_gen.pdbx_host_org_scientific_name      'Escherichia coli BL21' 
_entity_src_gen.pdbx_host_org_ncbi_taxonomy_id     511693 
_entity_src_gen.host_org_genus                     Escherichia 
_entity_src_gen.pdbx_host_org_gene                 ? 
_entity_src_gen.pdbx_host_org_organ                ? 
_entity_src_gen.host_org_species                   'Escherichia coli' 
_entity_src_gen.pdbx_host_org_tissue               ? 
_entity_src_gen.pdbx_host_org_tissue_fraction      ? 
_entity_src_gen.pdbx_host_org_strain               BL21 
_entity_src_gen.pdbx_host_org_variant              ? 
_entity_src_gen.pdbx_host_org_cell_line            ? 
_entity_src_gen.pdbx_host_org_atcc                 ? 
_entity_src_gen.pdbx_host_org_culture_collection   ? 
_entity_src_gen.pdbx_host_org_cell                 ? 
_entity_src_gen.pdbx_host_org_organelle            ? 
_entity_src_gen.pdbx_host_org_cellular_location    ? 
_entity_src_gen.pdbx_host_org_vector_type          plasmid 
_entity_src_gen.pdbx_host_org_vector               ? 
_entity_src_gen.host_org_details                   ? 
_entity_src_gen.expression_system_id               ? 
_entity_src_gen.plasmid_name                       pRSET 
_entity_src_gen.plasmid_details                    ? 
_entity_src_gen.pdbx_description                   ? 
# 
loop_
_chem_comp.id 
_chem_comp.type 
_chem_comp.mon_nstd_flag 
_chem_comp.name 
_chem_comp.pdbx_synonyms 
_chem_comp.formula 
_chem_comp.formula_weight 
ALA 'L-peptide linking' y ALANINE                                                          ? 'C3 H7 N O2'     89.093  
ARG 'L-peptide linking' y ARGININE                                                         ? 'C6 H15 N4 O2 1' 175.209 
ASN 'L-peptide linking' y ASPARAGINE                                                       ? 'C4 H8 N2 O3'    132.118 
ASP 'L-peptide linking' y 'ASPARTIC ACID'                                                  ? 'C4 H7 N O4'     133.103 
CYS 'L-peptide linking' y CYSTEINE                                                         ? 'C3 H7 N O2 S'   121.158 
GLN 'L-peptide linking' y GLUTAMINE                                                        ? 'C5 H10 N2 O3'   146.144 
GLU 'L-peptide linking' y 'GLUTAMIC ACID'                                                  ? 'C5 H9 N O4'     147.129 
GLY 'peptide linking'   y GLYCINE                                                          ? 'C2 H5 N O2'     75.067  
HIS 'L-peptide linking' y HISTIDINE                                                        ? 'C6 H10 N3 O2 1' 156.162 
HOH non-polymer         . WATER                                                            ? 'H2 O'           18.015  
ILE 'L-peptide linking' y ISOLEUCINE                                                       ? 'C6 H13 N O2'    131.173 
LEU 'L-peptide linking' y LEUCINE                                                          ? 'C6 H13 N O2'    131.173 
LYS 'L-peptide linking' y LYSINE                                                           ? 'C6 H15 N2 O2 1' 147.195 
MET 'L-peptide linking' y METHIONINE                                                       ? 'C5 H11 N O2 S'  149.211 
MHC non-polymer         . '3-MERCAPTO-1-(1,3,4,9-TETRAHYDRO-B-CARBOLIN-2-YL)-PROPAN-1-ONE' ? 'C14 H16 N2 O S' 260.355 
PHE 'L-peptide linking' y PHENYLALANINE                                                    ? 'C9 H11 N O2'    165.189 
PRO 'L-peptide linking' y PROLINE                                                          ? 'C5 H9 N O2'     115.130 
SER 'L-peptide linking' y SERINE                                                           ? 'C3 H7 N O3'     105.093 
SO4 non-polymer         . 'SULFATE ION'                                                    ? 'O4 S -2'        96.063  
THR 'L-peptide linking' y THREONINE                                                        ? 'C4 H9 N O3'     119.119 
TRP 'L-peptide linking' y TRYPTOPHAN                                                       ? 'C11 H12 N2 O2'  204.225 
TYR 'L-peptide linking' y TYROSINE                                                         ? 'C9 H11 N O3'    181.189 
VAL 'L-peptide linking' y VALINE                                                           ? 'C5 H11 N O2'    117.146 
# 
loop_
_pdbx_poly_seq_scheme.asym_id 
_pdbx_poly_seq_scheme.entity_id 
_pdbx_poly_seq_scheme.seq_id 
_pdbx_poly_seq_scheme.mon_id 
_pdbx_poly_seq_scheme.ndb_seq_num 
_pdbx_poly_seq_scheme.pdb_seq_num 
_pdbx_poly_seq_scheme.auth_seq_num 
_pdbx_poly_seq_scheme.pdb_mon_id 
_pdbx_poly_seq_scheme.auth_mon_id 
_pdbx_poly_seq_scheme.pdb_strand_id 
_pdbx_poly_seq_scheme.pdb_ins_code 
_pdbx_poly_seq_scheme.hetero 
A 1 1   ALA 1   1   ?   ?   ?   A . n 
A 1 2   PRO 2   2   ?   ?   ?   A . n 
A 1 3   THR 3   3   ?   ?   ?   A . n 
A 1 4   SER 4   4   ?   ?   ?   A . n 
A 1 5   SER 5   5   ?   ?   ?   A . n 
A 1 6   SER 6   6   6   SER SER A . n 
A 1 7   THR 7   7   7   THR THR A . n 
A 1 8   LYS 8   8   8   LYS LYS A . n 
A 1 9   LYS 9   9   9   LYS LYS A . n 
A 1 10  THR 10  10  10  THR THR A . n 
A 1 11  GLN 11  11  11  GLN GLN A . n 
A 1 12  LEU 12  12  12  LEU LEU A . n 
A 1 13  GLN 13  13  13  GLN GLN A . n 
A 1 14  LEU 14  14  14  LEU LEU A . n 
A 1 15  GLU 15  15  15  GLU GLU A . n 
A 1 16  HIS 16  16  16  HIS HIS A . n 
A 1 17  LEU 17  17  17  LEU LEU A . n 
A 1 18  LEU 18  18  18  LEU LEU A . n 
A 1 19  LEU 19  19  19  LEU LEU A . n 
A 1 20  ASP 20  20  20  ASP ASP A . n 
A 1 21  LEU 21  21  21  LEU LEU A . n 
A 1 22  GLN 22  22  22  GLN GLN A . n 
A 1 23  MET 23  23  23  MET MET A . n 
A 1 24  ILE 24  24  24  ILE ILE A . n 
A 1 25  LEU 25  25  25  LEU LEU A . n 
A 1 26  ASN 26  26  26  ASN ASN A . n 
A 1 27  GLY 27  27  27  GLY GLY A . n 
A 1 28  ILE 28  28  28  ILE ILE A . n 
A 1 29  ASN 29  29  29  ASN ASN A . n 
A 1 30  ASN 30  30  30  ASN ASN A . n 
A 1 31  CYS 31  31  31  CYS CYS A . n 
A 1 32  LYS 32  32  32  LYS LYS A . n 
A 1 33  ASN 33  33  33  ASN ASN A . n 
A 1 34  PRO 34  34  34  PRO PRO A . n 
A 1 35  LYS 35  35  35  LYS LYS A . n 
A 1 36  LEU 36  36  36  LEU LEU A . n 
A 1 37  THR 37  37  37  THR THR A . n 
A 1 38  ARG 38  38  38  ARG ARG A . n 
A 1 39  MET 39  39  39  MET MET A . n 
A 1 40  LEU 40  40  40  LEU LEU A . n 
A 1 41  THR 41  41  41  THR THR A . n 
A 1 42  PHE 42  42  42  PHE PHE A . n 
A 1 43  LYS 43  43  43  LYS LYS A . n 
A 1 44  PHE 44  44  44  PHE PHE A . n 
A 1 45  TYR 45  45  45  TYR TYR A . n 
A 1 46  MET 46  46  46  MET MET A . n 
A 1 47  PRO 47  47  47  PRO PRO A . n 
A 1 48  LYS 48  48  48  LYS LYS A . n 
A 1 49  LYS 49  49  49  LYS LYS A . n 
A 1 50  ALA 50  50  50  ALA ALA A . n 
A 1 51  THR 51  51  51  THR THR A . n 
A 1 52  GLU 52  52  52  GLU GLU A . n 
A 1 53  LEU 53  53  53  LEU LEU A . n 
A 1 54  LYS 54  54  54  LYS LYS A . n 
A 1 55  HIS 55  55  55  HIS HIS A . n 
A 1 56  LEU 56  56  56  LEU LEU A . n 
A 1 57  GLN 57  57  57  GLN GLN A . n 
A 1 58  CYS 58  58  58  CYS CYS A . n 
A 1 59  LEU 59  59  59  LEU LEU A . n 
A 1 60  GLU 60  60  60  GLU GLU A . n 
A 1 61  GLU 61  61  61  GLU GLU A . n 
A 1 62  GLU 62  62  62  GLU GLU A . n 
A 1 63  LEU 63  63  63  LEU LEU A . n 
A 1 64  LYS 64  64  64  LYS LYS A . n 
A 1 65  PRO 65  65  65  PRO PRO A . n 
A 1 66  LEU 66  66  66  LEU LEU A . n 
A 1 67  GLU 67  67  67  GLU GLU A . n 
A 1 68  GLU 68  68  68  GLU GLU A . n 
A 1 69  VAL 69  69  69  VAL VAL A . n 
A 1 70  LEU 70  70  70  LEU LEU A . n 
A 1 71  ASN 71  71  71  ASN ASN A . n 
A 1 72  LEU 72  72  72  LEU LEU A . n 
A 1 73  ALA 73  73  73  ALA ALA A . n 
A 1 74  GLN 74  74  74  GLN GLN A . n 
A 1 75  SER 75  75  ?   ?   ?   A . n 
A 1 76  LYS 76  76  ?   ?   ?   A . n 
A 1 77  ASN 77  77  ?   ?   ?   A . n 
A 1 78  PHE 78  78  78  PHE PHE A . n 
A 1 79  HIS 79  79  79  HIS HIS A . n 
A 1 80  LEU 80  80  80  LEU LEU A . n 
A 1 81  ARG 81  81  81  ARG ALA A . n 
A 1 82  PRO 82  82  82  PRO PRO A . n 
A 1 83  ARG 83  83  83  ARG ARG A . n 
A 1 84  ASP 84  84  84  ASP ASP A . n 
A 1 85  LEU 85  85  85  LEU LEU A . n 
A 1 86  ILE 86  86  86  ILE ILE A . n 
A 1 87  SER 87  87  87  SER SER A . n 
A 1 88  ASN 88  88  88  ASN ASN A . n 
A 1 89  ILE 89  89  89  ILE ILE A . n 
A 1 90  ASN 90  90  90  ASN ASN A . n 
A 1 91  VAL 91  91  91  VAL VAL A . n 
A 1 92  ILE 92  92  92  ILE ILE A . n 
A 1 93  VAL 93  93  93  VAL VAL A . n 
A 1 94  LEU 94  94  94  LEU LEU A . n 
A 1 95  GLU 95  95  95  GLU GLU A . n 
A 1 96  LEU 96  96  96  LEU LEU A . n 
A 1 97  LYS 97  97  97  LYS LYS A . n 
A 1 98  GLY 98  98  98  GLY GLY A . n 
A 1 99  SER 99  99  ?   ?   ?   A . n 
A 1 100 GLU 100 100 ?   ?   ?   A . n 
A 1 101 THR 101 101 ?   ?   ?   A . n 
A 1 102 THR 102 102 ?   ?   ?   A . n 
A 1 103 PHE 103 103 103 PHE PHE A . n 
A 1 104 MET 104 104 104 MET MET A . n 
A 1 105 CYS 105 105 105 CYS CYS A . n 
A 1 106 GLU 106 106 106 GLU GLU A . n 
A 1 107 TYR 107 107 107 TYR TYR A . n 
A 1 108 ALA 108 108 108 ALA ALA A . n 
A 1 109 ASP 109 109 109 ASP ASP A . n 
A 1 110 GLU 110 110 110 GLU GLU A . n 
A 1 111 THR 111 111 111 THR THR A . n 
A 1 112 ALA 112 112 112 ALA ALA A . n 
A 1 113 THR 113 113 113 THR THR A . n 
A 1 114 ILE 114 114 114 ILE ILE A . n 
A 1 115 VAL 115 115 115 VAL VAL A . n 
A 1 116 GLU 116 116 116 GLU GLU A . n 
A 1 117 PHE 117 117 117 PHE PHE A . n 
A 1 118 LEU 118 118 118 LEU LEU A . n 
A 1 119 ASN 119 119 119 ASN ASN A . n 
A 1 120 ARG 120 120 120 ARG ARG A . n 
A 1 121 TRP 121 121 121 TRP TRP A . n 
A 1 122 ILE 122 122 122 ILE ILE A . n 
A 1 123 THR 123 123 123 THR THR A . n 
A 1 124 PHE 124 124 124 PHE PHE A . n 
A 1 125 CYS 125 125 125 CYS CYS A . n 
A 1 126 GLN 126 126 126 GLN GLN A . n 
A 1 127 SER 127 127 127 SER SER A . n 
A 1 128 ILE 128 128 128 ILE ILE A . n 
A 1 129 ILE 129 129 129 ILE ILE A . n 
A 1 130 SER 130 130 130 SER SER A . n 
A 1 131 THR 131 131 131 THR THR A . n 
A 1 132 LEU 132 132 132 LEU LEU A . n 
A 1 133 THR 133 133 133 THR THR A . n 
# 
loop_
_pdbx_nonpoly_scheme.asym_id 
_pdbx_nonpoly_scheme.entity_id 
_pdbx_nonpoly_scheme.mon_id 
_pdbx_nonpoly_scheme.ndb_seq_num 
_pdbx_nonpoly_scheme.pdb_seq_num 
_pdbx_nonpoly_scheme.auth_seq_num 
_pdbx_nonpoly_scheme.pdb_mon_id 
_pdbx_nonpoly_scheme.auth_mon_id 
_pdbx_nonpoly_scheme.pdb_strand_id 
_pdbx_nonpoly_scheme.pdb_ins_code 
B 2 SO4 1  134 1  SO4 SUL A . 
C 3 MHC 1  201 1  MHC FRG A . 
D 4 HOH 1  202 2  HOH HOH A . 
D 4 HOH 2  203 3  HOH HOH A . 
D 4 HOH 3  204 4  HOH HOH A . 
D 4 HOH 4  205 5  HOH HOH A . 
D 4 HOH 5  206 6  HOH HOH A . 
D 4 HOH 6  207 7  HOH HOH A . 
D 4 HOH 7  208 8  HOH HOH A . 
D 4 HOH 8  209 9  HOH HOH A . 
D 4 HOH 9  210 10 HOH HOH A . 
D 4 HOH 10 211 11 HOH HOH A . 
D 4 HOH 11 212 12 HOH HOH A . 
D 4 HOH 12 213 13 HOH HOH A . 
D 4 HOH 13 214 14 HOH HOH A . 
D 4 HOH 14 215 15 HOH HOH A . 
D 4 HOH 15 216 16 HOH HOH A . 
D 4 HOH 16 217 17 HOH HOH A . 
D 4 HOH 17 218 18 HOH HOH A . 
D 4 HOH 18 219 19 HOH HOH A . 
D 4 HOH 19 220 20 HOH HOH A . 
D 4 HOH 20 221 21 HOH HOH A . 
D 4 HOH 21 222 22 HOH HOH A . 
D 4 HOH 22 223 23 HOH HOH A . 
D 4 HOH 23 224 24 HOH HOH A . 
D 4 HOH 24 225 25 HOH HOH A . 
D 4 HOH 25 226 26 HOH HOH A . 
D 4 HOH 26 227 27 HOH HOH A . 
D 4 HOH 27 228 28 HOH HOH A . 
D 4 HOH 28 229 29 HOH HOH A . 
D 4 HOH 29 230 30 HOH HOH A . 
D 4 HOH 30 231 31 HOH HOH A . 
D 4 HOH 31 232 32 HOH HOH A . 
D 4 HOH 32 233 33 HOH HOH A . 
D 4 HOH 33 234 34 HOH HOH A . 
D 4 HOH 34 235 35 HOH HOH A . 
D 4 HOH 35 236 36 HOH HOH A . 
D 4 HOH 36 237 37 HOH HOH A . 
D 4 HOH 37 238 38 HOH HOH A . 
D 4 HOH 38 239 39 HOH HOH A . 
D 4 HOH 39 240 40 HOH HOH A . 
D 4 HOH 40 241 41 HOH HOH A . 
D 4 HOH 41 242 42 HOH HOH A . 
D 4 HOH 42 243 43 HOH HOH A . 
D 4 HOH 43 244 44 HOH HOH A . 
D 4 HOH 44 245 45 HOH HOH A . 
D 4 HOH 45 246 46 HOH HOH A . 
D 4 HOH 46 247 47 HOH HOH A . 
D 4 HOH 47 248 48 HOH HOH A . 
D 4 HOH 48 249 49 HOH HOH A . 
D 4 HOH 49 250 50 HOH HOH A . 
# 
loop_
_pdbx_unobs_or_zero_occ_atoms.id 
_pdbx_unobs_or_zero_occ_atoms.PDB_model_num 
_pdbx_unobs_or_zero_occ_atoms.polymer_flag 
_pdbx_unobs_or_zero_occ_atoms.occupancy_flag 
_pdbx_unobs_or_zero_occ_atoms.auth_asym_id 
_pdbx_unobs_or_zero_occ_atoms.auth_comp_id 
_pdbx_unobs_or_zero_occ_atoms.auth_seq_id 
_pdbx_unobs_or_zero_occ_atoms.PDB_ins_code 
_pdbx_unobs_or_zero_occ_atoms.auth_atom_id 
_pdbx_unobs_or_zero_occ_atoms.label_alt_id 
_pdbx_unobs_or_zero_occ_atoms.label_asym_id 
_pdbx_unobs_or_zero_occ_atoms.label_comp_id 
_pdbx_unobs_or_zero_occ_atoms.label_seq_id 
_pdbx_unobs_or_zero_occ_atoms.label_atom_id 
1 1 Y 1 A ARG 81 ? CG  ? A ARG 81 CG  
2 1 Y 1 A ARG 81 ? CD  ? A ARG 81 CD  
3 1 Y 1 A ARG 81 ? NE  ? A ARG 81 NE  
4 1 Y 1 A ARG 81 ? CZ  ? A ARG 81 CZ  
5 1 Y 1 A ARG 81 ? NH1 ? A ARG 81 NH1 
6 1 Y 1 A ARG 81 ? NH2 ? A ARG 81 NH2 
# 
loop_
_software.name 
_software.classification 
_software.version 
_software.citation_id 
_software.pdbx_ordinal 
d*TREK 'data reduction' .      ? 1 
AMoRE  phasing          .      ? 2 
REFMAC refinement       5.1.19 ? 3 
d*TREK 'data scaling'   .      ? 4 
# 
_cell.entry_id           1NBP 
_cell.length_a           49.160 
_cell.length_b           85.350 
_cell.length_c           31.710 
_cell.angle_alpha        90.00 
_cell.angle_beta         90.00 
_cell.angle_gamma        90.00 
_cell.Z_PDB              4 
_cell.pdbx_unique_axis   ? 
# 
_symmetry.entry_id                         1NBP 
_symmetry.space_group_name_H-M             'P 21 21 2' 
_symmetry.pdbx_full_space_group_name_H-M   ? 
_symmetry.cell_setting                     ? 
_symmetry.Int_Tables_number                18 
_symmetry.space_group_name_Hall            ? 
# 
_exptl.entry_id          1NBP 
_exptl.method            'X-RAY DIFFRACTION' 
_exptl.crystals_number   1 
# 
_exptl_crystal.id                    1 
_exptl_crystal.density_meas          ? 
_exptl_crystal.density_Matthews      2.19 
_exptl_crystal.density_percent_sol   43.34 
_exptl_crystal.description           ? 
_exptl_crystal.F_000                 ? 
_exptl_crystal.preparation           ? 
# 
_exptl_crystal_grow.crystal_id      1 
_exptl_crystal_grow.method          'VAPOR DIFFUSION, HANGING DROP' 
_exptl_crystal_grow.temp            298 
_exptl_crystal_grow.temp_details    ? 
_exptl_crystal_grow.pH              7.5 
_exptl_crystal_grow.pdbx_details    'ammonium sulfate, PEG 8k, pH 7.5, VAPOR DIFFUSION, HANGING DROP, temperature 298K' 
_exptl_crystal_grow.pdbx_pH_range   . 
# 
_diffrn.id                     1 
_diffrn.ambient_temp           100 
_diffrn.ambient_temp_details   ? 
_diffrn.crystal_id             1 
# 
_diffrn_detector.diffrn_id              1 
_diffrn_detector.detector               'IMAGE PLATE' 
_diffrn_detector.type                   'RIGAKU RAXIS IV' 
_diffrn_detector.pdbx_collection_date   2001-08-17 
_diffrn_detector.details                mirrors 
# 
_diffrn_radiation.diffrn_id                        1 
_diffrn_radiation.wavelength_id                    1 
_diffrn_radiation.pdbx_monochromatic_or_laue_m_l   M 
_diffrn_radiation.monochromator                    'yale miorrors' 
_diffrn_radiation.pdbx_diffrn_protocol             'SINGLE WAVELENGTH' 
_diffrn_radiation.pdbx_scattering_type             x-ray 
# 
_diffrn_radiation_wavelength.id           1 
_diffrn_radiation_wavelength.wavelength   1.5418 
_diffrn_radiation_wavelength.wt           1.0 
# 
_diffrn_source.diffrn_id                   1 
_diffrn_source.source                      'ROTATING ANODE' 
_diffrn_source.type                        RIGAKU 
_diffrn_source.pdbx_synchrotron_site       ? 
_diffrn_source.pdbx_synchrotron_beamline   ? 
_diffrn_source.pdbx_wavelength             ? 
_diffrn_source.pdbx_wavelength_list        1.5418 
# 
_reflns.entry_id                     1NBP 
_reflns.observed_criterion_sigma_F   0.0 
_reflns.observed_criterion_sigma_I   0.0 
_reflns.d_resolution_high            2.2 
_reflns.d_resolution_low             20. 
_reflns.number_all                   ? 
_reflns.number_obs                   7096 
_reflns.percent_possible_obs         98.2 
_reflns.pdbx_Rmerge_I_obs            0.069 
_reflns.pdbx_Rsym_value              0.069 
_reflns.pdbx_netI_over_sigmaI        17.5 
_reflns.B_iso_Wilson_estimate        33 
_reflns.pdbx_redundancy              3.1 
_reflns.R_free_details               ? 
_reflns.limit_h_max                  ? 
_reflns.limit_h_min                  ? 
_reflns.limit_k_max                  ? 
_reflns.limit_k_min                  ? 
_reflns.limit_l_max                  ? 
_reflns.limit_l_min                  ? 
_reflns.observed_criterion_F_max     ? 
_reflns.observed_criterion_F_min     ? 
_reflns.pdbx_chi_squared             ? 
_reflns.pdbx_scaling_rejects         ? 
_reflns.pdbx_diffrn_id               1 
_reflns.pdbx_ordinal                 1 
# 
_reflns_shell.d_res_high             2.20 
_reflns_shell.d_res_low              2.28 
_reflns_shell.percent_possible_all   96.9 
_reflns_shell.Rmerge_I_obs           0.253 
_reflns_shell.pdbx_Rsym_value        0.253 
_reflns_shell.meanI_over_sigI_obs    5.5 
_reflns_shell.pdbx_redundancy        3.1 
_reflns_shell.percent_possible_obs   ? 
_reflns_shell.number_unique_all      715 
_reflns_shell.number_measured_all    ? 
_reflns_shell.number_measured_obs    ? 
_reflns_shell.number_unique_obs      ? 
_reflns_shell.pdbx_chi_squared       ? 
_reflns_shell.pdbx_diffrn_id         ? 
_reflns_shell.pdbx_ordinal           1 
# 
_refine.entry_id                                 1NBP 
_refine.ls_number_reflns_obs                     6660 
_refine.ls_number_reflns_all                     7042 
_refine.pdbx_ls_sigma_I                          0 
_refine.pdbx_ls_sigma_F                          0 
_refine.pdbx_data_cutoff_high_absF               ? 
_refine.pdbx_data_cutoff_low_absF                ? 
_refine.ls_d_res_low                             10.0 
_refine.ls_d_res_high                            2.20 
_refine.ls_percent_reflns_obs                    98.22 
_refine.ls_R_factor_obs                          0.23034 
_refine.ls_R_factor_all                          0.23034 
_refine.ls_R_factor_R_work                       0.22799 
_refine.ls_R_factor_R_free                       0.27734 
_refine.ls_R_factor_R_free_error                 ? 
_refine.ls_R_factor_R_free_error_details         ? 
_refine.ls_percent_reflns_R_free                 4.9 
_refine.ls_number_reflns_R_free                  342 
_refine.ls_number_parameters                     ? 
_refine.ls_number_restraints                     ? 
_refine.occupancy_min                            ? 
_refine.occupancy_max                            ? 
_refine.correlation_coeff_Fo_to_Fc               0.928 
_refine.correlation_coeff_Fo_to_Fc_free          0.893 
_refine.B_iso_mean                               28.507 
_refine.aniso_B[1][1]                            -1.03 
_refine.aniso_B[2][2]                            1.10 
_refine.aniso_B[3][3]                            -0.06 
_refine.aniso_B[1][2]                            0.00 
_refine.aniso_B[1][3]                            0.00 
_refine.aniso_B[2][3]                            0.00 
_refine.solvent_model_details                    MASK 
_refine.solvent_model_param_ksol                 ? 
_refine.solvent_model_param_bsol                 ? 
_refine.pdbx_solvent_vdw_probe_radii             1.40 
_refine.pdbx_solvent_ion_probe_radii             0.80 
_refine.pdbx_solvent_shrinkage_radii             0.80 
_refine.pdbx_ls_cross_valid_method               THROUGHOUT 
_refine.details                                  ? 
_refine.pdbx_starting_model                      'PDB ENTRY 1M4A' 
_refine.pdbx_method_to_determine_struct          'MOLECULAR REPLACEMENT' 
_refine.pdbx_isotropic_thermal_model             isotropic 
_refine.pdbx_stereochemistry_target_values       'MAXIMUM LIKELIHOOD' 
_refine.pdbx_stereochem_target_val_spec_case     ? 
_refine.pdbx_R_Free_selection_details            RANDOM 
_refine.pdbx_overall_ESU_R_Free                  0.249 
_refine.overall_SU_B                             6.077 
_refine.ls_redundancy_reflns_obs                 ? 
_refine.B_iso_min                                ? 
_refine.B_iso_max                                ? 
_refine.overall_SU_R_Cruickshank_DPI             ? 
_refine.overall_SU_R_free                        ? 
_refine.overall_SU_ML                            0.177 
_refine.pdbx_overall_ESU_R                       0.338 
_refine.pdbx_data_cutoff_high_rms_absF           ? 
_refine.ls_wR_factor_R_free                      ? 
_refine.ls_wR_factor_R_work                      ? 
_refine.overall_FOM_free_R_set                   ? 
_refine.overall_FOM_work_R_set                   ? 
_refine.pdbx_refine_id                           'X-RAY DIFFRACTION' 
_refine.pdbx_diffrn_id                           1 
_refine.pdbx_TLS_residual_ADP_flag               ? 
_refine.pdbx_overall_phase_error                 ? 
_refine.pdbx_overall_SU_R_free_Cruickshank_DPI   ? 
_refine.pdbx_overall_SU_R_Blow_DPI               ? 
_refine.pdbx_overall_SU_R_free_Blow_DPI          ? 
# 
_refine_hist.pdbx_refine_id                   'X-RAY DIFFRACTION' 
_refine_hist.cycle_id                         LAST 
_refine_hist.pdbx_number_atoms_protein        985 
_refine_hist.pdbx_number_atoms_nucleic_acid   0 
_refine_hist.pdbx_number_atoms_ligand         23 
_refine_hist.number_atoms_solvent             49 
_refine_hist.number_atoms_total               1057 
_refine_hist.d_res_high                       2.20 
_refine_hist.d_res_low                        10.0 
# 
loop_
_refine_ls_restr.type 
_refine_ls_restr.dev_ideal 
_refine_ls_restr.dev_ideal_target 
_refine_ls_restr.weight 
_refine_ls_restr.number 
_refine_ls_restr.pdbx_refine_id 
_refine_ls_restr.pdbx_restraint_function 
r_bond_refined_d         0.006 0.022 ? 1025 'X-RAY DIFFRACTION' ? 
r_bond_other_d           ?     ?     ? ?    'X-RAY DIFFRACTION' ? 
r_angle_refined_deg      1.191 2.009 ? 1382 'X-RAY DIFFRACTION' ? 
r_angle_other_deg        ?     ?     ? ?    'X-RAY DIFFRACTION' ? 
r_dihedral_angle_1_deg   3.987 5.000 ? 118  'X-RAY DIFFRACTION' ? 
r_dihedral_angle_2_deg   ?     ?     ? ?    'X-RAY DIFFRACTION' ? 
r_chiral_restr           0.058 0.200 ? 164  'X-RAY DIFFRACTION' ? 
r_gen_planes_refined     0.002 0.020 ? 720  'X-RAY DIFFRACTION' ? 
r_gen_planes_other       ?     ?     ? ?    'X-RAY DIFFRACTION' ? 
r_nbd_refined            0.165 0.200 ? 474  'X-RAY DIFFRACTION' ? 
r_nbd_other              ?     ?     ? ?    'X-RAY DIFFRACTION' ? 
r_nbtor_other            ?     ?     ? ?    'X-RAY DIFFRACTION' ? 
r_xyhbond_nbd_refined    0.094 0.200 ? 38   'X-RAY DIFFRACTION' ? 
r_xyhbond_nbd_other      ?     ?     ? ?    'X-RAY DIFFRACTION' ? 
r_symmetry_vdw_refined   0.154 0.200 ? 30   'X-RAY DIFFRACTION' ? 
r_symmetry_vdw_other     ?     ?     ? ?    'X-RAY DIFFRACTION' ? 
r_symmetry_hbond_refined 0.043 0.200 ? 4    'X-RAY DIFFRACTION' ? 
r_symmetry_hbond_other   ?     ?     ? ?    'X-RAY DIFFRACTION' ? 
r_mcbond_it              2.224 3.500 ? 604  'X-RAY DIFFRACTION' ? 
r_mcangle_it             3.407 6.000 ? 983  'X-RAY DIFFRACTION' ? 
r_scbond_it              3.061 4.000 ? 421  'X-RAY DIFFRACTION' ? 
r_scangle_it             4.315 7.000 ? 399  'X-RAY DIFFRACTION' ? 
r_rigid_bond_restr       ?     ?     ? ?    'X-RAY DIFFRACTION' ? 
r_sphericity_free        ?     ?     ? ?    'X-RAY DIFFRACTION' ? 
r_sphericity_bonded      ?     ?     ? ?    'X-RAY DIFFRACTION' ? 
# 
_refine_ls_shell.pdbx_total_number_of_bins_used   15 
_refine_ls_shell.d_res_high                       2.200 
_refine_ls_shell.d_res_low                        2.273 
_refine_ls_shell.number_reflns_R_work             613 
_refine_ls_shell.R_factor_R_work                  0.265 
_refine_ls_shell.percent_reflns_obs               ? 
_refine_ls_shell.R_factor_R_free                  0.332 
_refine_ls_shell.R_factor_R_free_error            ? 
_refine_ls_shell.percent_reflns_R_free            ? 
_refine_ls_shell.number_reflns_R_free             38 
_refine_ls_shell.number_reflns_obs                ? 
_refine_ls_shell.redundancy_reflns_obs            ? 
_refine_ls_shell.number_reflns_all                ? 
_refine_ls_shell.pdbx_refine_id                   'X-RAY DIFFRACTION' 
_refine_ls_shell.R_factor_all                     ? 
# 
_struct.entry_id                  1NBP 
_struct.title                     
;Crystal Structure Of Human Interleukin-2 Y31C Covalently Modified At C31 With 3-Mercapto-1-(1,3,4,9-tetrahydro-B-carbolin-2-yl)-propan-1-one
;
_struct.pdbx_model_details        ? 
_struct.pdbx_CASP_flag            ? 
_struct.pdbx_model_type_details   ? 
# 
_struct_keywords.entry_id        1NBP 
_struct_keywords.pdbx_keywords   CYTOKINE 
_struct_keywords.text            'CYTOKINE, FOUR-HELIX BUNDLE, SMALL MOLECULE COMPLEX' 
# 
loop_
_struct_asym.id 
_struct_asym.pdbx_blank_PDB_chainid_flag 
_struct_asym.pdbx_modified 
_struct_asym.entity_id 
_struct_asym.details 
A N N 1 ? 
B N N 2 ? 
C N N 3 ? 
D N N 4 ? 
# 
_struct_ref.id                         1 
_struct_ref.db_name                    UNP 
_struct_ref.db_code                    IL2_HUMAN 
_struct_ref.pdbx_db_accession          P60568 
_struct_ref.entity_id                  1 
_struct_ref.pdbx_seq_one_letter_code   
;APTSSSTKKTQLQLEHLLLDLQMILNGINNYKNPKLTRMLTFKFYMPKKATELKHLQCLEEELKPLEEVLNLAQSKNFHL
RPRDLISNINVIVLELKGSETTFMCEYADETATIVEFLNRWITFCQSIISTLT
;
_struct_ref.pdbx_align_begin           21 
_struct_ref.pdbx_db_isoform            ? 
# 
_struct_ref_seq.align_id                      1 
_struct_ref_seq.ref_id                        1 
_struct_ref_seq.pdbx_PDB_id_code              1NBP 
_struct_ref_seq.pdbx_strand_id                A 
_struct_ref_seq.seq_align_beg                 1 
_struct_ref_seq.pdbx_seq_align_beg_ins_code   ? 
_struct_ref_seq.seq_align_end                 133 
_struct_ref_seq.pdbx_seq_align_end_ins_code   ? 
_struct_ref_seq.pdbx_db_accession             P60568 
_struct_ref_seq.db_align_beg                  21 
_struct_ref_seq.pdbx_db_align_beg_ins_code    ? 
_struct_ref_seq.db_align_end                  153 
_struct_ref_seq.pdbx_db_align_end_ins_code    ? 
_struct_ref_seq.pdbx_auth_seq_align_beg       1 
_struct_ref_seq.pdbx_auth_seq_align_end       133 
# 
_struct_ref_seq_dif.align_id                     1 
_struct_ref_seq_dif.pdbx_pdb_id_code             1NBP 
_struct_ref_seq_dif.mon_id                       CYS 
_struct_ref_seq_dif.pdbx_pdb_strand_id           A 
_struct_ref_seq_dif.seq_num                      31 
_struct_ref_seq_dif.pdbx_pdb_ins_code            ? 
_struct_ref_seq_dif.pdbx_seq_db_name             UNP 
_struct_ref_seq_dif.pdbx_seq_db_accession_code   P60568 
_struct_ref_seq_dif.db_mon_id                    TYR 
_struct_ref_seq_dif.pdbx_seq_db_seq_num          51 
_struct_ref_seq_dif.details                      'engineered mutation' 
_struct_ref_seq_dif.pdbx_auth_seq_num            31 
_struct_ref_seq_dif.pdbx_ordinal                 1 
# 
_pdbx_struct_assembly.id                   1 
_pdbx_struct_assembly.details              author_defined_assembly 
_pdbx_struct_assembly.method_details       ? 
_pdbx_struct_assembly.oligomeric_details   monomeric 
_pdbx_struct_assembly.oligomeric_count     1 
# 
_pdbx_struct_assembly_gen.assembly_id       1 
_pdbx_struct_assembly_gen.oper_expression   1 
_pdbx_struct_assembly_gen.asym_id_list      A,B,C,D 
# 
_pdbx_struct_oper_list.id                   1 
_pdbx_struct_oper_list.type                 'identity operation' 
_pdbx_struct_oper_list.name                 1_555 
_pdbx_struct_oper_list.symmetry_operation   x,y,z 
_pdbx_struct_oper_list.matrix[1][1]         1.0000000000 
_pdbx_struct_oper_list.matrix[1][2]         0.0000000000 
_pdbx_struct_oper_list.matrix[1][3]         0.0000000000 
_pdbx_struct_oper_list.vector[1]            0.0000000000 
_pdbx_struct_oper_list.matrix[2][1]         0.0000000000 
_pdbx_struct_oper_list.matrix[2][2]         1.0000000000 
_pdbx_struct_oper_list.matrix[2][3]         0.0000000000 
_pdbx_struct_oper_list.vector[2]            0.0000000000 
_pdbx_struct_oper_list.matrix[3][1]         0.0000000000 
_pdbx_struct_oper_list.matrix[3][2]         0.0000000000 
_pdbx_struct_oper_list.matrix[3][3]         1.0000000000 
_pdbx_struct_oper_list.vector[3]            0.0000000000 
# 
loop_
_struct_conf.conf_type_id 
_struct_conf.id 
_struct_conf.pdbx_PDB_helix_id 
_struct_conf.beg_label_comp_id 
_struct_conf.beg_label_asym_id 
_struct_conf.beg_label_seq_id 
_struct_conf.pdbx_beg_PDB_ins_code 
_struct_conf.end_label_comp_id 
_struct_conf.end_label_asym_id 
_struct_conf.end_label_seq_id 
_struct_conf.pdbx_end_PDB_ins_code 
_struct_conf.beg_auth_comp_id 
_struct_conf.beg_auth_asym_id 
_struct_conf.beg_auth_seq_id 
_struct_conf.end_auth_comp_id 
_struct_conf.end_auth_asym_id 
_struct_conf.end_auth_seq_id 
_struct_conf.pdbx_PDB_helix_class 
_struct_conf.details 
_struct_conf.pdbx_PDB_helix_length 
HELX_P HELX_P1 1 SER A 6   ? ASN A 29  ? SER A 6   ASN A 29  1 ? 24 
HELX_P HELX_P2 2 LYS A 32  ? LEU A 40  ? LYS A 32  LEU A 40  1 ? 9  
HELX_P HELX_P3 3 GLU A 52  ? HIS A 55  ? GLU A 52  HIS A 55  5 ? 4  
HELX_P HELX_P4 4 LEU A 56  ? GLU A 61  ? LEU A 56  GLU A 61  1 ? 6  
HELX_P HELX_P5 5 GLU A 62  ? ALA A 73  ? GLU A 62  ALA A 73  1 ? 12 
HELX_P HELX_P6 6 ARG A 81  ? GLY A 98  ? ARG A 81  GLY A 98  1 ? 18 
HELX_P HELX_P7 7 THR A 113 ? SER A 130 ? THR A 113 SER A 130 1 ? 18 
# 
_struct_conf_type.id          HELX_P 
_struct_conf_type.criteria    ? 
_struct_conf_type.reference   ? 
# 
loop_
_struct_conn.id 
_struct_conn.conn_type_id 
_struct_conn.pdbx_leaving_atom_flag 
_struct_conn.pdbx_PDB_id 
_struct_conn.ptnr1_label_asym_id 
_struct_conn.ptnr1_label_comp_id 
_struct_conn.ptnr1_label_seq_id 
_struct_conn.ptnr1_label_atom_id 
_struct_conn.pdbx_ptnr1_label_alt_id 
_struct_conn.pdbx_ptnr1_PDB_ins_code 
_struct_conn.pdbx_ptnr1_standard_comp_id 
_struct_conn.ptnr1_symmetry 
_struct_conn.ptnr2_label_asym_id 
_struct_conn.ptnr2_label_comp_id 
_struct_conn.ptnr2_label_seq_id 
_struct_conn.ptnr2_label_atom_id 
_struct_conn.pdbx_ptnr2_label_alt_id 
_struct_conn.pdbx_ptnr2_PDB_ins_code 
_struct_conn.ptnr1_auth_asym_id 
_struct_conn.ptnr1_auth_comp_id 
_struct_conn.ptnr1_auth_seq_id 
_struct_conn.ptnr2_auth_asym_id 
_struct_conn.ptnr2_auth_comp_id 
_struct_conn.ptnr2_auth_seq_id 
_struct_conn.ptnr2_symmetry 
_struct_conn.pdbx_ptnr3_label_atom_id 
_struct_conn.pdbx_ptnr3_label_seq_id 
_struct_conn.pdbx_ptnr3_label_comp_id 
_struct_conn.pdbx_ptnr3_label_asym_id 
_struct_conn.pdbx_ptnr3_label_alt_id 
_struct_conn.pdbx_ptnr3_PDB_ins_code 
_struct_conn.details 
_struct_conn.pdbx_dist_value 
_struct_conn.pdbx_value_order 
_struct_conn.pdbx_role 
disulf1 disulf ?    ? A CYS 58 SG ? ? ? 1_555 A CYS 105 SG ? ? A CYS 58 A CYS 105 1_555 ? ? ? ? ? ? ? 2.029 ? ? 
covale1 covale none ? A CYS 31 SG ? ? ? 1_555 C MHC .   S1 ? ? A CYS 31 A MHC 201 1_555 ? ? ? ? ? ? ? 2.036 ? ? 
# 
loop_
_struct_conn_type.id 
_struct_conn_type.criteria 
_struct_conn_type.reference 
disulf ? ? 
covale ? ? 
# 
loop_
_pdbx_modification_feature.ordinal 
_pdbx_modification_feature.label_comp_id 
_pdbx_modification_feature.label_asym_id 
_pdbx_modification_feature.label_seq_id 
_pdbx_modification_feature.label_alt_id 
_pdbx_modification_feature.modified_residue_label_comp_id 
_pdbx_modification_feature.modified_residue_label_asym_id 
_pdbx_modification_feature.modified_residue_label_seq_id 
_pdbx_modification_feature.modified_residue_label_alt_id 
_pdbx_modification_feature.auth_comp_id 
_pdbx_modification_feature.auth_asym_id 
_pdbx_modification_feature.auth_seq_id 
_pdbx_modification_feature.PDB_ins_code 
_pdbx_modification_feature.symmetry 
_pdbx_modification_feature.modified_residue_auth_comp_id 
_pdbx_modification_feature.modified_residue_auth_asym_id 
_pdbx_modification_feature.modified_residue_auth_seq_id 
_pdbx_modification_feature.modified_residue_PDB_ins_code 
_pdbx_modification_feature.modified_residue_symmetry 
_pdbx_modification_feature.comp_id_linking_atom 
_pdbx_modification_feature.modified_residue_id_linking_atom 
_pdbx_modification_feature.modified_residue_id 
_pdbx_modification_feature.ref_pcm_id 
_pdbx_modification_feature.ref_comp_id 
_pdbx_modification_feature.type 
_pdbx_modification_feature.category 
1 MHC C .  ? CYS A 31  ? MHC A 201 ? 1_555 CYS A 31  ? 1_555 S1 SG CYS 1 MHC None 'Covalent chemical modification' 
2 CYS A 58 ? CYS A 105 ? CYS A 58  ? 1_555 CYS A 105 ? 1_555 SG SG .   . .   None 'Disulfide bridge'               
# 
loop_
_struct_site.id 
_struct_site.pdbx_evidence_code 
_struct_site.pdbx_auth_asym_id 
_struct_site.pdbx_auth_comp_id 
_struct_site.pdbx_auth_seq_id 
_struct_site.pdbx_auth_ins_code 
_struct_site.pdbx_num_residues 
_struct_site.details 
AC1 Software A SO4 134 ? 4 'BINDING SITE FOR RESIDUE SO4 A 134' 
AC2 Software A MHC 201 ? 8 'BINDING SITE FOR RESIDUE MHC A 201' 
# 
loop_
_struct_site_gen.id 
_struct_site_gen.site_id 
_struct_site_gen.pdbx_num_res 
_struct_site_gen.label_comp_id 
_struct_site_gen.label_asym_id 
_struct_site_gen.label_seq_id 
_struct_site_gen.pdbx_auth_ins_code 
_struct_site_gen.auth_comp_id 
_struct_site_gen.auth_asym_id 
_struct_site_gen.auth_seq_id 
_struct_site_gen.label_atom_id 
_struct_site_gen.label_alt_id 
_struct_site_gen.symmetry 
_struct_site_gen.details 
1  AC1 4 LYS A 49  ? LYS A 49  . ? 1_555 ? 
2  AC1 4 LYS A 54  ? LYS A 54  . ? 1_555 ? 
3  AC1 4 HIS A 55  ? HIS A 55  . ? 1_555 ? 
4  AC1 4 THR A 133 ? THR A 133 . ? 2_565 ? 
5  AC2 8 GLY A 27  ? GLY A 27  . ? 1_555 ? 
6  AC2 8 CYS A 31  ? CYS A 31  . ? 1_555 ? 
7  AC2 8 LEU A 70  ? LEU A 70  . ? 1_555 ? 
8  AC2 8 ALA A 73  ? ALA A 73  . ? 1_555 ? 
9  AC2 8 GLN A 74  ? GLN A 74  . ? 1_555 ? 
10 AC2 8 PHE A 78  ? PHE A 78  . ? 1_555 ? 
11 AC2 8 PRO A 82  ? PRO A 82  . ? 1_555 ? 
12 AC2 8 LEU A 85  ? LEU A 85  . ? 1_555 ? 
# 
_pdbx_entry_details.entry_id                   1NBP 
_pdbx_entry_details.compound_details           ? 
_pdbx_entry_details.source_details             ? 
_pdbx_entry_details.nonpolymer_details         ? 
_pdbx_entry_details.sequence_details           ? 
_pdbx_entry_details.has_ligand_of_interest     ? 
_pdbx_entry_details.has_protein_modification   Y 
# 
loop_
_pdbx_unobs_or_zero_occ_residues.id 
_pdbx_unobs_or_zero_occ_residues.PDB_model_num 
_pdbx_unobs_or_zero_occ_residues.polymer_flag 
_pdbx_unobs_or_zero_occ_residues.occupancy_flag 
_pdbx_unobs_or_zero_occ_residues.auth_asym_id 
_pdbx_unobs_or_zero_occ_residues.auth_comp_id 
_pdbx_unobs_or_zero_occ_residues.auth_seq_id 
_pdbx_unobs_or_zero_occ_residues.PDB_ins_code 
_pdbx_unobs_or_zero_occ_residues.label_asym_id 
_pdbx_unobs_or_zero_occ_residues.label_comp_id 
_pdbx_unobs_or_zero_occ_residues.label_seq_id 
1  1 Y 1 A ALA 1   ? A ALA 1   
2  1 Y 1 A PRO 2   ? A PRO 2   
3  1 Y 1 A THR 3   ? A THR 3   
4  1 Y 1 A SER 4   ? A SER 4   
5  1 Y 1 A SER 5   ? A SER 5   
6  1 Y 1 A SER 75  ? A SER 75  
7  1 Y 1 A LYS 76  ? A LYS 76  
8  1 Y 1 A ASN 77  ? A ASN 77  
9  1 Y 1 A SER 99  ? A SER 99  
10 1 Y 1 A GLU 100 ? A GLU 100 
11 1 Y 1 A THR 101 ? A THR 101 
12 1 Y 1 A THR 102 ? A THR 102 
# 
loop_
_chem_comp_atom.comp_id 
_chem_comp_atom.atom_id 
_chem_comp_atom.type_symbol 
_chem_comp_atom.pdbx_aromatic_flag 
_chem_comp_atom.pdbx_stereo_config 
_chem_comp_atom.pdbx_ordinal 
ALA N    N N N 1   
ALA CA   C N S 2   
ALA C    C N N 3   
ALA O    O N N 4   
ALA CB   C N N 5   
ALA OXT  O N N 6   
ALA H    H N N 7   
ALA H2   H N N 8   
ALA HA   H N N 9   
ALA HB1  H N N 10  
ALA HB2  H N N 11  
ALA HB3  H N N 12  
ALA HXT  H N N 13  
ARG N    N N N 14  
ARG CA   C N S 15  
ARG C    C N N 16  
ARG O    O N N 17  
ARG CB   C N N 18  
ARG CG   C N N 19  
ARG CD   C N N 20  
ARG NE   N N N 21  
ARG CZ   C N N 22  
ARG NH1  N N N 23  
ARG NH2  N N N 24  
ARG OXT  O N N 25  
ARG H    H N N 26  
ARG H2   H N N 27  
ARG HA   H N N 28  
ARG HB2  H N N 29  
ARG HB3  H N N 30  
ARG HG2  H N N 31  
ARG HG3  H N N 32  
ARG HD2  H N N 33  
ARG HD3  H N N 34  
ARG HE   H N N 35  
ARG HH11 H N N 36  
ARG HH12 H N N 37  
ARG HH21 H N N 38  
ARG HH22 H N N 39  
ARG HXT  H N N 40  
ASN N    N N N 41  
ASN CA   C N S 42  
ASN C    C N N 43  
ASN O    O N N 44  
ASN CB   C N N 45  
ASN CG   C N N 46  
ASN OD1  O N N 47  
ASN ND2  N N N 48  
ASN OXT  O N N 49  
ASN H    H N N 50  
ASN H2   H N N 51  
ASN HA   H N N 52  
ASN HB2  H N N 53  
ASN HB3  H N N 54  
ASN HD21 H N N 55  
ASN HD22 H N N 56  
ASN HXT  H N N 57  
ASP N    N N N 58  
ASP CA   C N S 59  
ASP C    C N N 60  
ASP O    O N N 61  
ASP CB   C N N 62  
ASP CG   C N N 63  
ASP OD1  O N N 64  
ASP OD2  O N N 65  
ASP OXT  O N N 66  
ASP H    H N N 67  
ASP H2   H N N 68  
ASP HA   H N N 69  
ASP HB2  H N N 70  
ASP HB3  H N N 71  
ASP HD2  H N N 72  
ASP HXT  H N N 73  
CYS N    N N N 74  
CYS CA   C N R 75  
CYS C    C N N 76  
CYS O    O N N 77  
CYS CB   C N N 78  
CYS SG   S N N 79  
CYS OXT  O N N 80  
CYS H    H N N 81  
CYS H2   H N N 82  
CYS HA   H N N 83  
CYS HB2  H N N 84  
CYS HB3  H N N 85  
CYS HG   H N N 86  
CYS HXT  H N N 87  
GLN N    N N N 88  
GLN CA   C N S 89  
GLN C    C N N 90  
GLN O    O N N 91  
GLN CB   C N N 92  
GLN CG   C N N 93  
GLN CD   C N N 94  
GLN OE1  O N N 95  
GLN NE2  N N N 96  
GLN OXT  O N N 97  
GLN H    H N N 98  
GLN H2   H N N 99  
GLN HA   H N N 100 
GLN HB2  H N N 101 
GLN HB3  H N N 102 
GLN HG2  H N N 103 
GLN HG3  H N N 104 
GLN HE21 H N N 105 
GLN HE22 H N N 106 
GLN HXT  H N N 107 
GLU N    N N N 108 
GLU CA   C N S 109 
GLU C    C N N 110 
GLU O    O N N 111 
GLU CB   C N N 112 
GLU CG   C N N 113 
GLU CD   C N N 114 
GLU OE1  O N N 115 
GLU OE2  O N N 116 
GLU OXT  O N N 117 
GLU H    H N N 118 
GLU H2   H N N 119 
GLU HA   H N N 120 
GLU HB2  H N N 121 
GLU HB3  H N N 122 
GLU HG2  H N N 123 
GLU HG3  H N N 124 
GLU HE2  H N N 125 
GLU HXT  H N N 126 
GLY N    N N N 127 
GLY CA   C N N 128 
GLY C    C N N 129 
GLY O    O N N 130 
GLY OXT  O N N 131 
GLY H    H N N 132 
GLY H2   H N N 133 
GLY HA2  H N N 134 
GLY HA3  H N N 135 
GLY HXT  H N N 136 
HIS N    N N N 137 
HIS CA   C N S 138 
HIS C    C N N 139 
HIS O    O N N 140 
HIS CB   C N N 141 
HIS CG   C Y N 142 
HIS ND1  N Y N 143 
HIS CD2  C Y N 144 
HIS CE1  C Y N 145 
HIS NE2  N Y N 146 
HIS OXT  O N N 147 
HIS H    H N N 148 
HIS H2   H N N 149 
HIS HA   H N N 150 
HIS HB2  H N N 151 
HIS HB3  H N N 152 
HIS HD1  H N N 153 
HIS HD2  H N N 154 
HIS HE1  H N N 155 
HIS HE2  H N N 156 
HIS HXT  H N N 157 
HOH O    O N N 158 
HOH H1   H N N 159 
HOH H2   H N N 160 
ILE N    N N N 161 
ILE CA   C N S 162 
ILE C    C N N 163 
ILE O    O N N 164 
ILE CB   C N S 165 
ILE CG1  C N N 166 
ILE CG2  C N N 167 
ILE CD1  C N N 168 
ILE OXT  O N N 169 
ILE H    H N N 170 
ILE H2   H N N 171 
ILE HA   H N N 172 
ILE HB   H N N 173 
ILE HG12 H N N 174 
ILE HG13 H N N 175 
ILE HG21 H N N 176 
ILE HG22 H N N 177 
ILE HG23 H N N 178 
ILE HD11 H N N 179 
ILE HD12 H N N 180 
ILE HD13 H N N 181 
ILE HXT  H N N 182 
LEU N    N N N 183 
LEU CA   C N S 184 
LEU C    C N N 185 
LEU O    O N N 186 
LEU CB   C N N 187 
LEU CG   C N N 188 
LEU CD1  C N N 189 
LEU CD2  C N N 190 
LEU OXT  O N N 191 
LEU H    H N N 192 
LEU H2   H N N 193 
LEU HA   H N N 194 
LEU HB2  H N N 195 
LEU HB3  H N N 196 
LEU HG   H N N 197 
LEU HD11 H N N 198 
LEU HD12 H N N 199 
LEU HD13 H N N 200 
LEU HD21 H N N 201 
LEU HD22 H N N 202 
LEU HD23 H N N 203 
LEU HXT  H N N 204 
LYS N    N N N 205 
LYS CA   C N S 206 
LYS C    C N N 207 
LYS O    O N N 208 
LYS CB   C N N 209 
LYS CG   C N N 210 
LYS CD   C N N 211 
LYS CE   C N N 212 
LYS NZ   N N N 213 
LYS OXT  O N N 214 
LYS H    H N N 215 
LYS H2   H N N 216 
LYS HA   H N N 217 
LYS HB2  H N N 218 
LYS HB3  H N N 219 
LYS HG2  H N N 220 
LYS HG3  H N N 221 
LYS HD2  H N N 222 
LYS HD3  H N N 223 
LYS HE2  H N N 224 
LYS HE3  H N N 225 
LYS HZ1  H N N 226 
LYS HZ2  H N N 227 
LYS HZ3  H N N 228 
LYS HXT  H N N 229 
MET N    N N N 230 
MET CA   C N S 231 
MET C    C N N 232 
MET O    O N N 233 
MET CB   C N N 234 
MET CG   C N N 235 
MET SD   S N N 236 
MET CE   C N N 237 
MET OXT  O N N 238 
MET H    H N N 239 
MET H2   H N N 240 
MET HA   H N N 241 
MET HB2  H N N 242 
MET HB3  H N N 243 
MET HG2  H N N 244 
MET HG3  H N N 245 
MET HE1  H N N 246 
MET HE2  H N N 247 
MET HE3  H N N 248 
MET HXT  H N N 249 
MHC S1   S N N 250 
MHC C2   C N N 251 
MHC C3   C N N 252 
MHC C4   C N N 253 
MHC O5   O N N 254 
MHC N6   N N N 255 
MHC C7   C N N 256 
MHC C8   C N N 257 
MHC C9   C Y N 258 
MHC C10  C Y N 259 
MHC C11  C N N 260 
MHC N12  N Y N 261 
MHC C14  C Y N 262 
MHC C13  C Y N 263 
MHC C15  C Y N 264 
MHC C18  C Y N 265 
MHC C17  C Y N 266 
MHC C16  C Y N 267 
MHC H1   H N N 268 
MHC H21  H N N 269 
MHC H22  H N N 270 
MHC H31  H N N 271 
MHC H32  H N N 272 
MHC H71  H N N 273 
MHC H72  H N N 274 
MHC H81  H N N 275 
MHC H82  H N N 276 
MHC H111 H N N 277 
MHC H112 H N N 278 
MHC H12  H N N 279 
MHC H15  H N N 280 
MHC H18  H N N 281 
MHC H17  H N N 282 
MHC H16  H N N 283 
PHE N    N N N 284 
PHE CA   C N S 285 
PHE C    C N N 286 
PHE O    O N N 287 
PHE CB   C N N 288 
PHE CG   C Y N 289 
PHE CD1  C Y N 290 
PHE CD2  C Y N 291 
PHE CE1  C Y N 292 
PHE CE2  C Y N 293 
PHE CZ   C Y N 294 
PHE OXT  O N N 295 
PHE H    H N N 296 
PHE H2   H N N 297 
PHE HA   H N N 298 
PHE HB2  H N N 299 
PHE HB3  H N N 300 
PHE HD1  H N N 301 
PHE HD2  H N N 302 
PHE HE1  H N N 303 
PHE HE2  H N N 304 
PHE HZ   H N N 305 
PHE HXT  H N N 306 
PRO N    N N N 307 
PRO CA   C N S 308 
PRO C    C N N 309 
PRO O    O N N 310 
PRO CB   C N N 311 
PRO CG   C N N 312 
PRO CD   C N N 313 
PRO OXT  O N N 314 
PRO H    H N N 315 
PRO HA   H N N 316 
PRO HB2  H N N 317 
PRO HB3  H N N 318 
PRO HG2  H N N 319 
PRO HG3  H N N 320 
PRO HD2  H N N 321 
PRO HD3  H N N 322 
PRO HXT  H N N 323 
SER N    N N N 324 
SER CA   C N S 325 
SER C    C N N 326 
SER O    O N N 327 
SER CB   C N N 328 
SER OG   O N N 329 
SER OXT  O N N 330 
SER H    H N N 331 
SER H2   H N N 332 
SER HA   H N N 333 
SER HB2  H N N 334 
SER HB3  H N N 335 
SER HG   H N N 336 
SER HXT  H N N 337 
SO4 S    S N N 338 
SO4 O1   O N N 339 
SO4 O2   O N N 340 
SO4 O3   O N N 341 
SO4 O4   O N N 342 
THR N    N N N 343 
THR CA   C N S 344 
THR C    C N N 345 
THR O    O N N 346 
THR CB   C N R 347 
THR OG1  O N N 348 
THR CG2  C N N 349 
THR OXT  O N N 350 
THR H    H N N 351 
THR H2   H N N 352 
THR HA   H N N 353 
THR HB   H N N 354 
THR HG1  H N N 355 
THR HG21 H N N 356 
THR HG22 H N N 357 
THR HG23 H N N 358 
THR HXT  H N N 359 
TRP N    N N N 360 
TRP CA   C N S 361 
TRP C    C N N 362 
TRP O    O N N 363 
TRP CB   C N N 364 
TRP CG   C Y N 365 
TRP CD1  C Y N 366 
TRP CD2  C Y N 367 
TRP NE1  N Y N 368 
TRP CE2  C Y N 369 
TRP CE3  C Y N 370 
TRP CZ2  C Y N 371 
TRP CZ3  C Y N 372 
TRP CH2  C Y N 373 
TRP OXT  O N N 374 
TRP H    H N N 375 
TRP H2   H N N 376 
TRP HA   H N N 377 
TRP HB2  H N N 378 
TRP HB3  H N N 379 
TRP HD1  H N N 380 
TRP HE1  H N N 381 
TRP HE3  H N N 382 
TRP HZ2  H N N 383 
TRP HZ3  H N N 384 
TRP HH2  H N N 385 
TRP HXT  H N N 386 
TYR N    N N N 387 
TYR CA   C N S 388 
TYR C    C N N 389 
TYR O    O N N 390 
TYR CB   C N N 391 
TYR CG   C Y N 392 
TYR CD1  C Y N 393 
TYR CD2  C Y N 394 
TYR CE1  C Y N 395 
TYR CE2  C Y N 396 
TYR CZ   C Y N 397 
TYR OH   O N N 398 
TYR OXT  O N N 399 
TYR H    H N N 400 
TYR H2   H N N 401 
TYR HA   H N N 402 
TYR HB2  H N N 403 
TYR HB3  H N N 404 
TYR HD1  H N N 405 
TYR HD2  H N N 406 
TYR HE1  H N N 407 
TYR HE2  H N N 408 
TYR HH   H N N 409 
TYR HXT  H N N 410 
VAL N    N N N 411 
VAL CA   C N S 412 
VAL C    C N N 413 
VAL O    O N N 414 
VAL CB   C N N 415 
VAL CG1  C N N 416 
VAL CG2  C N N 417 
VAL OXT  O N N 418 
VAL H    H N N 419 
VAL H2   H N N 420 
VAL HA   H N N 421 
VAL HB   H N N 422 
VAL HG11 H N N 423 
VAL HG12 H N N 424 
VAL HG13 H N N 425 
VAL HG21 H N N 426 
VAL HG22 H N N 427 
VAL HG23 H N N 428 
VAL HXT  H N N 429 
# 
loop_
_chem_comp_bond.comp_id 
_chem_comp_bond.atom_id_1 
_chem_comp_bond.atom_id_2 
_chem_comp_bond.value_order 
_chem_comp_bond.pdbx_aromatic_flag 
_chem_comp_bond.pdbx_stereo_config 
_chem_comp_bond.pdbx_ordinal 
ALA N   CA   sing N N 1   
ALA N   H    sing N N 2   
ALA N   H2   sing N N 3   
ALA CA  C    sing N N 4   
ALA CA  CB   sing N N 5   
ALA CA  HA   sing N N 6   
ALA C   O    doub N N 7   
ALA C   OXT  sing N N 8   
ALA CB  HB1  sing N N 9   
ALA CB  HB2  sing N N 10  
ALA CB  HB3  sing N N 11  
ALA OXT HXT  sing N N 12  
ARG N   CA   sing N N 13  
ARG N   H    sing N N 14  
ARG N   H2   sing N N 15  
ARG CA  C    sing N N 16  
ARG CA  CB   sing N N 17  
ARG CA  HA   sing N N 18  
ARG C   O    doub N N 19  
ARG C   OXT  sing N N 20  
ARG CB  CG   sing N N 21  
ARG CB  HB2  sing N N 22  
ARG CB  HB3  sing N N 23  
ARG CG  CD   sing N N 24  
ARG CG  HG2  sing N N 25  
ARG CG  HG3  sing N N 26  
ARG CD  NE   sing N N 27  
ARG CD  HD2  sing N N 28  
ARG CD  HD3  sing N N 29  
ARG NE  CZ   sing N N 30  
ARG NE  HE   sing N N 31  
ARG CZ  NH1  sing N N 32  
ARG CZ  NH2  doub N N 33  
ARG NH1 HH11 sing N N 34  
ARG NH1 HH12 sing N N 35  
ARG NH2 HH21 sing N N 36  
ARG NH2 HH22 sing N N 37  
ARG OXT HXT  sing N N 38  
ASN N   CA   sing N N 39  
ASN N   H    sing N N 40  
ASN N   H2   sing N N 41  
ASN CA  C    sing N N 42  
ASN CA  CB   sing N N 43  
ASN CA  HA   sing N N 44  
ASN C   O    doub N N 45  
ASN C   OXT  sing N N 46  
ASN CB  CG   sing N N 47  
ASN CB  HB2  sing N N 48  
ASN CB  HB3  sing N N 49  
ASN CG  OD1  doub N N 50  
ASN CG  ND2  sing N N 51  
ASN ND2 HD21 sing N N 52  
ASN ND2 HD22 sing N N 53  
ASN OXT HXT  sing N N 54  
ASP N   CA   sing N N 55  
ASP N   H    sing N N 56  
ASP N   H2   sing N N 57  
ASP CA  C    sing N N 58  
ASP CA  CB   sing N N 59  
ASP CA  HA   sing N N 60  
ASP C   O    doub N N 61  
ASP C   OXT  sing N N 62  
ASP CB  CG   sing N N 63  
ASP CB  HB2  sing N N 64  
ASP CB  HB3  sing N N 65  
ASP CG  OD1  doub N N 66  
ASP CG  OD2  sing N N 67  
ASP OD2 HD2  sing N N 68  
ASP OXT HXT  sing N N 69  
CYS N   CA   sing N N 70  
CYS N   H    sing N N 71  
CYS N   H2   sing N N 72  
CYS CA  C    sing N N 73  
CYS CA  CB   sing N N 74  
CYS CA  HA   sing N N 75  
CYS C   O    doub N N 76  
CYS C   OXT  sing N N 77  
CYS CB  SG   sing N N 78  
CYS CB  HB2  sing N N 79  
CYS CB  HB3  sing N N 80  
CYS SG  HG   sing N N 81  
CYS OXT HXT  sing N N 82  
GLN N   CA   sing N N 83  
GLN N   H    sing N N 84  
GLN N   H2   sing N N 85  
GLN CA  C    sing N N 86  
GLN CA  CB   sing N N 87  
GLN CA  HA   sing N N 88  
GLN C   O    doub N N 89  
GLN C   OXT  sing N N 90  
GLN CB  CG   sing N N 91  
GLN CB  HB2  sing N N 92  
GLN CB  HB3  sing N N 93  
GLN CG  CD   sing N N 94  
GLN CG  HG2  sing N N 95  
GLN CG  HG3  sing N N 96  
GLN CD  OE1  doub N N 97  
GLN CD  NE2  sing N N 98  
GLN NE2 HE21 sing N N 99  
GLN NE2 HE22 sing N N 100 
GLN OXT HXT  sing N N 101 
GLU N   CA   sing N N 102 
GLU N   H    sing N N 103 
GLU N   H2   sing N N 104 
GLU CA  C    sing N N 105 
GLU CA  CB   sing N N 106 
GLU CA  HA   sing N N 107 
GLU C   O    doub N N 108 
GLU C   OXT  sing N N 109 
GLU CB  CG   sing N N 110 
GLU CB  HB2  sing N N 111 
GLU CB  HB3  sing N N 112 
GLU CG  CD   sing N N 113 
GLU CG  HG2  sing N N 114 
GLU CG  HG3  sing N N 115 
GLU CD  OE1  doub N N 116 
GLU CD  OE2  sing N N 117 
GLU OE2 HE2  sing N N 118 
GLU OXT HXT  sing N N 119 
GLY N   CA   sing N N 120 
GLY N   H    sing N N 121 
GLY N   H2   sing N N 122 
GLY CA  C    sing N N 123 
GLY CA  HA2  sing N N 124 
GLY CA  HA3  sing N N 125 
GLY C   O    doub N N 126 
GLY C   OXT  sing N N 127 
GLY OXT HXT  sing N N 128 
HIS N   CA   sing N N 129 
HIS N   H    sing N N 130 
HIS N   H2   sing N N 131 
HIS CA  C    sing N N 132 
HIS CA  CB   sing N N 133 
HIS CA  HA   sing N N 134 
HIS C   O    doub N N 135 
HIS C   OXT  sing N N 136 
HIS CB  CG   sing N N 137 
HIS CB  HB2  sing N N 138 
HIS CB  HB3  sing N N 139 
HIS CG  ND1  sing Y N 140 
HIS CG  CD2  doub Y N 141 
HIS ND1 CE1  doub Y N 142 
HIS ND1 HD1  sing N N 143 
HIS CD2 NE2  sing Y N 144 
HIS CD2 HD2  sing N N 145 
HIS CE1 NE2  sing Y N 146 
HIS CE1 HE1  sing N N 147 
HIS NE2 HE2  sing N N 148 
HIS OXT HXT  sing N N 149 
HOH O   H1   sing N N 150 
HOH O   H2   sing N N 151 
ILE N   CA   sing N N 152 
ILE N   H    sing N N 153 
ILE N   H2   sing N N 154 
ILE CA  C    sing N N 155 
ILE CA  CB   sing N N 156 
ILE CA  HA   sing N N 157 
ILE C   O    doub N N 158 
ILE C   OXT  sing N N 159 
ILE CB  CG1  sing N N 160 
ILE CB  CG2  sing N N 161 
ILE CB  HB   sing N N 162 
ILE CG1 CD1  sing N N 163 
ILE CG1 HG12 sing N N 164 
ILE CG1 HG13 sing N N 165 
ILE CG2 HG21 sing N N 166 
ILE CG2 HG22 sing N N 167 
ILE CG2 HG23 sing N N 168 
ILE CD1 HD11 sing N N 169 
ILE CD1 HD12 sing N N 170 
ILE CD1 HD13 sing N N 171 
ILE OXT HXT  sing N N 172 
LEU N   CA   sing N N 173 
LEU N   H    sing N N 174 
LEU N   H2   sing N N 175 
LEU CA  C    sing N N 176 
LEU CA  CB   sing N N 177 
LEU CA  HA   sing N N 178 
LEU C   O    doub N N 179 
LEU C   OXT  sing N N 180 
LEU CB  CG   sing N N 181 
LEU CB  HB2  sing N N 182 
LEU CB  HB3  sing N N 183 
LEU CG  CD1  sing N N 184 
LEU CG  CD2  sing N N 185 
LEU CG  HG   sing N N 186 
LEU CD1 HD11 sing N N 187 
LEU CD1 HD12 sing N N 188 
LEU CD1 HD13 sing N N 189 
LEU CD2 HD21 sing N N 190 
LEU CD2 HD22 sing N N 191 
LEU CD2 HD23 sing N N 192 
LEU OXT HXT  sing N N 193 
LYS N   CA   sing N N 194 
LYS N   H    sing N N 195 
LYS N   H2   sing N N 196 
LYS CA  C    sing N N 197 
LYS CA  CB   sing N N 198 
LYS CA  HA   sing N N 199 
LYS C   O    doub N N 200 
LYS C   OXT  sing N N 201 
LYS CB  CG   sing N N 202 
LYS CB  HB2  sing N N 203 
LYS CB  HB3  sing N N 204 
LYS CG  CD   sing N N 205 
LYS CG  HG2  sing N N 206 
LYS CG  HG3  sing N N 207 
LYS CD  CE   sing N N 208 
LYS CD  HD2  sing N N 209 
LYS CD  HD3  sing N N 210 
LYS CE  NZ   sing N N 211 
LYS CE  HE2  sing N N 212 
LYS CE  HE3  sing N N 213 
LYS NZ  HZ1  sing N N 214 
LYS NZ  HZ2  sing N N 215 
LYS NZ  HZ3  sing N N 216 
LYS OXT HXT  sing N N 217 
MET N   CA   sing N N 218 
MET N   H    sing N N 219 
MET N   H2   sing N N 220 
MET CA  C    sing N N 221 
MET CA  CB   sing N N 222 
MET CA  HA   sing N N 223 
MET C   O    doub N N 224 
MET C   OXT  sing N N 225 
MET CB  CG   sing N N 226 
MET CB  HB2  sing N N 227 
MET CB  HB3  sing N N 228 
MET CG  SD   sing N N 229 
MET CG  HG2  sing N N 230 
MET CG  HG3  sing N N 231 
MET SD  CE   sing N N 232 
MET CE  HE1  sing N N 233 
MET CE  HE2  sing N N 234 
MET CE  HE3  sing N N 235 
MET OXT HXT  sing N N 236 
MHC S1  C2   sing N N 237 
MHC S1  H1   sing N N 238 
MHC C2  C3   sing N N 239 
MHC C2  H21  sing N N 240 
MHC C2  H22  sing N N 241 
MHC C3  C4   sing N N 242 
MHC C3  H31  sing N N 243 
MHC C3  H32  sing N N 244 
MHC C4  O5   doub N N 245 
MHC C4  N6   sing N N 246 
MHC N6  C7   sing N N 247 
MHC N6  C11  sing N N 248 
MHC C7  C8   sing N N 249 
MHC C7  H71  sing N N 250 
MHC C7  H72  sing N N 251 
MHC C8  C9   sing N N 252 
MHC C8  H81  sing N N 253 
MHC C8  H82  sing N N 254 
MHC C9  C10  doub Y N 255 
MHC C9  C14  sing Y N 256 
MHC C10 C11  sing N N 257 
MHC C10 N12  sing Y N 258 
MHC C11 H111 sing N N 259 
MHC C11 H112 sing N N 260 
MHC N12 C13  sing Y N 261 
MHC N12 H12  sing N N 262 
MHC C14 C13  doub Y N 263 
MHC C14 C18  sing Y N 264 
MHC C13 C15  sing Y N 265 
MHC C15 C16  doub Y N 266 
MHC C15 H15  sing N N 267 
MHC C18 C17  doub Y N 268 
MHC C18 H18  sing N N 269 
MHC C17 C16  sing Y N 270 
MHC C17 H17  sing N N 271 
MHC C16 H16  sing N N 272 
PHE N   CA   sing N N 273 
PHE N   H    sing N N 274 
PHE N   H2   sing N N 275 
PHE CA  C    sing N N 276 
PHE CA  CB   sing N N 277 
PHE CA  HA   sing N N 278 
PHE C   O    doub N N 279 
PHE C   OXT  sing N N 280 
PHE CB  CG   sing N N 281 
PHE CB  HB2  sing N N 282 
PHE CB  HB3  sing N N 283 
PHE CG  CD1  doub Y N 284 
PHE CG  CD2  sing Y N 285 
PHE CD1 CE1  sing Y N 286 
PHE CD1 HD1  sing N N 287 
PHE CD2 CE2  doub Y N 288 
PHE CD2 HD2  sing N N 289 
PHE CE1 CZ   doub Y N 290 
PHE CE1 HE1  sing N N 291 
PHE CE2 CZ   sing Y N 292 
PHE CE2 HE2  sing N N 293 
PHE CZ  HZ   sing N N 294 
PHE OXT HXT  sing N N 295 
PRO N   CA   sing N N 296 
PRO N   CD   sing N N 297 
PRO N   H    sing N N 298 
PRO CA  C    sing N N 299 
PRO CA  CB   sing N N 300 
PRO CA  HA   sing N N 301 
PRO C   O    doub N N 302 
PRO C   OXT  sing N N 303 
PRO CB  CG   sing N N 304 
PRO CB  HB2  sing N N 305 
PRO CB  HB3  sing N N 306 
PRO CG  CD   sing N N 307 
PRO CG  HG2  sing N N 308 
PRO CG  HG3  sing N N 309 
PRO CD  HD2  sing N N 310 
PRO CD  HD3  sing N N 311 
PRO OXT HXT  sing N N 312 
SER N   CA   sing N N 313 
SER N   H    sing N N 314 
SER N   H2   sing N N 315 
SER CA  C    sing N N 316 
SER CA  CB   sing N N 317 
SER CA  HA   sing N N 318 
SER C   O    doub N N 319 
SER C   OXT  sing N N 320 
SER CB  OG   sing N N 321 
SER CB  HB2  sing N N 322 
SER CB  HB3  sing N N 323 
SER OG  HG   sing N N 324 
SER OXT HXT  sing N N 325 
SO4 S   O1   doub N N 326 
SO4 S   O2   doub N N 327 
SO4 S   O3   sing N N 328 
SO4 S   O4   sing N N 329 
THR N   CA   sing N N 330 
THR N   H    sing N N 331 
THR N   H2   sing N N 332 
THR CA  C    sing N N 333 
THR CA  CB   sing N N 334 
THR CA  HA   sing N N 335 
THR C   O    doub N N 336 
THR C   OXT  sing N N 337 
THR CB  OG1  sing N N 338 
THR CB  CG2  sing N N 339 
THR CB  HB   sing N N 340 
THR OG1 HG1  sing N N 341 
THR CG2 HG21 sing N N 342 
THR CG2 HG22 sing N N 343 
THR CG2 HG23 sing N N 344 
THR OXT HXT  sing N N 345 
TRP N   CA   sing N N 346 
TRP N   H    sing N N 347 
TRP N   H2   sing N N 348 
TRP CA  C    sing N N 349 
TRP CA  CB   sing N N 350 
TRP CA  HA   sing N N 351 
TRP C   O    doub N N 352 
TRP C   OXT  sing N N 353 
TRP CB  CG   sing N N 354 
TRP CB  HB2  sing N N 355 
TRP CB  HB3  sing N N 356 
TRP CG  CD1  doub Y N 357 
TRP CG  CD2  sing Y N 358 
TRP CD1 NE1  sing Y N 359 
TRP CD1 HD1  sing N N 360 
TRP CD2 CE2  doub Y N 361 
TRP CD2 CE3  sing Y N 362 
TRP NE1 CE2  sing Y N 363 
TRP NE1 HE1  sing N N 364 
TRP CE2 CZ2  sing Y N 365 
TRP CE3 CZ3  doub Y N 366 
TRP CE3 HE3  sing N N 367 
TRP CZ2 CH2  doub Y N 368 
TRP CZ2 HZ2  sing N N 369 
TRP CZ3 CH2  sing Y N 370 
TRP CZ3 HZ3  sing N N 371 
TRP CH2 HH2  sing N N 372 
TRP OXT HXT  sing N N 373 
TYR N   CA   sing N N 374 
TYR N   H    sing N N 375 
TYR N   H2   sing N N 376 
TYR CA  C    sing N N 377 
TYR CA  CB   sing N N 378 
TYR CA  HA   sing N N 379 
TYR C   O    doub N N 380 
TYR C   OXT  sing N N 381 
TYR CB  CG   sing N N 382 
TYR CB  HB2  sing N N 383 
TYR CB  HB3  sing N N 384 
TYR CG  CD1  doub Y N 385 
TYR CG  CD2  sing Y N 386 
TYR CD1 CE1  sing Y N 387 
TYR CD1 HD1  sing N N 388 
TYR CD2 CE2  doub Y N 389 
TYR CD2 HD2  sing N N 390 
TYR CE1 CZ   doub Y N 391 
TYR CE1 HE1  sing N N 392 
TYR CE2 CZ   sing Y N 393 
TYR CE2 HE2  sing N N 394 
TYR CZ  OH   sing N N 395 
TYR OH  HH   sing N N 396 
TYR OXT HXT  sing N N 397 
VAL N   CA   sing N N 398 
VAL N   H    sing N N 399 
VAL N   H2   sing N N 400 
VAL CA  C    sing N N 401 
VAL CA  CB   sing N N 402 
VAL CA  HA   sing N N 403 
VAL C   O    doub N N 404 
VAL C   OXT  sing N N 405 
VAL CB  CG1  sing N N 406 
VAL CB  CG2  sing N N 407 
VAL CB  HB   sing N N 408 
VAL CG1 HG11 sing N N 409 
VAL CG1 HG12 sing N N 410 
VAL CG1 HG13 sing N N 411 
VAL CG2 HG21 sing N N 412 
VAL CG2 HG22 sing N N 413 
VAL CG2 HG23 sing N N 414 
VAL OXT HXT  sing N N 415 
# 
_pdbx_initial_refinement_model.id               1 
_pdbx_initial_refinement_model.entity_id_list   ? 
_pdbx_initial_refinement_model.type             'experimental model' 
_pdbx_initial_refinement_model.source_name      PDB 
_pdbx_initial_refinement_model.accession_code   1M4A 
_pdbx_initial_refinement_model.details          'PDB ENTRY 1M4A' 
# 
_atom_sites.entry_id                    1NBP 
_atom_sites.fract_transf_matrix[1][1]   -0.01433160 
_atom_sites.fract_transf_matrix[1][2]   0.00008181 
_atom_sites.fract_transf_matrix[1][3]   0.01443591 
_atom_sites.fract_transf_matrix[2][1]   0.00281553 
_atom_sites.fract_transf_matrix[2][2]   -0.01100780 
_atom_sites.fract_transf_matrix[2][3]   0.00285757 
_atom_sites.fract_transf_matrix[3][1]   0.02105799 
_atom_sites.fract_transf_matrix[3][2]   0.01079728 
_atom_sites.fract_transf_matrix[3][3]   0.02084464 
_atom_sites.fract_transf_vector[1]      0.127052 
_atom_sites.fract_transf_vector[2]      0.306100 
_atom_sites.fract_transf_vector[3]      0.448129 
# 
loop_
_atom_type.symbol 
C 
N 
O 
S 
# 
loop_
_atom_site.group_PDB 
_atom_site.id 
_atom_site.type_symbol 
_atom_site.label_atom_id 
_atom_site.label_alt_id 
_atom_site.label_comp_id 
_atom_site.label_asym_id 
_atom_site.label_entity_id 
_atom_site.label_seq_id 
_atom_site.pdbx_PDB_ins_code 
_atom_site.Cartn_x 
_atom_site.Cartn_y 
_atom_site.Cartn_z 
_atom_site.occupancy 
_atom_site.B_iso_or_equiv 
_atom_site.pdbx_formal_charge 
_atom_site.auth_seq_id 
_atom_site.auth_comp_id 
_atom_site.auth_asym_id 
_atom_site.auth_atom_id 
_atom_site.pdbx_PDB_model_num 
ATOM   1    N N   . SER A 1 6   ? -2.375  -14.889 -19.198 1.00 48.22 ? 6   SER A N   1 
ATOM   2    C CA  . SER A 1 6   ? -3.146  -14.642 -17.942 1.00 47.87 ? 6   SER A CA  1 
ATOM   3    C C   . SER A 1 6   ? -2.227  -14.379 -16.750 1.00 45.08 ? 6   SER A C   1 
ATOM   4    O O   . SER A 1 6   ? -2.522  -13.530 -15.908 1.00 43.42 ? 6   SER A O   1 
ATOM   5    C CB  . SER A 1 6   ? -4.080  -15.816 -17.642 1.00 48.92 ? 6   SER A CB  1 
ATOM   6    O OG  . SER A 1 6   ? -4.968  -15.498 -16.584 1.00 49.58 ? 6   SER A OG  1 
ATOM   7    N N   . THR A 1 7   ? -1.122  -15.117 -16.686 1.00 45.37 ? 7   THR A N   1 
ATOM   8    C CA  . THR A 1 7   ? -0.124  -14.937 -15.634 1.00 46.14 ? 7   THR A CA  1 
ATOM   9    C C   . THR A 1 7   ? 0.648   -13.632 -15.854 1.00 46.76 ? 7   THR A C   1 
ATOM   10   O O   . THR A 1 7   ? 1.022   -12.957 -14.891 1.00 46.35 ? 7   THR A O   1 
ATOM   11   C CB  . THR A 1 7   ? 0.827   -16.156 -15.585 1.00 47.00 ? 7   THR A CB  1 
ATOM   12   O OG1 . THR A 1 7   ? 0.061   -17.348 -15.368 1.00 48.99 ? 7   THR A OG1 1 
ATOM   13   C CG2 . THR A 1 7   ? 1.726   -16.108 -14.359 1.00 48.07 ? 7   THR A CG2 1 
ATOM   14   N N   . LYS A 1 8   ? 0.862   -13.288 -17.124 1.00 43.48 ? 8   LYS A N   1 
ATOM   15   C CA  . LYS A 1 8   ? 1.547   -12.056 -17.511 1.00 42.67 ? 8   LYS A CA  1 
ATOM   16   C C   . LYS A 1 8   ? 0.733   -10.809 -17.166 1.00 38.08 ? 8   LYS A C   1 
ATOM   17   O O   . LYS A 1 8   ? 1.289   -9.801  -16.728 1.00 38.06 ? 8   LYS A O   1 
ATOM   18   C CB  . LYS A 1 8   ? 1.878   -12.071 -19.008 1.00 44.31 ? 8   LYS A CB  1 
ATOM   19   C CG  . LYS A 1 8   ? 3.182   -12.774 -19.358 1.00 46.83 ? 8   LYS A CG  1 
ATOM   20   C CD  . LYS A 1 8   ? 3.175   -13.260 -20.803 1.00 49.67 ? 8   LYS A CD  1 
ATOM   21   C CE  . LYS A 1 8   ? 4.065   -14.482 -20.986 1.00 51.33 ? 8   LYS A CE  1 
ATOM   22   N NZ  . LYS A 1 8   ? 4.071   -14.968 -22.396 1.00 50.74 ? 8   LYS A NZ  1 
ATOM   23   N N   . LYS A 1 9   ? -0.581  -10.891 -17.370 1.00 36.64 ? 9   LYS A N   1 
ATOM   24   C CA  . LYS A 1 9   ? -1.502  -9.804  -17.039 1.00 35.66 ? 9   LYS A CA  1 
ATOM   25   C C   . LYS A 1 9   ? -1.533  -9.538  -15.529 1.00 31.64 ? 9   LYS A C   1 
ATOM   26   O O   . LYS A 1 9   ? -1.560  -8.384  -15.102 1.00 28.81 ? 9   LYS A O   1 
ATOM   27   C CB  . LYS A 1 9   ? -2.908  -10.117 -17.561 1.00 39.30 ? 9   LYS A CB  1 
ATOM   28   C CG  . LYS A 1 9   ? -3.916  -8.981  -17.415 1.00 42.41 ? 9   LYS A CG  1 
ATOM   29   C CD  . LYS A 1 9   ? -5.109  -9.412  -16.574 1.00 44.43 ? 9   LYS A CD  1 
ATOM   30   C CE  . LYS A 1 9   ? -6.311  -8.503  -16.803 1.00 44.90 ? 9   LYS A CE  1 
ATOM   31   N NZ  . LYS A 1 9   ? -7.601  -9.257  -16.764 1.00 46.55 ? 9   LYS A NZ  1 
ATOM   32   N N   . THR A 1 10  ? -1.524  -10.614 -14.743 1.00 27.76 ? 10  THR A N   1 
ATOM   33   C CA  . THR A 1 10  ? -1.473  -10.540 -13.285 1.00 26.36 ? 10  THR A CA  1 
ATOM   34   C C   . THR A 1 10  ? -0.164  -9.899  -12.811 1.00 24.79 ? 10  THR A C   1 
ATOM   35   O O   . THR A 1 10  ? -0.177  -8.992  -11.971 1.00 26.59 ? 10  THR A O   1 
ATOM   36   C CB  . THR A 1 10  ? -1.659  -11.951 -12.673 1.00 24.89 ? 10  THR A CB  1 
ATOM   37   O OG1 . THR A 1 10  ? -3.011  -12.377 -12.869 1.00 30.28 ? 10  THR A OG1 1 
ATOM   38   C CG2 . THR A 1 10  ? -1.527  -11.920 -11.157 1.00 23.46 ? 10  THR A CG2 1 
ATOM   39   N N   . GLN A 1 11  ? 0.955   -10.368 -13.359 1.00 21.92 ? 11  GLN A N   1 
ATOM   40   C CA  . GLN A 1 11  ? 2.265   -9.799  -13.057 1.00 22.45 ? 11  GLN A CA  1 
ATOM   41   C C   . GLN A 1 11  ? 2.300   -8.298  -13.332 1.00 20.64 ? 11  GLN A C   1 
ATOM   42   O O   . GLN A 1 11  ? 2.784   -7.530  -12.502 1.00 24.40 ? 11  GLN A O   1 
ATOM   43   C CB  . GLN A 1 11  ? 3.370   -10.509 -13.845 1.00 23.05 ? 11  GLN A CB  1 
ATOM   44   C CG  . GLN A 1 11  ? 4.773   -10.184 -13.342 1.00 25.15 ? 11  GLN A CG  1 
ATOM   45   C CD  . GLN A 1 11  ? 5.871   -10.864 -14.133 1.00 25.64 ? 11  GLN A CD  1 
ATOM   46   O OE1 . GLN A 1 11  ? 5.880   -10.819 -15.364 1.00 23.19 ? 11  GLN A OE1 1 
ATOM   47   N NE2 . GLN A 1 11  ? 6.809   -11.488 -13.426 1.00 27.55 ? 11  GLN A NE2 1 
ATOM   48   N N   . LEU A 1 12  ? 1.767   -7.889  -14.482 1.00 19.09 ? 12  LEU A N   1 
ATOM   49   C CA  . LEU A 1 12  ? 1.755   -6.479  -14.879 1.00 18.30 ? 12  LEU A CA  1 
ATOM   50   C C   . LEU A 1 12  ? 0.985   -5.604  -13.893 1.00 17.93 ? 12  LEU A C   1 
ATOM   51   O O   . LEU A 1 12  ? 1.413   -4.490  -13.587 1.00 17.27 ? 12  LEU A O   1 
ATOM   52   C CB  . LEU A 1 12  ? 1.182   -6.311  -16.293 1.00 16.75 ? 12  LEU A CB  1 
ATOM   53   C CG  . LEU A 1 12  ? 1.829   -5.357  -17.315 1.00 23.96 ? 12  LEU A CG  1 
ATOM   54   C CD1 . LEU A 1 12  ? 0.756   -4.702  -18.188 1.00 20.32 ? 12  LEU A CD1 1 
ATOM   55   C CD2 . LEU A 1 12  ? 2.750   -4.288  -16.706 1.00 17.80 ? 12  LEU A CD2 1 
ATOM   56   N N   . GLN A 1 13  ? -0.151  -6.113  -13.413 1.00 19.28 ? 13  GLN A N   1 
ATOM   57   C CA  . GLN A 1 13  ? -0.969  -5.427  -12.411 1.00 20.79 ? 13  GLN A CA  1 
ATOM   58   C C   . GLN A 1 13  ? -0.228  -5.241  -11.084 1.00 15.64 ? 13  GLN A C   1 
ATOM   59   O O   . GLN A 1 13  ? -0.271  -4.165  -10.488 1.00 18.11 ? 13  GLN A O   1 
ATOM   60   C CB  . GLN A 1 13  ? -2.285  -6.184  -12.187 1.00 23.63 ? 13  GLN A CB  1 
ATOM   61   C CG  . GLN A 1 13  ? -3.277  -6.045  -13.336 1.00 30.25 ? 13  GLN A CG  1 
ATOM   62   C CD  . GLN A 1 13  ? -4.573  -6.794  -13.097 1.00 34.61 ? 13  GLN A CD  1 
ATOM   63   O OE1 . GLN A 1 13  ? -4.591  -8.027  -13.075 1.00 40.25 ? 13  GLN A OE1 1 
ATOM   64   N NE2 . GLN A 1 13  ? -5.662  -6.056  -12.928 1.00 32.03 ? 13  GLN A NE2 1 
ATOM   65   N N   . LEU A 1 14  ? 0.455   -6.291  -10.633 1.00 15.37 ? 14  LEU A N   1 
ATOM   66   C CA  . LEU A 1 14  ? 1.232   -6.244  -9.394  1.00 16.11 ? 14  LEU A CA  1 
ATOM   67   C C   . LEU A 1 14  ? 2.402   -5.271  -9.491  1.00 16.16 ? 14  LEU A C   1 
ATOM   68   O O   . LEU A 1 14  ? 2.762   -4.625  -8.504  1.00 15.51 ? 14  LEU A O   1 
ATOM   69   C CB  . LEU A 1 14  ? 1.755   -7.636  -9.032  1.00 16.74 ? 14  LEU A CB  1 
ATOM   70   C CG  . LEU A 1 14  ? 0.752   -8.660  -8.493  1.00 17.13 ? 14  LEU A CG  1 
ATOM   71   C CD1 . LEU A 1 14  ? 1.285   -10.062 -8.727  1.00 13.77 ? 14  LEU A CD1 1 
ATOM   72   C CD2 . LEU A 1 14  ? 0.456   -8.431  -7.010  1.00 16.71 ? 14  LEU A CD2 1 
ATOM   73   N N   . GLU A 1 15  ? 2.984   -5.172  -10.685 1.00 12.85 ? 15  GLU A N   1 
ATOM   74   C CA  . GLU A 1 15  ? 4.109   -4.278  -10.943 1.00 18.39 ? 15  GLU A CA  1 
ATOM   75   C C   . GLU A 1 15  ? 3.663   -2.817  -10.927 1.00 19.28 ? 15  GLU A C   1 
ATOM   76   O O   . GLU A 1 15  ? 4.380   -1.943  -10.431 1.00 18.34 ? 15  GLU A O   1 
ATOM   77   C CB  . GLU A 1 15  ? 4.775   -4.632  -12.276 1.00 16.33 ? 15  GLU A CB  1 
ATOM   78   C CG  . GLU A 1 15  ? 5.602   -5.909  -12.223 1.00 18.80 ? 15  GLU A CG  1 
ATOM   79   C CD  . GLU A 1 15  ? 6.090   -6.369  -13.585 1.00 21.13 ? 15  GLU A CD  1 
ATOM   80   O OE1 . GLU A 1 15  ? 5.760   -5.719  -14.598 1.00 25.19 ? 15  GLU A OE1 1 
ATOM   81   O OE2 . GLU A 1 15  ? 6.808   -7.389  -13.640 1.00 19.17 ? 15  GLU A OE2 1 
ATOM   82   N N   . HIS A 1 16  ? 2.476   -2.562  -11.469 1.00 17.23 ? 16  HIS A N   1 
ATOM   83   C CA  . HIS A 1 16  ? 1.866   -1.236  -11.400 1.00 18.46 ? 16  HIS A CA  1 
ATOM   84   C C   . HIS A 1 16  ? 1.509   -0.871  -9.961  1.00 18.17 ? 16  HIS A C   1 
ATOM   85   O O   . HIS A 1 16  ? 1.661   0.284   -9.558  1.00 20.44 ? 16  HIS A O   1 
ATOM   86   C CB  . HIS A 1 16  ? 0.630   -1.167  -12.297 1.00 16.83 ? 16  HIS A CB  1 
ATOM   87   C CG  . HIS A 1 16  ? 0.947   -0.893  -13.732 1.00 18.72 ? 16  HIS A CG  1 
ATOM   88   N ND1 . HIS A 1 16  ? 1.159   0.380   -14.217 1.00 21.75 ? 16  HIS A ND1 1 
ATOM   89   C CD2 . HIS A 1 16  ? 1.095   -1.727  -14.788 1.00 15.91 ? 16  HIS A CD2 1 
ATOM   90   C CE1 . HIS A 1 16  ? 1.423   0.317   -15.510 1.00 24.34 ? 16  HIS A CE1 1 
ATOM   91   N NE2 . HIS A 1 16  ? 1.389   -0.952  -15.882 1.00 17.73 ? 16  HIS A NE2 1 
ATOM   92   N N   . LEU A 1 17  ? 1.048   -1.859  -9.194  1.00 15.23 ? 17  LEU A N   1 
ATOM   93   C CA  . LEU A 1 17  ? 0.756   -1.671  -7.773  1.00 16.98 ? 17  LEU A CA  1 
ATOM   94   C C   . LEU A 1 17  ? 2.039   -1.372  -7.005  1.00 17.11 ? 17  LEU A C   1 
ATOM   95   O O   . LEU A 1 17  ? 2.075   -0.464  -6.168  1.00 18.43 ? 17  LEU A O   1 
ATOM   96   C CB  . LEU A 1 17  ? 0.045   -2.899  -7.179  1.00 13.77 ? 17  LEU A CB  1 
ATOM   97   C CG  . LEU A 1 17  ? -0.269  -2.869  -5.673  1.00 16.10 ? 17  LEU A CG  1 
ATOM   98   C CD1 . LEU A 1 17  ? -1.183  -1.706  -5.320  1.00 14.18 ? 17  LEU A CD1 1 
ATOM   99   C CD2 . LEU A 1 17  ? -0.874  -4.190  -5.195  1.00 13.55 ? 17  LEU A CD2 1 
ATOM   100  N N   . LEU A 1 18  ? 3.086   -2.138  -7.301  1.00 17.23 ? 18  LEU A N   1 
ATOM   101  C CA  . LEU A 1 18  ? 4.395   -1.931  -6.697  1.00 16.61 ? 18  LEU A CA  1 
ATOM   102  C C   . LEU A 1 18  ? 4.865   -0.495  -6.901  1.00 17.91 ? 18  LEU A C   1 
ATOM   103  O O   . LEU A 1 18  ? 5.263   0.167   -5.943  1.00 17.09 ? 18  LEU A O   1 
ATOM   104  C CB  . LEU A 1 18  ? 5.423   -2.926  -7.258  1.00 16.10 ? 18  LEU A CB  1 
ATOM   105  C CG  . LEU A 1 18  ? 6.901   -2.717  -6.889  1.00 18.67 ? 18  LEU A CG  1 
ATOM   106  C CD1 . LEU A 1 18  ? 7.134   -2.822  -5.382  1.00 12.03 ? 18  LEU A CD1 1 
ATOM   107  C CD2 . LEU A 1 18  ? 7.795   -3.696  -7.633  1.00 15.43 ? 18  LEU A CD2 1 
ATOM   108  N N   . LEU A 1 19  ? 4.793   -0.016  -8.143  1.00 21.87 ? 19  LEU A N   1 
ATOM   109  C CA  . LEU A 1 19  ? 5.271   1.325   -8.481  1.00 20.75 ? 19  LEU A CA  1 
ATOM   110  C C   . LEU A 1 19  ? 4.423   2.442   -7.877  1.00 19.62 ? 19  LEU A C   1 
ATOM   111  O O   . LEU A 1 19  ? 4.951   3.508   -7.553  1.00 19.81 ? 19  LEU A O   1 
ATOM   112  C CB  . LEU A 1 19  ? 5.406   1.497   -9.997  1.00 20.68 ? 19  LEU A CB  1 
ATOM   113  C CG  . LEU A 1 19  ? 6.727   0.971   -10.565 1.00 25.20 ? 19  LEU A CG  1 
ATOM   114  C CD1 . LEU A 1 19  ? 6.502   0.333   -11.914 1.00 25.31 ? 19  LEU A CD1 1 
ATOM   115  C CD2 . LEU A 1 19  ? 7.771   2.075   -10.655 1.00 24.26 ? 19  LEU A CD2 1 
ATOM   116  N N   . ASP A 1 20  ? 3.119   2.202   -7.735  1.00 15.99 ? 20  ASP A N   1 
ATOM   117  C CA  . ASP A 1 20  ? 2.233   3.149   -7.056  1.00 18.08 ? 20  ASP A CA  1 
ATOM   118  C C   . ASP A 1 20  ? 2.618   3.293   -5.587  1.00 17.26 ? 20  ASP A C   1 
ATOM   119  O O   . ASP A 1 20  ? 2.662   4.401   -5.055  1.00 19.08 ? 20  ASP A O   1 
ATOM   120  C CB  . ASP A 1 20  ? 0.775   2.697   -7.132  1.00 18.92 ? 20  ASP A CB  1 
ATOM   121  C CG  . ASP A 1 20  ? 0.206   2.751   -8.535  1.00 21.86 ? 20  ASP A CG  1 
ATOM   122  O OD1 . ASP A 1 20  ? 0.695   3.540   -9.376  1.00 22.15 ? 20  ASP A OD1 1 
ATOM   123  O OD2 . ASP A 1 20  ? -0.747  2.024   -8.881  1.00 22.66 ? 20  ASP A OD2 1 
ATOM   124  N N   . LEU A 1 21  ? 2.889   2.161   -4.944  1.00 15.82 ? 21  LEU A N   1 
ATOM   125  C CA  . LEU A 1 21  ? 3.220   2.124   -3.524  1.00 15.75 ? 21  LEU A CA  1 
ATOM   126  C C   . LEU A 1 21  ? 4.576   2.768   -3.256  1.00 17.73 ? 21  LEU A C   1 
ATOM   127  O O   . LEU A 1 21  ? 4.726   3.512   -2.286  1.00 16.26 ? 21  LEU A O   1 
ATOM   128  C CB  . LEU A 1 21  ? 3.190   0.687   -2.989  1.00 14.13 ? 21  LEU A CB  1 
ATOM   129  C CG  . LEU A 1 21  ? 1.824   0.026   -2.764  1.00 17.80 ? 21  LEU A CG  1 
ATOM   130  C CD1 . LEU A 1 21  ? 1.990   -1.467  -2.570  1.00 15.22 ? 21  LEU A CD1 1 
ATOM   131  C CD2 . LEU A 1 21  ? 1.079   0.638   -1.577  1.00 14.30 ? 21  LEU A CD2 1 
ATOM   132  N N   . GLN A 1 22  ? 5.550   2.490   -4.126  1.00 13.63 ? 22  GLN A N   1 
ATOM   133  C CA  . GLN A 1 22  ? 6.882   3.088   -4.023  1.00 17.44 ? 22  GLN A CA  1 
ATOM   134  C C   . GLN A 1 22  ? 6.813   4.603   -4.195  1.00 20.06 ? 22  GLN A C   1 
ATOM   135  O O   . GLN A 1 22  ? 7.536   5.341   -3.526  1.00 19.18 ? 22  GLN A O   1 
ATOM   136  C CB  . GLN A 1 22  ? 7.845   2.472   -5.042  1.00 14.50 ? 22  GLN A CB  1 
ATOM   137  C CG  . GLN A 1 22  ? 8.231   1.025   -4.747  1.00 9.94  ? 22  GLN A CG  1 
ATOM   138  C CD  . GLN A 1 22  ? 9.131   0.416   -5.818  1.00 17.27 ? 22  GLN A CD  1 
ATOM   139  O OE1 . GLN A 1 22  ? 10.077  -0.309  -5.501  1.00 20.99 ? 22  GLN A OE1 1 
ATOM   140  N NE2 . GLN A 1 22  ? 8.834   0.702   -7.081  1.00 15.19 ? 22  GLN A NE2 1 
ATOM   141  N N   . MET A 1 23  ? 5.923   5.047   -5.082  1.00 18.74 ? 23  MET A N   1 
ATOM   142  C CA  . MET A 1 23  ? 5.650   6.463   -5.323  1.00 21.46 ? 23  MET A CA  1 
ATOM   143  C C   . MET A 1 23  ? 5.191   7.199   -4.060  1.00 21.16 ? 23  MET A C   1 
ATOM   144  O O   . MET A 1 23  ? 5.638   8.317   -3.792  1.00 21.95 ? 23  MET A O   1 
ATOM   145  C CB  . MET A 1 23  ? 4.598   6.593   -6.434  1.00 22.00 ? 23  MET A CB  1 
ATOM   146  C CG  . MET A 1 23  ? 4.084   7.990   -6.699  1.00 27.77 ? 23  MET A CG  1 
ATOM   147  S SD  . MET A 1 23  ? 3.590   8.204   -8.423  1.00 36.67 ? 23  MET A SD  1 
ATOM   148  C CE  . MET A 1 23  ? 4.838   9.345   -8.943  1.00 34.00 ? 23  MET A CE  1 
ATOM   149  N N   . ILE A 1 24  ? 4.295   6.575   -3.298  1.00 19.66 ? 24  ILE A N   1 
ATOM   150  C CA  . ILE A 1 24  ? 3.800   7.156   -2.049  1.00 19.29 ? 24  ILE A CA  1 
ATOM   151  C C   . ILE A 1 24  ? 4.923   7.236   -1.015  1.00 17.73 ? 24  ILE A C   1 
ATOM   152  O O   . ILE A 1 24  ? 5.145   8.288   -0.415  1.00 19.98 ? 24  ILE A O   1 
ATOM   153  C CB  . ILE A 1 24  ? 2.586   6.359   -1.500  1.00 13.95 ? 24  ILE A CB  1 
ATOM   154  C CG1 . ILE A 1 24  ? 1.420   6.404   -2.494  1.00 18.06 ? 24  ILE A CG1 1 
ATOM   155  C CG2 . ILE A 1 24  ? 2.139   6.919   -0.155  1.00 15.08 ? 24  ILE A CG2 1 
ATOM   156  C CD1 . ILE A 1 24  ? 0.218   5.550   -2.101  1.00 14.21 ? 24  ILE A CD1 1 
ATOM   157  N N   . LEU A 1 25  ? 5.631   6.124   -0.827  1.00 15.83 ? 25  LEU A N   1 
ATOM   158  C CA  . LEU A 1 25  ? 6.763   6.065   0.093   1.00 18.18 ? 25  LEU A CA  1 
ATOM   159  C C   . LEU A 1 25  ? 7.843   7.094   -0.243  1.00 20.60 ? 25  LEU A C   1 
ATOM   160  O O   . LEU A 1 25  ? 8.314   7.810   0.645   1.00 20.79 ? 25  LEU A O   1 
ATOM   161  C CB  . LEU A 1 25  ? 7.352   4.648   0.135   1.00 15.31 ? 25  LEU A CB  1 
ATOM   162  C CG  . LEU A 1 25  ? 8.574   4.403   1.025   1.00 18.46 ? 25  LEU A CG  1 
ATOM   163  C CD1 . LEU A 1 25  ? 8.244   4.582   2.506   1.00 17.89 ? 25  LEU A CD1 1 
ATOM   164  C CD2 . LEU A 1 25  ? 9.143   3.021   0.756   1.00 18.02 ? 25  LEU A CD2 1 
ATOM   165  N N   . ASN A 1 26  ? 8.218   7.169   -1.522  1.00 21.91 ? 26  ASN A N   1 
ATOM   166  C CA  . ASN A 1 26  ? 9.200   8.149   -1.993  1.00 24.07 ? 26  ASN A CA  1 
ATOM   167  C C   . ASN A 1 26  ? 8.725   9.587   -1.803  1.00 24.94 ? 26  ASN A C   1 
ATOM   168  O O   . ASN A 1 26  ? 9.525   10.470  -1.489  1.00 28.08 ? 26  ASN A O   1 
ATOM   169  C CB  . ASN A 1 26  ? 9.568   7.905   -3.462  1.00 24.31 ? 26  ASN A CB  1 
ATOM   170  C CG  . ASN A 1 26  ? 10.335  6.608   -3.672  1.00 28.05 ? 26  ASN A CG  1 
ATOM   171  O OD1 . ASN A 1 26  ? 11.040  6.135   -2.780  1.00 30.68 ? 26  ASN A OD1 1 
ATOM   172  N ND2 . ASN A 1 26  ? 10.198  6.026   -4.860  1.00 28.76 ? 26  ASN A ND2 1 
ATOM   173  N N   . GLY A 1 27  ? 7.426   9.813   -1.993  1.00 24.20 ? 27  GLY A N   1 
ATOM   174  C CA  . GLY A 1 27  ? 6.820   11.113  -1.751  1.00 23.64 ? 27  GLY A CA  1 
ATOM   175  C C   . GLY A 1 27  ? 6.839   11.496  -0.279  1.00 26.74 ? 27  GLY A C   1 
ATOM   176  O O   . GLY A 1 27  ? 7.074   12.654  0.062   1.00 24.75 ? 27  GLY A O   1 
ATOM   177  N N   . ILE A 1 28  ? 6.590   10.514  0.586   1.00 27.32 ? 28  ILE A N   1 
ATOM   178  C CA  . ILE A 1 28  ? 6.608   10.712  2.037   1.00 33.11 ? 28  ILE A CA  1 
ATOM   179  C C   . ILE A 1 28  ? 8.031   10.942  2.566   1.00 34.89 ? 28  ILE A C   1 
ATOM   180  O O   . ILE A 1 28  ? 8.248   11.811  3.412   1.00 34.64 ? 28  ILE A O   1 
ATOM   181  C CB  . ILE A 1 28  ? 5.916   9.518   2.750   1.00 33.54 ? 28  ILE A CB  1 
ATOM   182  C CG1 . ILE A 1 28  ? 4.398   9.635   2.618   1.00 32.93 ? 28  ILE A CG1 1 
ATOM   183  C CG2 . ILE A 1 28  ? 6.315   9.428   4.226   1.00 35.45 ? 28  ILE A CG2 1 
ATOM   184  C CD1 . ILE A 1 28  ? 3.680   8.326   2.732   1.00 37.60 ? 28  ILE A CD1 1 
ATOM   185  N N   . ASN A 1 29  ? 8.991   10.172  2.056   1.00 37.20 ? 29  ASN A N   1 
ATOM   186  C CA  . ASN A 1 29  ? 10.400  10.312  2.433   1.00 36.10 ? 29  ASN A CA  1 
ATOM   187  C C   . ASN A 1 29  ? 10.977  11.699  2.134   1.00 38.90 ? 29  ASN A C   1 
ATOM   188  O O   . ASN A 1 29  ? 12.031  12.064  2.659   1.00 40.76 ? 29  ASN A O   1 
ATOM   189  C CB  . ASN A 1 29  ? 11.251  9.240   1.742   1.00 36.87 ? 29  ASN A CB  1 
ATOM   190  C CG  . ASN A 1 29  ? 11.149  7.878   2.413   1.00 37.54 ? 29  ASN A CG  1 
ATOM   191  O OD1 . ASN A 1 29  ? 10.562  7.731   3.486   1.00 36.66 ? 29  ASN A OD1 1 
ATOM   192  N ND2 . ASN A 1 29  ? 11.729  6.867   1.774   1.00 40.34 ? 29  ASN A ND2 1 
ATOM   193  N N   . ASN A 1 30  ? 10.279  12.462  1.294   1.00 37.72 ? 30  ASN A N   1 
ATOM   194  C CA  . ASN A 1 30  ? 10.697  13.813  0.932   1.00 38.24 ? 30  ASN A CA  1 
ATOM   195  C C   . ASN A 1 30  ? 9.960   14.916  1.703   1.00 39.91 ? 30  ASN A C   1 
ATOM   196  O O   . ASN A 1 30  ? 10.155  16.106  1.431   1.00 41.28 ? 30  ASN A O   1 
ATOM   197  C CB  . ASN A 1 30  ? 10.572  14.021  -0.581  1.00 41.58 ? 30  ASN A CB  1 
ATOM   198  C CG  . ASN A 1 30  ? 11.708  13.370  -1.356  1.00 45.24 ? 30  ASN A CG  1 
ATOM   199  O OD1 . ASN A 1 30  ? 12.701  14.017  -1.687  1.00 46.54 ? 30  ASN A OD1 1 
ATOM   200  N ND2 . ASN A 1 30  ? 11.565  12.081  -1.645  1.00 44.56 ? 30  ASN A ND2 1 
ATOM   201  N N   . CYS A 1 31  ? 9.118   14.516  2.657   1.00 34.79 ? 31  CYS A N   1 
ATOM   202  C CA  . CYS A 1 31  ? 8.490   15.455  3.588   1.00 33.88 ? 31  CYS A CA  1 
ATOM   203  C C   . CYS A 1 31  ? 9.543   16.032  4.529   1.00 33.21 ? 31  CYS A C   1 
ATOM   204  O O   . CYS A 1 31  ? 10.550  15.378  4.816   1.00 30.12 ? 31  CYS A O   1 
ATOM   205  C CB  . CYS A 1 31  ? 7.413   14.759  4.425   1.00 34.72 ? 31  CYS A CB  1 
ATOM   206  S SG  . CYS A 1 31  ? 5.918   14.265  3.539   1.00 34.96 ? 31  CYS A SG  1 
ATOM   207  N N   . LYS A 1 32  ? 9.308   17.251  5.008   1.00 31.77 ? 32  LYS A N   1 
ATOM   208  C CA  . LYS A 1 32  ? 10.200  17.871  5.985   1.00 31.69 ? 32  LYS A CA  1 
ATOM   209  C C   . LYS A 1 32  ? 10.084  17.141  7.325   1.00 31.74 ? 32  LYS A C   1 
ATOM   210  O O   . LYS A 1 32  ? 9.008   16.655  7.683   1.00 29.11 ? 32  LYS A O   1 
ATOM   211  C CB  . LYS A 1 32  ? 9.898   19.364  6.134   1.00 31.63 ? 32  LYS A CB  1 
ATOM   212  C CG  . LYS A 1 32  ? 10.349  20.209  4.940   1.00 33.38 ? 32  LYS A CG  1 
ATOM   213  C CD  . LYS A 1 32  ? 10.626  21.655  5.336   1.00 37.80 ? 32  LYS A CD  1 
ATOM   214  C CE  . LYS A 1 32  ? 9.500   22.583  4.895   1.00 41.83 ? 32  LYS A CE  1 
ATOM   215  N NZ  . LYS A 1 32  ? 9.660   23.040  3.486   1.00 41.84 ? 32  LYS A NZ  1 
ATOM   216  N N   . ASN A 1 33  ? 11.197  17.066  8.052   1.00 30.02 ? 33  ASN A N   1 
ATOM   217  C CA  . ASN A 1 33  ? 11.298  16.227  9.250   1.00 27.76 ? 33  ASN A CA  1 
ATOM   218  C C   . ASN A 1 33  ? 10.264  16.428  10.378  1.00 27.72 ? 33  ASN A C   1 
ATOM   219  O O   . ASN A 1 33  ? 9.772   15.437  10.913  1.00 27.56 ? 33  ASN A O   1 
ATOM   220  C CB  . ASN A 1 33  ? 12.728  16.224  9.799   1.00 29.03 ? 33  ASN A CB  1 
ATOM   221  C CG  . ASN A 1 33  ? 13.690  15.461  8.907   1.00 30.49 ? 33  ASN A CG  1 
ATOM   222  O OD1 . ASN A 1 33  ? 13.386  14.365  8.437   1.00 33.62 ? 33  ASN A OD1 1 
ATOM   223  N ND2 . ASN A 1 33  ? 14.856  16.043  8.665   1.00 31.01 ? 33  ASN A ND2 1 
ATOM   224  N N   . PRO A 1 34  ? 9.942   17.673  10.754  1.00 29.98 ? 34  PRO A N   1 
ATOM   225  C CA  . PRO A 1 34  ? 8.860   17.912  11.728  1.00 28.76 ? 34  PRO A CA  1 
ATOM   226  C C   . PRO A 1 34  ? 7.484   17.442  11.232  1.00 28.78 ? 34  PRO A C   1 
ATOM   227  O O   . PRO A 1 34  ? 6.745   16.827  12.006  1.00 32.11 ? 34  PRO A O   1 
ATOM   228  C CB  . PRO A 1 34  ? 8.882   19.434  11.914  1.00 26.42 ? 34  PRO A CB  1 
ATOM   229  C CG  . PRO A 1 34  ? 10.252  19.842  11.485  1.00 28.02 ? 34  PRO A CG  1 
ATOM   230  C CD  . PRO A 1 34  ? 10.584  18.937  10.342  1.00 25.22 ? 34  PRO A CD  1 
ATOM   231  N N   . LYS A 1 35  ? 7.157   17.727  9.972   1.00 24.67 ? 35  LYS A N   1 
ATOM   232  C CA  . LYS A 1 35  ? 5.924   17.243  9.346   1.00 27.41 ? 35  LYS A CA  1 
ATOM   233  C C   . LYS A 1 35  ? 5.889   15.709  9.297   1.00 27.48 ? 35  LYS A C   1 
ATOM   234  O O   . LYS A 1 35  ? 4.867   15.094  9.618   1.00 26.17 ? 35  LYS A O   1 
ATOM   235  C CB  . LYS A 1 35  ? 5.771   17.833  7.936   1.00 29.22 ? 35  LYS A CB  1 
ATOM   236  C CG  . LYS A 1 35  ? 4.692   17.177  7.068   1.00 30.10 ? 35  LYS A CG  1 
ATOM   237  C CD  . LYS A 1 35  ? 3.506   18.101  6.839   1.00 34.00 ? 35  LYS A CD  1 
ATOM   238  C CE  . LYS A 1 35  ? 3.532   18.699  5.440   1.00 38.24 ? 35  LYS A CE  1 
ATOM   239  N NZ  . LYS A 1 35  ? 2.326   19.526  5.152   1.00 39.07 ? 35  LYS A NZ  1 
ATOM   240  N N   . LEU A 1 36  ? 7.012   15.111  8.901   1.00 23.43 ? 36  LEU A N   1 
ATOM   241  C CA  . LEU A 1 36  ? 7.153   13.659  8.817   1.00 23.39 ? 36  LEU A CA  1 
ATOM   242  C C   . LEU A 1 36  ? 6.981   12.996  10.183  1.00 20.56 ? 36  LEU A C   1 
ATOM   243  O O   . LEU A 1 36  ? 6.284   11.993  10.295  1.00 22.17 ? 36  LEU A O   1 
ATOM   244  C CB  . LEU A 1 36  ? 8.505   13.288  8.187   1.00 22.09 ? 36  LEU A CB  1 
ATOM   245  C CG  . LEU A 1 36  ? 8.851   11.844  7.791   1.00 24.13 ? 36  LEU A CG  1 
ATOM   246  C CD1 . LEU A 1 36  ? 7.664   11.087  7.198   1.00 25.12 ? 36  LEU A CD1 1 
ATOM   247  C CD2 . LEU A 1 36  ? 10.023  11.840  6.811   1.00 20.78 ? 36  LEU A CD2 1 
ATOM   248  N N   . THR A 1 37  ? 7.608   13.568  11.211  1.00 21.83 ? 37  THR A N   1 
ATOM   249  C CA  . THR A 1 37  ? 7.471   13.090  12.589  1.00 20.35 ? 37  THR A CA  1 
ATOM   250  C C   . THR A 1 37  ? 6.000   12.955  13.003  1.00 22.41 ? 37  THR A C   1 
ATOM   251  O O   . THR A 1 37  ? 5.613   11.953  13.615  1.00 22.24 ? 37  THR A O   1 
ATOM   252  C CB  . THR A 1 37  ? 8.231   14.023  13.567  1.00 24.13 ? 37  THR A CB  1 
ATOM   253  O OG1 . THR A 1 37  ? 9.623   14.052  13.226  1.00 23.39 ? 37  THR A OG1 1 
ATOM   254  C CG2 . THR A 1 37  ? 8.250   13.441  14.974  1.00 29.86 ? 37  THR A CG2 1 
ATOM   255  N N   . ARG A 1 38  ? 5.193   13.957  12.656  1.00 18.57 ? 38  ARG A N   1 
ATOM   256  C CA  . ARG A 1 38  ? 3.763   13.957  12.964  1.00 19.83 ? 38  ARG A CA  1 
ATOM   257  C C   . ARG A 1 38  ? 3.028   12.889  12.161  1.00 20.00 ? 38  ARG A C   1 
ATOM   258  O O   . ARG A 1 38  ? 2.122   12.228  12.678  1.00 17.68 ? 38  ARG A O   1 
ATOM   259  C CB  . ARG A 1 38  ? 3.143   15.332  12.679  1.00 20.25 ? 38  ARG A CB  1 
ATOM   260  C CG  . ARG A 1 38  ? 3.550   16.428  13.660  1.00 21.70 ? 38  ARG A CG  1 
ATOM   261  C CD  . ARG A 1 38  ? 2.903   17.777  13.387  1.00 24.79 ? 38  ARG A CD  1 
ATOM   262  N NE  . ARG A 1 38  ? 3.868   18.737  12.849  1.00 35.68 ? 38  ARG A NE  1 
ATOM   263  C CZ  . ARG A 1 38  ? 3.759   19.343  11.670  1.00 35.78 ? 38  ARG A CZ  1 
ATOM   264  N NH1 . ARG A 1 38  ? 2.720   19.101  10.876  1.00 35.15 ? 38  ARG A NH1 1 
ATOM   265  N NH2 . ARG A 1 38  ? 4.696   20.195  11.278  1.00 37.32 ? 38  ARG A NH2 1 
ATOM   266  N N   . MET A 1 39  ? 3.432   12.725  10.902  1.00 17.33 ? 39  MET A N   1 
ATOM   267  C CA  . MET A 1 39  ? 2.834   11.744  9.998   1.00 20.89 ? 39  MET A CA  1 
ATOM   268  C C   . MET A 1 39  ? 3.098   10.312  10.456  1.00 21.28 ? 39  MET A C   1 
ATOM   269  O O   . MET A 1 39  ? 2.313   9.402   10.166  1.00 25.07 ? 39  MET A O   1 
ATOM   270  C CB  . MET A 1 39  ? 3.376   11.934  8.580   1.00 21.25 ? 39  MET A CB  1 
ATOM   271  C CG  . MET A 1 39  ? 2.793   13.128  7.833   1.00 25.51 ? 39  MET A CG  1 
ATOM   272  S SD  . MET A 1 39  ? 3.632   13.447  6.264   1.00 34.50 ? 39  MET A SD  1 
ATOM   273  C CE  . MET A 1 39  ? 3.221   11.943  5.341   1.00 23.85 ? 39  MET A CE  1 
ATOM   274  N N   . LEU A 1 40  ? 4.200   10.119  11.174  1.00 16.03 ? 40  LEU A N   1 
ATOM   275  C CA  . LEU A 1 40  ? 4.596   8.796   11.643  1.00 14.21 ? 40  LEU A CA  1 
ATOM   276  C C   . LEU A 1 40  ? 3.869   8.379   12.922  1.00 14.48 ? 40  LEU A C   1 
ATOM   277  O O   . LEU A 1 40  ? 3.987   7.233   13.347  1.00 19.12 ? 40  LEU A O   1 
ATOM   278  C CB  . LEU A 1 40  ? 6.120   8.717   11.829  1.00 16.51 ? 40  LEU A CB  1 
ATOM   279  C CG  . LEU A 1 40  ? 7.001   8.758   10.572  1.00 14.29 ? 40  LEU A CG  1 
ATOM   280  C CD1 . LEU A 1 40  ? 8.471   8.901   10.949  1.00 16.56 ? 40  LEU A CD1 1 
ATOM   281  C CD2 . LEU A 1 40  ? 6.796   7.529   9.705   1.00 14.28 ? 40  LEU A CD2 1 
ATOM   282  N N   . THR A 1 41  ? 3.117   9.302   13.529  1.00 17.31 ? 41  THR A N   1 
ATOM   283  C CA  . THR A 1 41  ? 2.309   8.979   14.711  1.00 16.51 ? 41  THR A CA  1 
ATOM   284  C C   . THR A 1 41  ? 1.032   8.202   14.364  1.00 19.76 ? 41  THR A C   1 
ATOM   285  O O   . THR A 1 41  ? 0.442   7.560   15.237  1.00 19.39 ? 41  THR A O   1 
ATOM   286  C CB  . THR A 1 41  ? 1.944   10.247  15.538  1.00 19.00 ? 41  THR A CB  1 
ATOM   287  O OG1 . THR A 1 41  ? 1.067   11.092  14.781  1.00 14.17 ? 41  THR A OG1 1 
ATOM   288  C CG2 . THR A 1 41  ? 3.176   11.128  15.799  1.00 17.45 ? 41  THR A CG2 1 
ATOM   289  N N   . PHE A 1 42  ? 0.605   8.265   13.102  1.00 19.44 ? 42  PHE A N   1 
ATOM   290  C CA  . PHE A 1 42  ? -0.628  7.593   12.678  1.00 19.99 ? 42  PHE A CA  1 
ATOM   291  C C   . PHE A 1 42  ? -0.433  6.086   12.570  1.00 20.45 ? 42  PHE A C   1 
ATOM   292  O O   . PHE A 1 42  ? 0.572   5.619   12.032  1.00 22.93 ? 42  PHE A O   1 
ATOM   293  C CB  . PHE A 1 42  ? -1.147  8.160   11.354  1.00 19.18 ? 42  PHE A CB  1 
ATOM   294  C CG  . PHE A 1 42  ? -1.469  9.629   11.404  1.00 22.16 ? 42  PHE A CG  1 
ATOM   295  C CD1 . PHE A 1 42  ? -0.792  10.528  10.588  1.00 22.52 ? 42  PHE A CD1 1 
ATOM   296  C CD2 . PHE A 1 42  ? -2.448  10.115  12.264  1.00 23.80 ? 42  PHE A CD2 1 
ATOM   297  C CE1 . PHE A 1 42  ? -1.086  11.890  10.625  1.00 23.27 ? 42  PHE A CE1 1 
ATOM   298  C CE2 . PHE A 1 42  ? -2.747  11.473  12.309  1.00 22.04 ? 42  PHE A CE2 1 
ATOM   299  C CZ  . PHE A 1 42  ? -2.064  12.362  11.487  1.00 21.96 ? 42  PHE A CZ  1 
ATOM   300  N N   . LYS A 1 43  ? -1.401  5.337   13.092  1.00 20.24 ? 43  LYS A N   1 
ATOM   301  C CA  . LYS A 1 43  ? -1.310  3.883   13.142  1.00 22.97 ? 43  LYS A CA  1 
ATOM   302  C C   . LYS A 1 43  ? -1.905  3.234   11.899  1.00 24.28 ? 43  LYS A C   1 
ATOM   303  O O   . LYS A 1 43  ? -2.998  3.597   11.455  1.00 22.97 ? 43  LYS A O   1 
ATOM   304  C CB  . LYS A 1 43  ? -1.998  3.339   14.398  1.00 27.47 ? 43  LYS A CB  1 
ATOM   305  C CG  . LYS A 1 43  ? -1.158  3.453   15.665  1.00 32.99 ? 43  LYS A CG  1 
ATOM   306  C CD  . LYS A 1 43  ? -1.868  2.836   16.863  1.00 36.78 ? 43  LYS A CD  1 
ATOM   307  C CE  . LYS A 1 43  ? -1.124  3.127   18.156  1.00 40.55 ? 43  LYS A CE  1 
ATOM   308  N NZ  . LYS A 1 43  ? -0.694  1.873   18.842  1.00 45.21 ? 43  LYS A NZ  1 
ATOM   309  N N   . PHE A 1 44  ? -1.168  2.277   11.345  1.00 22.13 ? 44  PHE A N   1 
ATOM   310  C CA  . PHE A 1 44  ? -1.630  1.486   10.213  1.00 21.34 ? 44  PHE A CA  1 
ATOM   311  C C   . PHE A 1 44  ? -1.625  0.017   10.600  1.00 19.83 ? 44  PHE A C   1 
ATOM   312  O O   . PHE A 1 44  ? -0.749  -0.434  11.341  1.00 20.62 ? 44  PHE A O   1 
ATOM   313  C CB  . PHE A 1 44  ? -0.752  1.730   8.986   1.00 21.34 ? 44  PHE A CB  1 
ATOM   314  C CG  . PHE A 1 44  ? -1.045  3.028   8.291   1.00 21.30 ? 44  PHE A CG  1 
ATOM   315  C CD1 . PHE A 1 44  ? -1.901  3.065   7.196   1.00 20.02 ? 44  PHE A CD1 1 
ATOM   316  C CD2 . PHE A 1 44  ? -0.476  4.218   8.739   1.00 20.18 ? 44  PHE A CD2 1 
ATOM   317  C CE1 . PHE A 1 44  ? -2.184  4.268   6.551   1.00 19.62 ? 44  PHE A CE1 1 
ATOM   318  C CE2 . PHE A 1 44  ? -0.754  5.424   8.105   1.00 18.71 ? 44  PHE A CE2 1 
ATOM   319  C CZ  . PHE A 1 44  ? -1.609  5.449   7.007   1.00 19.60 ? 44  PHE A CZ  1 
ATOM   320  N N   . TYR A 1 45  ? -2.613  -0.719  10.103  1.00 17.03 ? 45  TYR A N   1 
ATOM   321  C CA  . TYR A 1 45  ? -2.806  -2.109  10.498  1.00 20.28 ? 45  TYR A CA  1 
ATOM   322  C C   . TYR A 1 45  ? -2.230  -3.089  9.480   1.00 22.90 ? 45  TYR A C   1 
ATOM   323  O O   . TYR A 1 45  ? -2.439  -2.953  8.274   1.00 21.50 ? 45  TYR A O   1 
ATOM   324  C CB  . TYR A 1 45  ? -4.279  -2.381  10.819  1.00 19.68 ? 45  TYR A CB  1 
ATOM   325  C CG  . TYR A 1 45  ? -4.702  -1.692  12.095  1.00 23.06 ? 45  TYR A CG  1 
ATOM   326  C CD1 . TYR A 1 45  ? -4.762  -2.388  13.303  1.00 24.13 ? 45  TYR A CD1 1 
ATOM   327  C CD2 . TYR A 1 45  ? -4.994  -0.328  12.106  1.00 24.78 ? 45  TYR A CD2 1 
ATOM   328  C CE1 . TYR A 1 45  ? -5.127  -1.745  14.484  1.00 26.34 ? 45  TYR A CE1 1 
ATOM   329  C CE2 . TYR A 1 45  ? -5.352  0.321   13.277  1.00 28.83 ? 45  TYR A CE2 1 
ATOM   330  C CZ  . TYR A 1 45  ? -5.422  -0.389  14.460  1.00 28.23 ? 45  TYR A CZ  1 
ATOM   331  O OH  . TYR A 1 45  ? -5.784  0.270   15.612  1.00 34.02 ? 45  TYR A OH  1 
ATOM   332  N N   . MET A 1 46  ? -1.490  -4.065  10.001  1.00 24.93 ? 46  MET A N   1 
ATOM   333  C CA  . MET A 1 46  ? -0.690  -4.983  9.198   1.00 25.66 ? 46  MET A CA  1 
ATOM   334  C C   . MET A 1 46  ? -1.309  -6.370  9.152   1.00 27.40 ? 46  MET A C   1 
ATOM   335  O O   . MET A 1 46  ? -1.873  -6.830  10.149  1.00 28.39 ? 46  MET A O   1 
ATOM   336  C CB  . MET A 1 46  ? 0.721   -5.088  9.780   1.00 25.85 ? 46  MET A CB  1 
ATOM   337  C CG  . MET A 1 46  ? 1.418   -3.758  9.971   1.00 27.56 ? 46  MET A CG  1 
ATOM   338  S SD  . MET A 1 46  ? 1.863   -3.021  8.401   1.00 33.00 ? 46  MET A SD  1 
ATOM   339  C CE  . MET A 1 46  ? 3.605   -3.383  8.378   1.00 31.08 ? 46  MET A CE  1 
ATOM   340  N N   . PRO A 1 47  ? -1.186  -7.048  8.008   1.00 26.72 ? 47  PRO A N   1 
ATOM   341  C CA  . PRO A 1 47  ? -1.676  -8.424  7.882   1.00 26.80 ? 47  PRO A CA  1 
ATOM   342  C C   . PRO A 1 47  ? -0.845  -9.365  8.746   1.00 27.64 ? 47  PRO A C   1 
ATOM   343  O O   . PRO A 1 47  ? 0.364   -9.165  8.881   1.00 26.76 ? 47  PRO A O   1 
ATOM   344  C CB  . PRO A 1 47  ? -1.461  -8.735  6.399   1.00 25.52 ? 47  PRO A CB  1 
ATOM   345  C CG  . PRO A 1 47  ? -0.342  -7.846  5.989   1.00 27.12 ? 47  PRO A CG  1 
ATOM   346  C CD  . PRO A 1 47  ? -0.563  -6.574  6.758   1.00 28.17 ? 47  PRO A CD  1 
ATOM   347  N N   . LYS A 1 48  ? -1.498  -10.363 9.336   1.00 30.48 ? 48  LYS A N   1 
ATOM   348  C CA  . LYS A 1 48  ? -0.803  -11.416 10.065  1.00 32.63 ? 48  LYS A CA  1 
ATOM   349  C C   . LYS A 1 48  ? 0.047   -12.206 9.078   1.00 32.19 ? 48  LYS A C   1 
ATOM   350  O O   . LYS A 1 48  ? 1.195   -12.551 9.365   1.00 29.96 ? 48  LYS A O   1 
ATOM   351  C CB  . LYS A 1 48  ? -1.809  -12.340 10.755  1.00 35.34 ? 48  LYS A CB  1 
ATOM   352  C CG  . LYS A 1 48  ? -1.366  -12.836 12.121  1.00 39.90 ? 48  LYS A CG  1 
ATOM   353  C CD  . LYS A 1 48  ? -2.550  -13.329 12.940  1.00 42.54 ? 48  LYS A CD  1 
ATOM   354  C CE  . LYS A 1 48  ? -2.655  -12.588 14.266  1.00 43.33 ? 48  LYS A CE  1 
ATOM   355  N NZ  . LYS A 1 48  ? -3.705  -13.175 15.147  1.00 44.71 ? 48  LYS A NZ  1 
ATOM   356  N N   . LYS A 1 49  ? -0.536  -12.458 7.908   1.00 35.48 ? 49  LYS A N   1 
ATOM   357  C CA  . LYS A 1 49  ? 0.099   -13.203 6.828   1.00 33.92 ? 49  LYS A CA  1 
ATOM   358  C C   . LYS A 1 49  ? -0.267  -12.561 5.491   1.00 32.51 ? 49  LYS A C   1 
ATOM   359  O O   . LYS A 1 49  ? -1.427  -12.217 5.257   1.00 31.93 ? 49  LYS A O   1 
ATOM   360  C CB  . LYS A 1 49  ? -0.372  -14.660 6.864   1.00 36.98 ? 49  LYS A CB  1 
ATOM   361  C CG  . LYS A 1 49  ? 0.351   -15.604 5.916   1.00 40.83 ? 49  LYS A CG  1 
ATOM   362  C CD  . LYS A 1 49  ? -0.388  -16.933 5.814   1.00 41.89 ? 49  LYS A CD  1 
ATOM   363  C CE  . LYS A 1 49  ? 0.367   -17.928 4.946   1.00 42.68 ? 49  LYS A CE  1 
ATOM   364  N NZ  . LYS A 1 49  ? -0.559  -18.776 4.142   1.00 42.22 ? 49  LYS A NZ  1 
ATOM   365  N N   . ALA A 1 50  ? 0.728   -12.392 4.623   1.00 32.00 ? 50  ALA A N   1 
ATOM   366  C CA  . ALA A 1 50  ? 0.492   -11.904 3.266   1.00 31.22 ? 50  ALA A CA  1 
ATOM   367  C C   . ALA A 1 50  ? 1.398   -12.625 2.273   1.00 29.20 ? 50  ALA A C   1 
ATOM   368  O O   . ALA A 1 50  ? 2.569   -12.272 2.107   1.00 29.63 ? 50  ALA A O   1 
ATOM   369  C CB  . ALA A 1 50  ? 0.676   -10.386 3.189   1.00 30.99 ? 50  ALA A CB  1 
ATOM   370  N N   . THR A 1 51  ? 0.841   -13.652 1.633   1.00 28.43 ? 51  THR A N   1 
ATOM   371  C CA  . THR A 1 51  ? 1.577   -14.520 0.711   1.00 27.56 ? 51  THR A CA  1 
ATOM   372  C C   . THR A 1 51  ? 0.766   -14.789 -0.559  1.00 27.42 ? 51  THR A C   1 
ATOM   373  O O   . THR A 1 51  ? 1.292   -15.312 -1.543  1.00 28.13 ? 51  THR A O   1 
ATOM   374  C CB  . THR A 1 51  ? 1.927   -15.870 1.390   1.00 29.07 ? 51  THR A CB  1 
ATOM   375  O OG1 . THR A 1 51  ? 0.731   -16.479 1.893   1.00 31.20 ? 51  THR A OG1 1 
ATOM   376  C CG2 . THR A 1 51  ? 2.776   -15.668 2.647   1.00 25.52 ? 51  THR A CG2 1 
ATOM   377  N N   . GLU A 1 52  ? -0.513  -14.427 -0.522  1.00 26.87 ? 52  GLU A N   1 
ATOM   378  C CA  . GLU A 1 52  ? -1.448  -14.709 -1.606  1.00 24.45 ? 52  GLU A CA  1 
ATOM   379  C C   . GLU A 1 52  ? -2.191  -13.453 -2.034  1.00 22.00 ? 52  GLU A C   1 
ATOM   380  O O   . GLU A 1 52  ? -2.324  -12.512 -1.252  1.00 21.21 ? 52  GLU A O   1 
ATOM   381  C CB  . GLU A 1 52  ? -2.466  -15.746 -1.147  1.00 25.41 ? 52  GLU A CB  1 
ATOM   382  C CG  . GLU A 1 52  ? -2.000  -17.182 -1.282  1.00 27.43 ? 52  GLU A CG  1 
ATOM   383  C CD  . GLU A 1 52  ? -2.899  -18.154 -0.546  1.00 27.77 ? 52  GLU A CD  1 
ATOM   384  O OE1 . GLU A 1 52  ? -4.136  -18.012 -0.629  1.00 31.26 ? 52  GLU A OE1 1 
ATOM   385  O OE2 . GLU A 1 52  ? -2.367  -19.062 0.122   1.00 31.82 ? 52  GLU A OE2 1 
ATOM   386  N N   . LEU A 1 53  ? -2.701  -13.461 -3.266  1.00 18.73 ? 53  LEU A N   1 
ATOM   387  C CA  . LEU A 1 53  ? -3.467  -12.336 -3.804  1.00 18.98 ? 53  LEU A CA  1 
ATOM   388  C C   . LEU A 1 53  ? -4.700  -11.973 -2.972  1.00 18.24 ? 53  LEU A C   1 
ATOM   389  O O   . LEU A 1 53  ? -5.057  -10.802 -2.876  1.00 22.02 ? 53  LEU A O   1 
ATOM   390  C CB  . LEU A 1 53  ? -3.878  -12.595 -5.258  1.00 16.22 ? 53  LEU A CB  1 
ATOM   391  C CG  . LEU A 1 53  ? -2.828  -12.452 -6.368  1.00 16.25 ? 53  LEU A CG  1 
ATOM   392  C CD1 . LEU A 1 53  ? -3.428  -12.864 -7.703  1.00 19.00 ? 53  LEU A CD1 1 
ATOM   393  C CD2 . LEU A 1 53  ? -2.260  -11.041 -6.458  1.00 14.51 ? 53  LEU A CD2 1 
ATOM   394  N N   . LYS A 1 54  ? -5.342  -12.970 -2.369  1.00 17.49 ? 54  LYS A N   1 
ATOM   395  C CA  . LYS A 1 54  ? -6.536  -12.733 -1.556  1.00 21.22 ? 54  LYS A CA  1 
ATOM   396  C C   . LYS A 1 54  ? -6.232  -11.924 -0.291  1.00 21.79 ? 54  LYS A C   1 
ATOM   397  O O   . LYS A 1 54  ? -7.117  -11.256 0.251   1.00 20.63 ? 54  LYS A O   1 
ATOM   398  C CB  . LYS A 1 54  ? -7.244  -14.049 -1.210  1.00 21.96 ? 54  LYS A CB  1 
ATOM   399  C CG  . LYS A 1 54  ? -6.492  -14.965 -0.250  1.00 25.44 ? 54  LYS A CG  1 
ATOM   400  C CD  . LYS A 1 54  ? -7.103  -16.354 -0.242  1.00 26.03 ? 54  LYS A CD  1 
ATOM   401  C CE  . LYS A 1 54  ? -7.078  -16.961 1.144   1.00 30.75 ? 54  LYS A CE  1 
ATOM   402  N NZ  . LYS A 1 54  ? -6.419  -18.299 1.139   1.00 33.79 ? 54  LYS A NZ  1 
ATOM   403  N N   . HIS A 1 55  ? -4.977  -11.980 0.156   1.00 20.32 ? 55  HIS A N   1 
ATOM   404  C CA  . HIS A 1 55  ? -4.529  -11.246 1.337   1.00 22.72 ? 55  HIS A CA  1 
ATOM   405  C C   . HIS A 1 55  ? -4.504  -9.737  1.100   1.00 21.43 ? 55  HIS A C   1 
ATOM   406  O O   . HIS A 1 55  ? -4.379  -8.960  2.046   1.00 19.95 ? 55  HIS A O   1 
ATOM   407  C CB  . HIS A 1 55  ? -3.155  -11.747 1.799   1.00 21.01 ? 55  HIS A CB  1 
ATOM   408  C CG  . HIS A 1 55  ? -3.166  -13.152 2.318   1.00 24.89 ? 55  HIS A CG  1 
ATOM   409  N ND1 . HIS A 1 55  ? -2.162  -14.054 2.044   1.00 24.40 ? 55  HIS A ND1 1 
ATOM   410  C CD2 . HIS A 1 55  ? -4.061  -13.810 3.092   1.00 29.37 ? 55  HIS A CD2 1 
ATOM   411  C CE1 . HIS A 1 55  ? -2.437  -15.208 2.625   1.00 25.61 ? 55  HIS A CE1 1 
ATOM   412  N NE2 . HIS A 1 55  ? -3.585  -15.087 3.268   1.00 29.34 ? 55  HIS A NE2 1 
ATOM   413  N N   . LEU A 1 56  ? -4.639  -9.335  -0.163  1.00 19.16 ? 56  LEU A N   1 
ATOM   414  C CA  . LEU A 1 56  ? -4.733  -7.925  -0.542  1.00 16.40 ? 56  LEU A CA  1 
ATOM   415  C C   . LEU A 1 56  ? -5.974  -7.238  0.038   1.00 16.24 ? 56  LEU A C   1 
ATOM   416  O O   . LEU A 1 56  ? -6.068  -6.012  0.026   1.00 17.05 ? 56  LEU A O   1 
ATOM   417  C CB  . LEU A 1 56  ? -4.708  -7.775  -2.065  1.00 14.47 ? 56  LEU A CB  1 
ATOM   418  C CG  . LEU A 1 56  ? -3.340  -7.826  -2.745  1.00 15.08 ? 56  LEU A CG  1 
ATOM   419  C CD1 . LEU A 1 56  ? -3.507  -8.095  -4.236  1.00 14.48 ? 56  LEU A CD1 1 
ATOM   420  C CD2 . LEU A 1 56  ? -2.550  -6.535  -2.513  1.00 11.05 ? 56  LEU A CD2 1 
ATOM   421  N N   . GLN A 1 57  ? -6.916  -8.035  0.541   1.00 16.15 ? 57  GLN A N   1 
ATOM   422  C CA  . GLN A 1 57  ? -8.047  -7.527  1.316   1.00 18.55 ? 57  GLN A CA  1 
ATOM   423  C C   . GLN A 1 57  ? -7.547  -6.673  2.483   1.00 19.76 ? 57  GLN A C   1 
ATOM   424  O O   . GLN A 1 57  ? -8.141  -5.643  2.808   1.00 17.55 ? 57  GLN A O   1 
ATOM   425  C CB  . GLN A 1 57  ? -8.911  -8.691  1.825   1.00 21.32 ? 57  GLN A CB  1 
ATOM   426  C CG  . GLN A 1 57  ? -10.099 -8.291  2.713   1.00 27.14 ? 57  GLN A CG  1 
ATOM   427  C CD  . GLN A 1 57  ? -11.222 -7.606  1.944   1.00 30.75 ? 57  GLN A CD  1 
ATOM   428  O OE1 . GLN A 1 57  ? -11.516 -7.968  0.804   1.00 33.27 ? 57  GLN A OE1 1 
ATOM   429  N NE2 . GLN A 1 57  ? -11.853 -6.617  2.570   1.00 28.29 ? 57  GLN A NE2 1 
ATOM   430  N N   . CYS A 1 58  ? -6.439  -7.107  3.085   1.00 18.24 ? 58  CYS A N   1 
ATOM   431  C CA  . CYS A 1 58  ? -5.784  -6.390  4.174   1.00 21.25 ? 58  CYS A CA  1 
ATOM   432  C C   . CYS A 1 58  ? -5.262  -5.023  3.740   1.00 21.63 ? 58  CYS A C   1 
ATOM   433  O O   . CYS A 1 58  ? -5.209  -4.100  4.547   1.00 19.45 ? 58  CYS A O   1 
ATOM   434  C CB  . CYS A 1 58  ? -4.637  -7.226  4.745   1.00 26.60 ? 58  CYS A CB  1 
ATOM   435  S SG  . CYS A 1 58  ? -5.167  -8.757  5.542   1.00 32.40 ? 58  CYS A SG  1 
ATOM   436  N N   . LEU A 1 59  ? -4.873  -4.904  2.471   1.00 20.46 ? 59  LEU A N   1 
ATOM   437  C CA  . LEU A 1 59  ? -4.467  -3.617  1.910   1.00 17.74 ? 59  LEU A CA  1 
ATOM   438  C C   . LEU A 1 59  ? -5.686  -2.749  1.600   1.00 18.56 ? 59  LEU A C   1 
ATOM   439  O O   . LEU A 1 59  ? -5.702  -1.565  1.934   1.00 22.61 ? 59  LEU A O   1 
ATOM   440  C CB  . LEU A 1 59  ? -3.597  -3.805  0.657   1.00 15.79 ? 59  LEU A CB  1 
ATOM   441  C CG  . LEU A 1 59  ? -3.097  -2.569  -0.106  1.00 14.93 ? 59  LEU A CG  1 
ATOM   442  C CD1 . LEU A 1 59  ? -2.414  -1.554  0.816   1.00 14.44 ? 59  LEU A CD1 1 
ATOM   443  C CD2 . LEU A 1 59  ? -2.150  -2.980  -1.228  1.00 8.95  ? 59  LEU A CD2 1 
ATOM   444  N N   . GLU A 1 60  ? -6.700  -3.347  0.972   1.00 22.56 ? 60  GLU A N   1 
ATOM   445  C CA  . GLU A 1 60  ? -7.932  -2.641  0.600   1.00 24.58 ? 60  GLU A CA  1 
ATOM   446  C C   . GLU A 1 60  ? -8.578  -1.903  1.772   1.00 23.53 ? 60  GLU A C   1 
ATOM   447  O O   . GLU A 1 60  ? -9.010  -0.757  1.630   1.00 24.73 ? 60  GLU A O   1 
ATOM   448  C CB  . GLU A 1 60  ? -8.949  -3.605  -0.023  1.00 24.50 ? 60  GLU A CB  1 
ATOM   449  C CG  . GLU A 1 60  ? -9.940  -2.930  -0.960  1.00 28.81 ? 60  GLU A CG  1 
ATOM   450  C CD  . GLU A 1 60  ? -11.357 -3.450  -0.799  1.00 37.30 ? 60  GLU A CD  1 
ATOM   451  O OE1 . GLU A 1 60  ? -11.564 -4.677  -0.918  1.00 34.39 ? 60  GLU A OE1 1 
ATOM   452  O OE2 . GLU A 1 60  ? -12.270 -2.628  -0.562  1.00 39.86 ? 60  GLU A OE2 1 
ATOM   453  N N   . GLU A 1 61  ? -8.629  -2.568  2.923   1.00 18.64 ? 61  GLU A N   1 
ATOM   454  C CA  . GLU A 1 61  ? -9.259  -2.013  4.118   1.00 23.57 ? 61  GLU A CA  1 
ATOM   455  C C   . GLU A 1 61  ? -8.498  -0.812  4.691   1.00 21.68 ? 61  GLU A C   1 
ATOM   456  O O   . GLU A 1 61  ? -9.095  0.061   5.316   1.00 20.15 ? 61  GLU A O   1 
ATOM   457  C CB  . GLU A 1 61  ? -9.442  -3.104  5.175   1.00 24.38 ? 61  GLU A CB  1 
ATOM   458  C CG  . GLU A 1 61  ? -10.711 -3.930  4.988   1.00 28.70 ? 61  GLU A CG  1 
ATOM   459  C CD  . GLU A 1 61  ? -10.695 -5.257  5.737   1.00 30.33 ? 61  GLU A CD  1 
ATOM   460  O OE1 . GLU A 1 61  ? -10.141 -5.319  6.857   1.00 28.95 ? 61  GLU A OE1 1 
ATOM   461  O OE2 . GLU A 1 61  ? -11.251 -6.245  5.206   1.00 28.54 ? 61  GLU A OE2 1 
ATOM   462  N N   . GLU A 1 62  ? -7.190  -0.768  4.454   1.00 19.47 ? 62  GLU A N   1 
ATOM   463  C CA  . GLU A 1 62  ? -6.348  0.318   4.953   1.00 18.89 ? 62  GLU A CA  1 
ATOM   464  C C   . GLU A 1 62  ? -6.160  1.469   3.961   1.00 17.61 ? 62  GLU A C   1 
ATOM   465  O O   . GLU A 1 62  ? -5.442  2.429   4.256   1.00 18.80 ? 62  GLU A O   1 
ATOM   466  C CB  . GLU A 1 62  ? -4.981  -0.227  5.391   1.00 20.20 ? 62  GLU A CB  1 
ATOM   467  C CG  . GLU A 1 62  ? -4.985  -0.953  6.728   1.00 18.18 ? 62  GLU A CG  1 
ATOM   468  C CD  . GLU A 1 62  ? -5.311  -0.036  7.894   1.00 22.38 ? 62  GLU A CD  1 
ATOM   469  O OE1 . GLU A 1 62  ? -4.406  0.683   8.361   1.00 21.79 ? 62  GLU A OE1 1 
ATOM   470  O OE2 . GLU A 1 62  ? -6.476  -0.038  8.344   1.00 26.14 ? 62  GLU A OE2 1 
ATOM   471  N N   . LEU A 1 63  ? -6.806  1.389   2.797   1.00 18.47 ? 63  LEU A N   1 
ATOM   472  C CA  . LEU A 1 63  ? -6.629  2.410   1.759   1.00 16.93 ? 63  LEU A CA  1 
ATOM   473  C C   . LEU A 1 63  ? -7.286  3.749   2.098   1.00 16.98 ? 63  LEU A C   1 
ATOM   474  O O   . LEU A 1 63  ? -6.785  4.802   1.706   1.00 18.93 ? 63  LEU A O   1 
ATOM   475  C CB  . LEU A 1 63  ? -7.101  1.912   0.384   1.00 14.69 ? 63  LEU A CB  1 
ATOM   476  C CG  . LEU A 1 63  ? -6.266  0.845   -0.332  1.00 19.00 ? 63  LEU A CG  1 
ATOM   477  C CD1 . LEU A 1 63  ? -6.917  0.462   -1.659  1.00 17.70 ? 63  LEU A CD1 1 
ATOM   478  C CD2 . LEU A 1 63  ? -4.816  1.284   -0.552  1.00 17.33 ? 63  LEU A CD2 1 
ATOM   479  N N   . LYS A 1 64  ? -8.400  3.710   2.821   1.00 17.71 ? 64  LYS A N   1 
ATOM   480  C CA  . LYS A 1 64  ? -9.062  4.942   3.254   1.00 20.61 ? 64  LYS A CA  1 
ATOM   481  C C   . LYS A 1 64  ? -8.236  5.740   4.282   1.00 18.51 ? 64  LYS A C   1 
ATOM   482  O O   . LYS A 1 64  ? -8.068  6.949   4.105   1.00 18.45 ? 64  LYS A O   1 
ATOM   483  C CB  . LYS A 1 64  ? -10.490 4.675   3.748   1.00 24.93 ? 64  LYS A CB  1 
ATOM   484  C CG  . LYS A 1 64  ? -11.502 4.508   2.622   1.00 27.07 ? 64  LYS A CG  1 
ATOM   485  C CD  . LYS A 1 64  ? -12.761 3.806   3.099   1.00 32.54 ? 64  LYS A CD  1 
ATOM   486  C CE  . LYS A 1 64  ? -13.680 3.468   1.934   1.00 35.31 ? 64  LYS A CE  1 
ATOM   487  N NZ  . LYS A 1 64  ? -14.440 4.659   1.457   1.00 36.31 ? 64  LYS A NZ  1 
ATOM   488  N N   . PRO A 1 65  ? -7.723  5.090   5.337   1.00 18.42 ? 65  PRO A N   1 
ATOM   489  C CA  . PRO A 1 65  ? -6.780  5.751   6.255   1.00 18.52 ? 65  PRO A CA  1 
ATOM   490  C C   . PRO A 1 65  ? -5.528  6.256   5.540   1.00 16.01 ? 65  PRO A C   1 
ATOM   491  O O   . PRO A 1 65  ? -5.065  7.353   5.854   1.00 22.65 ? 65  PRO A O   1 
ATOM   492  C CB  . PRO A 1 65  ? -6.406  4.644   7.248   1.00 17.99 ? 65  PRO A CB  1 
ATOM   493  C CG  . PRO A 1 65  ? -7.495  3.659   7.163   1.00 18.49 ? 65  PRO A CG  1 
ATOM   494  C CD  . PRO A 1 65  ? -8.013  3.709   5.768   1.00 18.59 ? 65  PRO A CD  1 
ATOM   495  N N   . LEU A 1 66  ? -5.000  5.475   4.597   1.00 19.48 ? 66  LEU A N   1 
ATOM   496  C CA  . LEU A 1 66  ? -3.849  5.897   3.796   1.00 17.59 ? 66  LEU A CA  1 
ATOM   497  C C   . LEU A 1 66  ? -4.162  7.185   3.042   1.00 17.08 ? 66  LEU A C   1 
ATOM   498  O O   . LEU A 1 66  ? -3.375  8.128   3.081   1.00 15.90 ? 66  LEU A O   1 
ATOM   499  C CB  . LEU A 1 66  ? -3.394  4.788   2.834   1.00 17.21 ? 66  LEU A CB  1 
ATOM   500  C CG  . LEU A 1 66  ? -2.231  5.084   1.870   1.00 16.14 ? 66  LEU A CG  1 
ATOM   501  C CD1 . LEU A 1 66  ? -0.941  5.407   2.619   1.00 16.67 ? 66  LEU A CD1 1 
ATOM   502  C CD2 . LEU A 1 66  ? -2.002  3.936   0.896   1.00 14.00 ? 66  LEU A CD2 1 
ATOM   503  N N   . GLU A 1 67  ? -5.323  7.226   2.388   1.00 18.31 ? 67  GLU A N   1 
ATOM   504  C CA  . GLU A 1 67  ? -5.756  8.406   1.643   1.00 18.90 ? 67  GLU A CA  1 
ATOM   505  C C   . GLU A 1 67  ? -5.916  9.635   2.540   1.00 20.63 ? 67  GLU A C   1 
ATOM   506  O O   . GLU A 1 67  ? -5.506  10.740  2.166   1.00 20.83 ? 67  GLU A O   1 
ATOM   507  C CB  . GLU A 1 67  ? -7.060  8.125   0.890   1.00 20.59 ? 67  GLU A CB  1 
ATOM   508  C CG  . GLU A 1 67  ? -7.363  9.141   -0.203  1.00 25.64 ? 67  GLU A CG  1 
ATOM   509  C CD  . GLU A 1 67  ? -8.730  8.960   -0.835  1.00 26.64 ? 67  GLU A CD  1 
ATOM   510  O OE1 . GLU A 1 67  ? -9.295  7.846   -0.762  1.00 29.32 ? 67  GLU A OE1 1 
ATOM   511  O OE2 . GLU A 1 67  ? -9.241  9.942   -1.415  1.00 32.36 ? 67  GLU A OE2 1 
ATOM   512  N N   . GLU A 1 68  ? -6.510  9.436   3.717   1.00 21.05 ? 68  GLU A N   1 
ATOM   513  C CA  . GLU A 1 68  ? -6.716  10.515  4.687   1.00 19.81 ? 68  GLU A CA  1 
ATOM   514  C C   . GLU A 1 68  ? -5.394  11.140  5.154   1.00 19.02 ? 68  GLU A C   1 
ATOM   515  O O   . GLU A 1 68  ? -5.230  12.358  5.096   1.00 22.25 ? 68  GLU A O   1 
ATOM   516  C CB  . GLU A 1 68  ? -7.549  10.015  5.878   1.00 19.48 ? 68  GLU A CB  1 
ATOM   517  C CG  . GLU A 1 68  ? -7.983  11.088  6.872   1.00 23.58 ? 68  GLU A CG  1 
ATOM   518  C CD  . GLU A 1 68  ? -8.713  12.252  6.229   1.00 22.99 ? 68  GLU A CD  1 
ATOM   519  O OE1 . GLU A 1 68  ? -9.789  12.033  5.640   1.00 17.74 ? 68  GLU A OE1 1 
ATOM   520  O OE2 . GLU A 1 68  ? -8.207  13.389  6.318   1.00 27.77 ? 68  GLU A OE2 1 
ATOM   521  N N   . VAL A 1 69  ? -4.451  10.308  5.590   1.00 19.75 ? 69  VAL A N   1 
ATOM   522  C CA  . VAL A 1 69  ? -3.150  10.793  6.065   1.00 19.11 ? 69  VAL A CA  1 
ATOM   523  C C   . VAL A 1 69  ? -2.405  11.570  4.972   1.00 21.18 ? 69  VAL A C   1 
ATOM   524  O O   . VAL A 1 69  ? -1.807  12.617  5.240   1.00 23.07 ? 69  VAL A O   1 
ATOM   525  C CB  . VAL A 1 69  ? -2.271  9.643   6.629   1.00 20.21 ? 69  VAL A CB  1 
ATOM   526  C CG1 . VAL A 1 69  ? -0.854  10.131  6.960   1.00 19.47 ? 69  VAL A CG1 1 
ATOM   527  C CG2 . VAL A 1 69  ? -2.920  9.030   7.865   1.00 18.35 ? 69  VAL A CG2 1 
ATOM   528  N N   . LEU A 1 70  ? -2.461  11.057  3.744   1.00 18.81 ? 70  LEU A N   1 
ATOM   529  C CA  . LEU A 1 70  ? -1.874  11.731  2.591   1.00 18.20 ? 70  LEU A CA  1 
ATOM   530  C C   . LEU A 1 70  ? -2.549  13.076  2.329   1.00 18.43 ? 70  LEU A C   1 
ATOM   531  O O   . LEU A 1 70  ? -1.866  14.069  2.067   1.00 19.50 ? 70  LEU A O   1 
ATOM   532  C CB  . LEU A 1 70  ? -1.941  10.842  1.342   1.00 15.84 ? 70  LEU A CB  1 
ATOM   533  C CG  . LEU A 1 70  ? -0.991  9.647   1.246   1.00 13.80 ? 70  LEU A CG  1 
ATOM   534  C CD1 . LEU A 1 70  ? -1.135  8.980   -0.111  1.00 15.53 ? 70  LEU A CD1 1 
ATOM   535  C CD2 . LEU A 1 70  ? 0.466   10.047  1.493   1.00 19.00 ? 70  LEU A CD2 1 
ATOM   536  N N   . ASN A 1 71  ? -3.882  13.100  2.404   1.00 19.22 ? 71  ASN A N   1 
ATOM   537  C CA  . ASN A 1 71  ? -4.666  14.332  2.281   1.00 22.76 ? 71  ASN A CA  1 
ATOM   538  C C   . ASN A 1 71  ? -4.257  15.378  3.316   1.00 25.55 ? 71  ASN A C   1 
ATOM   539  O O   . ASN A 1 71  ? -4.117  16.557  2.989   1.00 25.77 ? 71  ASN A O   1 
ATOM   540  C CB  . ASN A 1 71  ? -6.168  14.046  2.441   1.00 21.86 ? 71  ASN A CB  1 
ATOM   541  C CG  . ASN A 1 71  ? -6.855  13.690  1.128   1.00 24.64 ? 71  ASN A CG  1 
ATOM   542  O OD1 . ASN A 1 71  ? -7.859  12.970  1.121   1.00 21.39 ? 71  ASN A OD1 1 
ATOM   543  N ND2 . ASN A 1 71  ? -6.336  14.204  0.017   1.00 21.52 ? 71  ASN A ND2 1 
ATOM   544  N N   . LEU A 1 72  ? -4.071  14.931  4.559   1.00 26.22 ? 72  LEU A N   1 
ATOM   545  C CA  . LEU A 1 72  ? -3.712  15.808  5.675   1.00 30.37 ? 72  LEU A CA  1 
ATOM   546  C C   . LEU A 1 72  ? -2.329  16.447  5.519   1.00 33.04 ? 72  LEU A C   1 
ATOM   547  O O   . LEU A 1 72  ? -2.077  17.524  6.060   1.00 30.99 ? 72  LEU A O   1 
ATOM   548  C CB  . LEU A 1 72  ? -3.815  15.061  7.014   1.00 28.55 ? 72  LEU A CB  1 
ATOM   549  C CG  . LEU A 1 72  ? -5.205  14.577  7.452   1.00 27.48 ? 72  LEU A CG  1 
ATOM   550  C CD1 . LEU A 1 72  ? -5.096  13.579  8.600   1.00 22.65 ? 72  LEU A CD1 1 
ATOM   551  C CD2 . LEU A 1 72  ? -6.115  15.740  7.829   1.00 26.94 ? 72  LEU A CD2 1 
ATOM   552  N N   . ALA A 1 73  ? -1.443  15.779  4.783   1.00 37.78 ? 73  ALA A N   1 
ATOM   553  C CA  . ALA A 1 73  ? -0.153  16.357  4.406   1.00 41.36 ? 73  ALA A CA  1 
ATOM   554  C C   . ALA A 1 73  ? -0.263  17.056  3.047   1.00 46.35 ? 73  ALA A C   1 
ATOM   555  O O   . ALA A 1 73  ? -1.139  16.722  2.245   1.00 47.11 ? 73  ALA A O   1 
ATOM   556  C CB  . ALA A 1 73  ? 0.914   15.282  4.373   1.00 41.08 ? 73  ALA A CB  1 
ATOM   557  N N   . GLN A 1 74  ? 0.611   18.029  2.795   1.00 52.64 ? 74  GLN A N   1 
ATOM   558  C CA  . GLN A 1 74  ? 0.635   18.731  1.502   1.00 57.94 ? 74  GLN A CA  1 
ATOM   559  C C   . GLN A 1 74  ? 1.970   19.422  1.209   1.00 61.06 ? 74  GLN A C   1 
ATOM   560  O O   . GLN A 1 74  ? 2.603   19.993  2.096   1.00 64.80 ? 74  GLN A O   1 
ATOM   561  C CB  . GLN A 1 74  ? -0.538  19.719  1.368   1.00 59.86 ? 74  GLN A CB  1 
ATOM   562  C CG  . GLN A 1 74  ? -0.662  20.763  2.479   1.00 64.15 ? 74  GLN A CG  1 
ATOM   563  C CD  . GLN A 1 74  ? -1.951  21.572  2.392   1.00 68.04 ? 74  GLN A CD  1 
ATOM   564  O OE1 . GLN A 1 74  ? -2.621  21.789  3.404   1.00 67.57 ? 74  GLN A OE1 1 
ATOM   565  N NE2 . GLN A 1 74  ? -2.298  22.023  1.187   1.00 68.00 ? 74  GLN A NE2 1 
ATOM   566  N N   . PHE A 1 78  ? 1.861   19.895  -4.185  1.00 72.01 ? 78  PHE A N   1 
ATOM   567  C CA  . PHE A 1 78  ? 2.211   18.598  -4.754  1.00 70.98 ? 78  PHE A CA  1 
ATOM   568  C C   . PHE A 1 78  ? 1.556   18.391  -6.118  1.00 69.59 ? 78  PHE A C   1 
ATOM   569  O O   . PHE A 1 78  ? 0.424   18.827  -6.345  1.00 69.68 ? 78  PHE A O   1 
ATOM   570  C CB  . PHE A 1 78  ? 1.822   17.468  -3.794  1.00 71.26 ? 78  PHE A CB  1 
ATOM   571  C CG  . PHE A 1 78  ? 2.784   16.312  -3.790  1.00 70.89 ? 78  PHE A CG  1 
ATOM   572  C CD1 . PHE A 1 78  ? 4.102   16.482  -3.368  1.00 71.17 ? 78  PHE A CD1 1 
ATOM   573  C CD2 . PHE A 1 78  ? 2.375   15.049  -4.206  1.00 70.63 ? 78  PHE A CD2 1 
ATOM   574  C CE1 . PHE A 1 78  ? 4.995   15.414  -3.365  1.00 70.07 ? 78  PHE A CE1 1 
ATOM   575  C CE2 . PHE A 1 78  ? 3.261   13.974  -4.207  1.00 70.14 ? 78  PHE A CE2 1 
ATOM   576  C CZ  . PHE A 1 78  ? 4.574   14.158  -3.784  1.00 70.08 ? 78  PHE A CZ  1 
ATOM   577  N N   . HIS A 1 79  ? 2.275   17.719  -7.015  1.00 67.41 ? 79  HIS A N   1 
ATOM   578  C CA  . HIS A 1 79  ? 1.811   17.500  -8.388  1.00 65.02 ? 79  HIS A CA  1 
ATOM   579  C C   . HIS A 1 79  ? 0.732   16.419  -8.513  1.00 63.30 ? 79  HIS A C   1 
ATOM   580  O O   . HIS A 1 79  ? 0.039   16.340  -9.532  1.00 62.27 ? 79  HIS A O   1 
ATOM   581  C CB  . HIS A 1 79  ? 2.994   17.211  -9.326  1.00 64.74 ? 79  HIS A CB  1 
ATOM   582  C CG  . HIS A 1 79  ? 3.693   15.914  -9.052  1.00 64.89 ? 79  HIS A CG  1 
ATOM   583  N ND1 . HIS A 1 79  ? 4.418   15.685  -7.901  1.00 66.28 ? 79  HIS A ND1 1 
ATOM   584  C CD2 . HIS A 1 79  ? 3.791   14.782  -9.787  1.00 64.95 ? 79  HIS A CD2 1 
ATOM   585  C CE1 . HIS A 1 79  ? 4.924   14.466  -7.937  1.00 65.85 ? 79  HIS A CE1 1 
ATOM   586  N NE2 . HIS A 1 79  ? 4.559   13.896  -9.071  1.00 65.18 ? 79  HIS A NE2 1 
ATOM   587  N N   . LEU A 1 80  ? 0.591   15.597  -7.474  1.00 60.23 ? 80  LEU A N   1 
ATOM   588  C CA  . LEU A 1 80  ? -0.378  14.505  -7.465  1.00 56.84 ? 80  LEU A CA  1 
ATOM   589  C C   . LEU A 1 80  ? -1.449  14.686  -6.398  1.00 55.48 ? 80  LEU A C   1 
ATOM   590  O O   . LEU A 1 80  ? -1.150  15.074  -5.265  1.00 55.40 ? 80  LEU A O   1 
ATOM   591  C CB  . LEU A 1 80  ? 0.327   13.167  -7.240  1.00 58.00 ? 80  LEU A CB  1 
ATOM   592  C CG  . LEU A 1 80  ? 1.088   12.542  -8.409  1.00 58.98 ? 80  LEU A CG  1 
ATOM   593  C CD1 . LEU A 1 80  ? 2.180   11.646  -7.865  1.00 58.54 ? 80  LEU A CD1 1 
ATOM   594  C CD2 . LEU A 1 80  ? 0.151   11.761  -9.321  1.00 60.35 ? 80  LEU A CD2 1 
ATOM   595  N N   . ARG A 1 81  ? -2.693  14.395  -6.771  1.00 52.82 ? 81  ARG A N   1 
ATOM   596  C CA  . ARG A 1 81  ? -3.804  14.377  -5.825  1.00 49.82 ? 81  ARG A CA  1 
ATOM   597  C C   . ARG A 1 81  ? -3.972  12.969  -5.252  1.00 47.27 ? 81  ARG A C   1 
ATOM   598  O O   . ARG A 1 81  ? -4.079  11.999  -6.010  1.00 46.94 ? 81  ARG A O   1 
ATOM   599  C CB  . ARG A 1 81  ? -5.086  14.841  -6.497  1.00 50.20 ? 81  ARG A CB  1 
ATOM   600  N N   . PRO A 1 82  ? -3.977  12.857  -3.921  1.00 45.05 ? 82  PRO A N   1 
ATOM   601  C CA  . PRO A 1 82  ? -4.102  11.557  -3.246  1.00 43.68 ? 82  PRO A CA  1 
ATOM   602  C C   . PRO A 1 82  ? -5.277  10.715  -3.743  1.00 42.56 ? 82  PRO A C   1 
ATOM   603  O O   . PRO A 1 82  ? -5.089  9.520   -3.953  1.00 43.58 ? 82  PRO A O   1 
ATOM   604  C CB  . PRO A 1 82  ? -4.295  11.945  -1.778  1.00 43.95 ? 82  PRO A CB  1 
ATOM   605  C CG  . PRO A 1 82  ? -3.589  13.245  -1.654  1.00 44.28 ? 82  PRO A CG  1 
ATOM   606  C CD  . PRO A 1 82  ? -3.845  13.961  -2.952  1.00 44.67 ? 82  PRO A CD  1 
ATOM   607  N N   . ARG A 1 83  ? -6.443  11.327  -3.953  1.00 42.01 ? 83  ARG A N   1 
ATOM   608  C CA  . ARG A 1 83  ? -7.629  10.592  -4.404  1.00 43.06 ? 83  ARG A CA  1 
ATOM   609  C C   . ARG A 1 83  ? -7.433  9.850   -5.739  1.00 41.92 ? 83  ARG A C   1 
ATOM   610  O O   . ARG A 1 83  ? -8.069  8.821   -5.972  1.00 40.54 ? 83  ARG A O   1 
ATOM   611  C CB  . ARG A 1 83  ? -8.876  11.496  -4.433  1.00 43.98 ? 83  ARG A CB  1 
ATOM   612  C CG  . ARG A 1 83  ? -9.122  12.247  -5.741  1.00 46.23 ? 83  ARG A CG  1 
ATOM   613  C CD  . ARG A 1 83  ? -10.344 13.161  -5.720  1.00 47.87 ? 83  ARG A CD  1 
ATOM   614  N NE  . ARG A 1 83  ? -11.603 12.423  -5.843  1.00 49.25 ? 83  ARG A NE  1 
ATOM   615  C CZ  . ARG A 1 83  ? -12.192 12.111  -6.997  1.00 50.65 ? 83  ARG A CZ  1 
ATOM   616  N NH1 . ARG A 1 83  ? -11.642 12.463  -8.155  1.00 49.26 ? 83  ARG A NH1 1 
ATOM   617  N NH2 . ARG A 1 83  ? -13.337 11.441  -6.994  1.00 48.56 ? 83  ARG A NH2 1 
ATOM   618  N N   . ASP A 1 84  ? -6.550  10.372  -6.592  1.00 37.79 ? 84  ASP A N   1 
ATOM   619  C CA  . ASP A 1 84  ? -6.286  9.776   -7.903  1.00 38.33 ? 84  ASP A CA  1 
ATOM   620  C C   . ASP A 1 84  ? -5.403  8.528   -7.826  1.00 36.32 ? 84  ASP A C   1 
ATOM   621  O O   . ASP A 1 84  ? -5.728  7.503   -8.429  1.00 35.85 ? 84  ASP A O   1 
ATOM   622  C CB  . ASP A 1 84  ? -5.675  10.806  -8.865  1.00 38.30 ? 84  ASP A CB  1 
ATOM   623  C CG  . ASP A 1 84  ? -6.618  11.962  -9.173  1.00 40.32 ? 84  ASP A CG  1 
ATOM   624  O OD1 . ASP A 1 84  ? -7.834  11.730  -9.357  1.00 41.27 ? 84  ASP A OD1 1 
ATOM   625  O OD2 . ASP A 1 84  ? -6.229  13.145  -9.257  1.00 43.59 ? 84  ASP A OD2 1 
ATOM   626  N N   . LEU A 1 85  ? -4.295  8.616   -7.090  1.00 34.84 ? 85  LEU A N   1 
ATOM   627  C CA  . LEU A 1 85  ? -3.376  7.481   -6.943  1.00 31.93 ? 85  LEU A CA  1 
ATOM   628  C C   . LEU A 1 85  ? -3.941  6.361   -6.069  1.00 27.72 ? 85  LEU A C   1 
ATOM   629  O O   . LEU A 1 85  ? -3.691  5.186   -6.336  1.00 28.53 ? 85  LEU A O   1 
ATOM   630  C CB  . LEU A 1 85  ? -1.999  7.923   -6.423  1.00 33.19 ? 85  LEU A CB  1 
ATOM   631  C CG  . LEU A 1 85  ? -0.913  6.834   -6.384  1.00 33.33 ? 85  LEU A CG  1 
ATOM   632  C CD1 . LEU A 1 85  ? -0.673  6.213   -7.760  1.00 30.91 ? 85  LEU A CD1 1 
ATOM   633  C CD2 . LEU A 1 85  ? 0.381   7.372   -5.824  1.00 34.63 ? 85  LEU A CD2 1 
ATOM   634  N N   . ILE A 1 86  ? -4.692  6.724   -5.030  1.00 24.21 ? 86  ILE A N   1 
ATOM   635  C CA  . ILE A 1 86  ? -5.351  5.725   -4.189  1.00 23.12 ? 86  ILE A CA  1 
ATOM   636  C C   . ILE A 1 86  ? -6.429  4.991   -4.999  1.00 21.89 ? 86  ILE A C   1 
ATOM   637  O O   . ILE A 1 86  ? -6.584  3.772   -4.876  1.00 18.28 ? 86  ILE A O   1 
ATOM   638  C CB  . ILE A 1 86  ? -5.929  6.363   -2.888  1.00 24.46 ? 86  ILE A CB  1 
ATOM   639  C CG1 . ILE A 1 86  ? -4.835  7.084   -2.079  1.00 24.24 ? 86  ILE A CG1 1 
ATOM   640  C CG2 . ILE A 1 86  ? -6.657  5.317   -2.025  1.00 22.87 ? 86  ILE A CG2 1 
ATOM   641  C CD1 . ILE A 1 86  ? -3.702  6.203   -1.552  1.00 24.88 ? 86  ILE A CD1 1 
ATOM   642  N N   . SER A 1 87  ? -7.148  5.734   -5.839  1.00 20.97 ? 87  SER A N   1 
ATOM   643  C CA  . SER A 1 87  ? -8.150  5.152   -6.740  1.00 24.63 ? 87  SER A CA  1 
ATOM   644  C C   . SER A 1 87  ? -7.536  4.131   -7.700  1.00 21.84 ? 87  SER A C   1 
ATOM   645  O O   . SER A 1 87  ? -8.104  3.056   -7.913  1.00 18.37 ? 87  SER A O   1 
ATOM   646  C CB  . SER A 1 87  ? -8.875  6.240   -7.530  1.00 21.23 ? 87  SER A CB  1 
ATOM   647  O OG  . SER A 1 87  ? -9.829  6.889   -6.713  1.00 29.69 ? 87  SER A OG  1 
ATOM   648  N N   . ASN A 1 88  ? -6.378  4.476   -8.265  1.00 21.25 ? 88  ASN A N   1 
ATOM   649  C CA  . ASN A 1 88  ? -5.625  3.568   -9.127  1.00 23.02 ? 88  ASN A CA  1 
ATOM   650  C C   . ASN A 1 88  ? -5.232  2.287   -8.402  1.00 23.30 ? 88  ASN A C   1 
ATOM   651  O O   . ASN A 1 88  ? -5.374  1.194   -8.951  1.00 24.58 ? 88  ASN A O   1 
ATOM   652  C CB  . ASN A 1 88  ? -4.376  4.252   -9.688  1.00 27.12 ? 88  ASN A CB  1 
ATOM   653  C CG  . ASN A 1 88  ? -3.688  3.424   -10.764 1.00 35.89 ? 88  ASN A CG  1 
ATOM   654  O OD1 . ASN A 1 88  ? -4.287  3.092   -11.791 1.00 39.62 ? 88  ASN A OD1 1 
ATOM   655  N ND2 . ASN A 1 88  ? -2.426  3.083   -10.531 1.00 35.19 ? 88  ASN A ND2 1 
ATOM   656  N N   . ILE A 1 89  ? -4.735  2.436   -7.175  1.00 18.68 ? 89  ILE A N   1 
ATOM   657  C CA  . ILE A 1 89  ? -4.373  1.300   -6.328  1.00 19.89 ? 89  ILE A CA  1 
ATOM   658  C C   . ILE A 1 89  ? -5.618  0.473   -5.995  1.00 18.95 ? 89  ILE A C   1 
ATOM   659  O O   . ILE A 1 89  ? -5.585  -0.757  -6.056  1.00 18.74 ? 89  ILE A O   1 
ATOM   660  C CB  . ILE A 1 89  ? -3.650  1.785   -5.034  1.00 18.31 ? 89  ILE A CB  1 
ATOM   661  C CG1 . ILE A 1 89  ? -2.247  2.302   -5.369  1.00 19.92 ? 89  ILE A CG1 1 
ATOM   662  C CG2 . ILE A 1 89  ? -3.554  0.663   -4.004  1.00 15.50 ? 89  ILE A CG2 1 
ATOM   663  C CD1 . ILE A 1 89  ? -1.618  3.168   -4.285  1.00 19.45 ? 89  ILE A CD1 1 
ATOM   664  N N   . ASN A 1 90  ? -6.708  1.161   -5.654  1.00 15.35 ? 90  ASN A N   1 
ATOM   665  C CA  . ASN A 1 90  ? -7.986  0.512   -5.355  1.00 16.06 ? 90  ASN A CA  1 
ATOM   666  C C   . ASN A 1 90  ? -8.472  -0.368  -6.504  1.00 13.18 ? 90  ASN A C   1 
ATOM   667  O O   . ASN A 1 90  ? -8.845  -1.516  -6.283  1.00 17.00 ? 90  ASN A O   1 
ATOM   668  C CB  . ASN A 1 90  ? -9.054  1.552   -4.987  1.00 15.74 ? 90  ASN A CB  1 
ATOM   669  C CG  . ASN A 1 90  ? -10.109 1.012   -4.022  1.00 24.00 ? 90  ASN A CG  1 
ATOM   670  O OD1 . ASN A 1 90  ? -10.840 1.785   -3.402  1.00 28.57 ? 90  ASN A OD1 1 
ATOM   671  N ND2 . ASN A 1 90  ? -10.189 -0.312  -3.888  1.00 21.86 ? 90  ASN A ND2 1 
ATOM   672  N N   . VAL A 1 91  ? -8.443  0.166   -7.726  1.00 17.48 ? 91  VAL A N   1 
ATOM   673  C CA  . VAL A 1 91  ? -8.864  -0.588  -8.914  1.00 15.14 ? 91  VAL A CA  1 
ATOM   674  C C   . VAL A 1 91  ? -8.038  -1.867  -9.079  1.00 18.42 ? 91  VAL A C   1 
ATOM   675  O O   . VAL A 1 91  ? -8.598  -2.953  -9.260  1.00 18.93 ? 91  VAL A O   1 
ATOM   676  C CB  . VAL A 1 91  ? -8.823  0.279   -10.201 1.00 16.85 ? 91  VAL A CB  1 
ATOM   677  C CG1 . VAL A 1 91  ? -9.009  -0.577  -11.455 1.00 19.15 ? 91  VAL A CG1 1 
ATOM   678  C CG2 . VAL A 1 91  ? -9.890  1.365   -10.148 1.00 14.54 ? 91  VAL A CG2 1 
ATOM   679  N N   . ILE A 1 92  ? -6.715  -1.733  -8.983  1.00 19.88 ? 92  ILE A N   1 
ATOM   680  C CA  . ILE A 1 92  ? -5.788  -2.860  -9.110  1.00 19.02 ? 92  ILE A CA  1 
ATOM   681  C C   . ILE A 1 92  ? -5.985  -3.915  -8.014  1.00 17.43 ? 92  ILE A C   1 
ATOM   682  O O   . ILE A 1 92  ? -6.040  -5.110  -8.303  1.00 19.63 ? 92  ILE A O   1 
ATOM   683  C CB  . ILE A 1 92  ? -4.314  -2.355  -9.137  1.00 21.92 ? 92  ILE A CB  1 
ATOM   684  C CG1 . ILE A 1 92  ? -4.043  -1.551  -10.414 1.00 23.93 ? 92  ILE A CG1 1 
ATOM   685  C CG2 . ILE A 1 92  ? -3.326  -3.520  -9.012  1.00 20.20 ? 92  ILE A CG2 1 
ATOM   686  C CD1 . ILE A 1 92  ? -2.850  -0.609  -10.318 1.00 24.18 ? 92  ILE A CD1 1 
ATOM   687  N N   . VAL A 1 93  ? -6.087  -3.474  -6.761  1.00 18.08 ? 93  VAL A N   1 
ATOM   688  C CA  . VAL A 1 93  ? -6.288  -4.396  -5.639  1.00 22.19 ? 93  VAL A CA  1 
ATOM   689  C C   . VAL A 1 93  ? -7.604  -5.167  -5.801  1.00 24.36 ? 93  VAL A C   1 
ATOM   690  O O   . VAL A 1 93  ? -7.649  -6.381  -5.583  1.00 26.35 ? 93  VAL A O   1 
ATOM   691  C CB  . VAL A 1 93  ? -6.223  -3.669  -4.264  1.00 23.06 ? 93  VAL A CB  1 
ATOM   692  C CG1 . VAL A 1 93  ? -6.727  -4.560  -3.131  1.00 23.94 ? 93  VAL A CG1 1 
ATOM   693  C CG2 . VAL A 1 93  ? -4.805  -3.204  -3.971  1.00 19.13 ? 93  VAL A CG2 1 
ATOM   694  N N   . LEU A 1 94  ? -8.655  -4.463  -6.218  1.00 23.93 ? 94  LEU A N   1 
ATOM   695  C CA  . LEU A 1 94  ? -9.969  -5.072  -6.418  1.00 26.03 ? 94  LEU A CA  1 
ATOM   696  C C   . LEU A 1 94  ? -9.985  -6.096  -7.549  1.00 27.72 ? 94  LEU A C   1 
ATOM   697  O O   . LEU A 1 94  ? -10.669 -7.115  -7.458  1.00 29.47 ? 94  LEU A O   1 
ATOM   698  C CB  . LEU A 1 94  ? -11.026 -4.003  -6.676  1.00 24.31 ? 94  LEU A CB  1 
ATOM   699  C CG  . LEU A 1 94  ? -11.686 -3.399  -5.439  1.00 30.74 ? 94  LEU A CG  1 
ATOM   700  C CD1 . LEU A 1 94  ? -12.444 -2.143  -5.828  1.00 28.30 ? 94  LEU A CD1 1 
ATOM   701  C CD2 . LEU A 1 94  ? -12.611 -4.405  -4.763  1.00 32.09 ? 94  LEU A CD2 1 
ATOM   702  N N   . GLU A 1 95  ? -9.236  -5.818  -8.610  1.00 25.13 ? 95  GLU A N   1 
ATOM   703  C CA  . GLU A 1 95  ? -9.179  -6.719  -9.756  1.00 27.63 ? 95  GLU A CA  1 
ATOM   704  C C   . GLU A 1 95  ? -8.244  -7.898  -9.498  1.00 29.06 ? 95  GLU A C   1 
ATOM   705  O O   . GLU A 1 95  ? -8.440  -8.980  -10.053 1.00 29.50 ? 95  GLU A O   1 
ATOM   706  C CB  . GLU A 1 95  ? -8.765  -5.963  -11.021 1.00 24.52 ? 95  GLU A CB  1 
ATOM   707  C CG  . GLU A 1 95  ? -9.835  -5.008  -11.535 1.00 23.36 ? 95  GLU A CG  1 
ATOM   708  C CD  . GLU A 1 95  ? -9.354  -4.125  -12.674 1.00 26.36 ? 95  GLU A CD  1 
ATOM   709  O OE1 . GLU A 1 95  ? -8.127  -4.047  -12.911 1.00 23.16 ? 95  GLU A OE1 1 
ATOM   710  O OE2 . GLU A 1 95  ? -10.212 -3.499  -13.335 1.00 25.90 ? 95  GLU A OE2 1 
ATOM   711  N N   . LEU A 1 96  ? -7.241  -7.689  -8.648  1.00 26.84 ? 96  LEU A N   1 
ATOM   712  C CA  . LEU A 1 96  ? -6.283  -8.738  -8.317  1.00 28.76 ? 96  LEU A CA  1 
ATOM   713  C C   . LEU A 1 96  ? -6.836  -9.745  -7.312  1.00 30.83 ? 96  LEU A C   1 
ATOM   714  O O   . LEU A 1 96  ? -6.763  -10.950 -7.547  1.00 35.11 ? 96  LEU A O   1 
ATOM   715  C CB  . LEU A 1 96  ? -4.964  -8.145  -7.803  1.00 26.17 ? 96  LEU A CB  1 
ATOM   716  C CG  . LEU A 1 96  ? -3.927  -7.713  -8.847  1.00 25.04 ? 96  LEU A CG  1 
ATOM   717  C CD1 . LEU A 1 96  ? -2.789  -6.970  -8.175  1.00 20.99 ? 96  LEU A CD1 1 
ATOM   718  C CD2 . LEU A 1 96  ? -3.394  -8.899  -9.652  1.00 23.11 ? 96  LEU A CD2 1 
ATOM   719  N N   . LYS A 1 97  ? -7.385  -9.252  -6.201  1.00 31.56 ? 97  LYS A N   1 
ATOM   720  C CA  . LYS A 1 97  ? -7.866  -10.122 -5.125  1.00 35.44 ? 97  LYS A CA  1 
ATOM   721  C C   . LYS A 1 97  ? -9.103  -10.942 -5.507  1.00 37.64 ? 97  LYS A C   1 
ATOM   722  O O   . LYS A 1 97  ? -9.322  -12.025 -4.963  1.00 39.78 ? 97  LYS A O   1 
ATOM   723  C CB  . LYS A 1 97  ? -8.096  -9.334  -3.825  1.00 33.71 ? 97  LYS A CB  1 
ATOM   724  C CG  . LYS A 1 97  ? -9.348  -8.477  -3.801  1.00 34.12 ? 97  LYS A CG  1 
ATOM   725  C CD  . LYS A 1 97  ? -9.808  -8.195  -2.383  1.00 34.14 ? 97  LYS A CD  1 
ATOM   726  C CE  . LYS A 1 97  ? -11.149 -7.489  -2.393  1.00 33.46 ? 97  LYS A CE  1 
ATOM   727  N NZ  . LYS A 1 97  ? -12.269 -8.421  -2.095  1.00 37.74 ? 97  LYS A NZ  1 
ATOM   728  N N   . GLY A 1 98  ? -9.899  -10.421 -6.442  1.00 41.66 ? 98  GLY A N   1 
ATOM   729  C CA  . GLY A 1 98  ? -11.075 -11.114 -6.945  1.00 44.25 ? 98  GLY A CA  1 
ATOM   730  C C   . GLY A 1 98  ? -12.149 -11.340 -5.896  1.00 44.28 ? 98  GLY A C   1 
ATOM   731  O O   . GLY A 1 98  ? -12.677 -10.390 -5.319  1.00 44.12 ? 98  GLY A O   1 
ATOM   732  N N   . PHE A 1 103 ? -13.366 -14.235 2.292   1.00 66.08 ? 103 PHE A N   1 
ATOM   733  C CA  . PHE A 1 103 ? -12.176 -14.200 3.136   1.00 66.13 ? 103 PHE A CA  1 
ATOM   734  C C   . PHE A 1 103 ? -12.133 -12.934 3.991   1.00 64.88 ? 103 PHE A C   1 
ATOM   735  O O   . PHE A 1 103 ? -12.244 -11.819 3.476   1.00 65.77 ? 103 PHE A O   1 
ATOM   736  C CB  . PHE A 1 103 ? -10.903 -14.315 2.284   1.00 66.39 ? 103 PHE A CB  1 
ATOM   737  C CG  . PHE A 1 103 ? -9.623  -14.176 3.071   1.00 66.84 ? 103 PHE A CG  1 
ATOM   738  C CD1 . PHE A 1 103 ? -9.174  -15.210 3.891   1.00 67.77 ? 103 PHE A CD1 1 
ATOM   739  C CD2 . PHE A 1 103 ? -8.864  -13.011 2.987   1.00 66.41 ? 103 PHE A CD2 1 
ATOM   740  C CE1 . PHE A 1 103 ? -7.991  -15.085 4.618   1.00 68.12 ? 103 PHE A CE1 1 
ATOM   741  C CE2 . PHE A 1 103 ? -7.680  -12.875 3.712   1.00 67.04 ? 103 PHE A CE2 1 
ATOM   742  C CZ  . PHE A 1 103 ? -7.243  -13.914 4.529   1.00 67.66 ? 103 PHE A CZ  1 
ATOM   743  N N   . MET A 1 104 ? -11.969 -13.123 5.299   1.00 62.64 ? 104 MET A N   1 
ATOM   744  C CA  . MET A 1 104 ? -11.819 -12.010 6.230   1.00 60.33 ? 104 MET A CA  1 
ATOM   745  C C   . MET A 1 104 ? -10.358 -11.845 6.635   1.00 54.65 ? 104 MET A C   1 
ATOM   746  O O   . MET A 1 104 ? -9.711  -12.802 7.072   1.00 53.54 ? 104 MET A O   1 
ATOM   747  C CB  . MET A 1 104 ? -12.707 -12.206 7.461   1.00 62.68 ? 104 MET A CB  1 
ATOM   748  C CG  . MET A 1 104 ? -14.068 -11.530 7.346   1.00 66.65 ? 104 MET A CG  1 
ATOM   749  S SD  . MET A 1 104 ? -15.446 -12.656 7.650   1.00 72.18 ? 104 MET A SD  1 
ATOM   750  C CE  . MET A 1 104 ? -15.658 -13.408 6.028   1.00 70.84 ? 104 MET A CE  1 
ATOM   751  N N   . CYS A 1 105 ? -9.848  -10.626 6.473   1.00 49.28 ? 105 CYS A N   1 
ATOM   752  C CA  . CYS A 1 105 ? -8.453  -10.301 6.767   1.00 43.22 ? 105 CYS A CA  1 
ATOM   753  C C   . CYS A 1 105 ? -8.102  -10.514 8.235   1.00 41.02 ? 105 CYS A C   1 
ATOM   754  O O   . CYS A 1 105 ? -8.823  -10.059 9.128   1.00 42.22 ? 105 CYS A O   1 
ATOM   755  C CB  . CYS A 1 105 ? -8.151  -8.852  6.375   1.00 39.16 ? 105 CYS A CB  1 
ATOM   756  S SG  . CYS A 1 105 ? -6.542  -8.257  6.948   1.00 36.98 ? 105 CYS A SG  1 
ATOM   757  N N   . GLU A 1 106 ? -6.992  -11.207 8.474   1.00 39.16 ? 106 GLU A N   1 
ATOM   758  C CA  . GLU A 1 106 ? -6.471  -11.386 9.824   1.00 41.01 ? 106 GLU A CA  1 
ATOM   759  C C   . GLU A 1 106 ? -5.354  -10.382 10.081  1.00 39.43 ? 106 GLU A C   1 
ATOM   760  O O   . GLU A 1 106 ? -4.349  -10.355 9.364   1.00 37.31 ? 106 GLU A O   1 
ATOM   761  C CB  . GLU A 1 106 ? -5.975  -12.817 10.033  1.00 43.43 ? 106 GLU A CB  1 
ATOM   762  C CG  . GLU A 1 106 ? -6.832  -13.632 10.990  1.00 48.35 ? 106 GLU A CG  1 
ATOM   763  C CD  . GLU A 1 106 ? -6.068  -14.774 11.631  1.00 50.61 ? 106 GLU A CD  1 
ATOM   764  O OE1 . GLU A 1 106 ? -5.870  -15.811 10.961  1.00 51.03 ? 106 GLU A OE1 1 
ATOM   765  O OE2 . GLU A 1 106 ? -5.666  -14.633 12.806  1.00 49.03 ? 106 GLU A OE2 1 
ATOM   766  N N   . TYR A 1 107 ? -5.540  -9.552  11.103  1.00 37.93 ? 107 TYR A N   1 
ATOM   767  C CA  . TYR A 1 107 ? -4.595  -8.487  11.413  1.00 37.90 ? 107 TYR A CA  1 
ATOM   768  C C   . TYR A 1 107 ? -3.637  -8.866  12.530  1.00 38.29 ? 107 TYR A C   1 
ATOM   769  O O   . TYR A 1 107 ? -4.020  -9.555  13.478  1.00 40.51 ? 107 TYR A O   1 
ATOM   770  C CB  . TYR A 1 107 ? -5.337  -7.205  11.788  1.00 35.36 ? 107 TYR A CB  1 
ATOM   771  C CG  . TYR A 1 107 ? -5.928  -6.468  10.609  1.00 38.76 ? 107 TYR A CG  1 
ATOM   772  C CD1 . TYR A 1 107 ? -5.113  -5.776  9.715   1.00 38.49 ? 107 TYR A CD1 1 
ATOM   773  C CD2 . TYR A 1 107 ? -7.304  -6.460  10.388  1.00 40.20 ? 107 TYR A CD2 1 
ATOM   774  C CE1 . TYR A 1 107 ? -5.651  -5.095  8.631   1.00 37.85 ? 107 TYR A CE1 1 
ATOM   775  C CE2 . TYR A 1 107 ? -7.853  -5.781  9.307   1.00 41.51 ? 107 TYR A CE2 1 
ATOM   776  C CZ  . TYR A 1 107 ? -7.021  -5.102  8.436   1.00 38.73 ? 107 TYR A CZ  1 
ATOM   777  O OH  . TYR A 1 107 ? -7.556  -4.431  7.367   1.00 38.00 ? 107 TYR A OH  1 
ATOM   778  N N   . ALA A 1 108 ? -2.392  -8.412  12.407  1.00 36.36 ? 108 ALA A N   1 
ATOM   779  C CA  . ALA A 1 108 ? -1.412  -8.535  13.483  1.00 37.70 ? 108 ALA A CA  1 
ATOM   780  C C   . ALA A 1 108 ? -1.775  -7.586  14.623  1.00 37.04 ? 108 ALA A C   1 
ATOM   781  O O   . ALA A 1 108 ? -2.440  -6.572  14.405  1.00 36.85 ? 108 ALA A O   1 
ATOM   782  C CB  . ALA A 1 108 ? -0.009  -8.243  12.968  1.00 36.98 ? 108 ALA A CB  1 
ATOM   783  N N   . ASP A 1 109 ? -1.338  -7.925  15.834  1.00 40.91 ? 109 ASP A N   1 
ATOM   784  C CA  . ASP A 1 109 ? -1.637  -7.139  17.030  1.00 40.58 ? 109 ASP A CA  1 
ATOM   785  C C   . ASP A 1 109 ? -0.948  -5.774  17.026  1.00 39.67 ? 109 ASP A C   1 
ATOM   786  O O   . ASP A 1 109 ? -1.571  -4.759  17.343  1.00 40.05 ? 109 ASP A O   1 
ATOM   787  C CB  . ASP A 1 109 ? -1.255  -7.921  18.290  1.00 45.42 ? 109 ASP A CB  1 
ATOM   788  C CG  . ASP A 1 109 ? -2.457  -8.272  19.147  1.00 49.75 ? 109 ASP A CG  1 
ATOM   789  O OD1 . ASP A 1 109 ? -2.921  -7.397  19.910  1.00 50.85 ? 109 ASP A OD1 1 
ATOM   790  O OD2 . ASP A 1 109 ? -3.001  -9.397  19.126  1.00 50.96 ? 109 ASP A OD2 1 
ATOM   791  N N   . GLU A 1 110 ? 0.334   -5.760  16.667  1.00 37.11 ? 110 GLU A N   1 
ATOM   792  C CA  . GLU A 1 110 ? 1.124   -4.531  16.618  1.00 37.82 ? 110 GLU A CA  1 
ATOM   793  C C   . GLU A 1 110 ? 0.818   -3.714  15.363  1.00 35.37 ? 110 GLU A C   1 
ATOM   794  O O   . GLU A 1 110 ? 0.745   -4.255  14.255  1.00 34.11 ? 110 GLU A O   1 
ATOM   795  C CB  . GLU A 1 110 ? 2.625   -4.843  16.674  1.00 41.21 ? 110 GLU A CB  1 
ATOM   796  C CG  . GLU A 1 110 ? 3.059   -5.732  17.833  1.00 46.50 ? 110 GLU A CG  1 
ATOM   797  C CD  . GLU A 1 110 ? 3.305   -4.959  19.117  1.00 51.33 ? 110 GLU A CD  1 
ATOM   798  O OE1 . GLU A 1 110 ? 4.181   -4.065  19.124  1.00 52.09 ? 110 GLU A OE1 1 
ATOM   799  O OE2 . GLU A 1 110 ? 2.623   -5.251  20.124  1.00 53.77 ? 110 GLU A OE2 1 
ATOM   800  N N   . THR A 1 111 ? 0.641   -2.410  15.546  1.00 32.18 ? 111 THR A N   1 
ATOM   801  C CA  . THR A 1 111 ? 0.424   -1.498  14.429  1.00 30.45 ? 111 THR A CA  1 
ATOM   802  C C   . THR A 1 111 ? 1.757   -1.046  13.846  1.00 30.85 ? 111 THR A C   1 
ATOM   803  O O   . THR A 1 111 ? 2.824   -1.402  14.358  1.00 29.62 ? 111 THR A O   1 
ATOM   804  C CB  . THR A 1 111 ? -0.391  -0.267  14.871  1.00 29.14 ? 111 THR A CB  1 
ATOM   805  O OG1 . THR A 1 111 ? 0.290   0.389   15.947  1.00 27.83 ? 111 THR A OG1 1 
ATOM   806  C CG2 . THR A 1 111 ? -1.729  -0.684  15.473  1.00 25.08 ? 111 THR A CG2 1 
ATOM   807  N N   . ALA A 1 112 ? 1.687   -0.256  12.776  1.00 27.80 ? 112 ALA A N   1 
ATOM   808  C CA  . ALA A 1 112 ? 2.876   0.274   12.121  1.00 28.08 ? 112 ALA A CA  1 
ATOM   809  C C   . ALA A 1 112 ? 2.670   1.710   11.648  1.00 24.91 ? 112 ALA A C   1 
ATOM   810  O O   . ALA A 1 112 ? 1.536   2.175   11.515  1.00 24.42 ? 112 ALA A O   1 
ATOM   811  C CB  . ALA A 1 112 ? 3.271   -0.617  10.953  1.00 30.49 ? 112 ALA A CB  1 
ATOM   812  N N   . THR A 1 113 ? 3.776   2.407   11.408  1.00 18.55 ? 113 THR A N   1 
ATOM   813  C CA  . THR A 1 113 ? 3.737   3.723   10.781  1.00 20.27 ? 113 THR A CA  1 
ATOM   814  C C   . THR A 1 113 ? 3.410   3.563   9.300   1.00 18.96 ? 113 THR A C   1 
ATOM   815  O O   . THR A 1 113 ? 3.462   2.455   8.761   1.00 17.14 ? 113 THR A O   1 
ATOM   816  C CB  . THR A 1 113 ? 5.092   4.448   10.917  1.00 17.88 ? 113 THR A CB  1 
ATOM   817  O OG1 . THR A 1 113 ? 6.089   3.733   10.176  1.00 15.88 ? 113 THR A OG1 1 
ATOM   818  C CG2 . THR A 1 113 ? 5.603   4.419   12.358  1.00 12.63 ? 113 THR A CG2 1 
ATOM   819  N N   . ILE A 1 114 ? 3.089   4.679   8.653   1.00 17.15 ? 114 ILE A N   1 
ATOM   820  C CA  . ILE A 1 114 ? 2.837   4.718   7.217   1.00 14.61 ? 114 ILE A CA  1 
ATOM   821  C C   . ILE A 1 114 ? 4.003   4.131   6.407   1.00 17.59 ? 114 ILE A C   1 
ATOM   822  O O   . ILE A 1 114 ? 3.783   3.452   5.405   1.00 17.66 ? 114 ILE A O   1 
ATOM   823  C CB  . ILE A 1 114 ? 2.488   6.175   6.777   1.00 18.82 ? 114 ILE A CB  1 
ATOM   824  C CG1 . ILE A 1 114 ? 1.992   6.209   5.326   1.00 19.27 ? 114 ILE A CG1 1 
ATOM   825  C CG2 . ILE A 1 114 ? 3.667   7.142   7.023   1.00 18.03 ? 114 ILE A CG2 1 
ATOM   826  C CD1 . ILE A 1 114 ? 0.991   7.317   5.046   1.00 18.30 ? 114 ILE A CD1 1 
ATOM   827  N N   . VAL A 1 115 ? 5.232   4.376   6.867   1.00 16.28 ? 115 VAL A N   1 
ATOM   828  C CA  . VAL A 1 115 ? 6.442   3.933   6.173   1.00 16.81 ? 115 VAL A CA  1 
ATOM   829  C C   . VAL A 1 115 ? 6.615   2.407   6.215   1.00 21.47 ? 115 VAL A C   1 
ATOM   830  O O   . VAL A 1 115 ? 6.854   1.776   5.180   1.00 19.16 ? 115 VAL A O   1 
ATOM   831  C CB  . VAL A 1 115 ? 7.710   4.650   6.725   1.00 17.77 ? 115 VAL A CB  1 
ATOM   832  C CG1 . VAL A 1 115 ? 8.992   3.950   6.268   1.00 17.40 ? 115 VAL A CG1 1 
ATOM   833  C CG2 . VAL A 1 115 ? 7.723   6.116   6.304   1.00 14.53 ? 115 VAL A CG2 1 
ATOM   834  N N   . GLU A 1 116 ? 6.488   1.819   7.404   1.00 18.98 ? 116 GLU A N   1 
ATOM   835  C CA  . GLU A 1 116 ? 6.619   0.370   7.550   1.00 24.05 ? 116 GLU A CA  1 
ATOM   836  C C   . GLU A 1 116 ? 5.440   -0.357  6.903   1.00 20.71 ? 116 GLU A C   1 
ATOM   837  O O   . GLU A 1 116 ? 5.594   -1.466  6.390   1.00 19.60 ? 116 GLU A O   1 
ATOM   838  C CB  . GLU A 1 116 ? 6.776   -0.021  9.025   1.00 26.35 ? 116 GLU A CB  1 
ATOM   839  C CG  . GLU A 1 116 ? 7.464   -1.364  9.274   1.00 36.66 ? 116 GLU A CG  1 
ATOM   840  C CD  . GLU A 1 116 ? 8.728   -1.588  8.446   1.00 39.05 ? 116 GLU A CD  1 
ATOM   841  O OE1 . GLU A 1 116 ? 9.630   -0.719  8.453   1.00 41.62 ? 116 GLU A OE1 1 
ATOM   842  O OE2 . GLU A 1 116 ? 8.823   -2.648  7.789   1.00 39.17 ? 116 GLU A OE2 1 
ATOM   843  N N   . PHE A 1 117 ? 4.274   0.286   6.923   1.00 19.26 ? 117 PHE A N   1 
ATOM   844  C CA  . PHE A 1 117 ? 3.084   -0.208  6.233   1.00 19.81 ? 117 PHE A CA  1 
ATOM   845  C C   . PHE A 1 117 ? 3.326   -0.304  4.723   1.00 16.87 ? 117 PHE A C   1 
ATOM   846  O O   . PHE A 1 117 ? 3.016   -1.321  4.103   1.00 18.28 ? 117 PHE A O   1 
ATOM   847  C CB  . PHE A 1 117 ? 1.883   0.701   6.541   1.00 16.54 ? 117 PHE A CB  1 
ATOM   848  C CG  . PHE A 1 117 ? 0.682   0.467   5.658   1.00 15.49 ? 117 PHE A CG  1 
ATOM   849  C CD1 . PHE A 1 117 ? -0.220  -0.553  5.942   1.00 14.89 ? 117 PHE A CD1 1 
ATOM   850  C CD2 . PHE A 1 117 ? 0.442   1.284   4.556   1.00 14.08 ? 117 PHE A CD2 1 
ATOM   851  C CE1 . PHE A 1 117 ? -1.336  -0.764  5.136   1.00 13.73 ? 117 PHE A CE1 1 
ATOM   852  C CE2 . PHE A 1 117 ? -0.672  1.078   3.741   1.00 16.45 ? 117 PHE A CE2 1 
ATOM   853  C CZ  . PHE A 1 117 ? -1.561  0.054   4.033   1.00 14.87 ? 117 PHE A CZ  1 
ATOM   854  N N   . LEU A 1 118 ? 3.889   0.755   4.151   1.00 14.98 ? 118 LEU A N   1 
ATOM   855  C CA  . LEU A 1 118 ? 4.187   0.804   2.723   1.00 15.66 ? 118 LEU A CA  1 
ATOM   856  C C   . LEU A 1 118 ? 5.295   -0.177  2.359   1.00 16.42 ? 118 LEU A C   1 
ATOM   857  O O   . LEU A 1 118 ? 5.193   -0.879  1.353   1.00 15.47 ? 118 LEU A O   1 
ATOM   858  C CB  . LEU A 1 118 ? 4.570   2.221   2.298   1.00 13.90 ? 118 LEU A CB  1 
ATOM   859  C CG  . LEU A 1 118 ? 3.443   3.252   2.233   1.00 17.29 ? 118 LEU A CG  1 
ATOM   860  C CD1 . LEU A 1 118 ? 4.034   4.647   2.176   1.00 13.43 ? 118 LEU A CD1 1 
ATOM   861  C CD2 . LEU A 1 118 ? 2.507   3.007   1.052   1.00 16.66 ? 118 LEU A CD2 1 
ATOM   862  N N   . ASN A 1 119 ? 6.334   -0.231  3.193   1.00 17.09 ? 119 ASN A N   1 
ATOM   863  C CA  . ASN A 1 119 ? 7.427   -1.188  3.029   1.00 20.93 ? 119 ASN A CA  1 
ATOM   864  C C   . ASN A 1 119 ? 6.944   -2.639  2.977   1.00 21.42 ? 119 ASN A C   1 
ATOM   865  O O   . ASN A 1 119 ? 7.428   -3.431  2.164   1.00 23.64 ? 119 ASN A O   1 
ATOM   866  C CB  . ASN A 1 119 ? 8.462   -1.027  4.150   1.00 21.83 ? 119 ASN A CB  1 
ATOM   867  C CG  . ASN A 1 119 ? 9.419   0.127   3.906   1.00 22.28 ? 119 ASN A CG  1 
ATOM   868  O OD1 . ASN A 1 119 ? 9.779   0.848   4.831   1.00 30.11 ? 119 ASN A OD1 1 
ATOM   869  N ND2 . ASN A 1 119 ? 9.846   0.296   2.662   1.00 29.54 ? 119 ASN A ND2 1 
ATOM   870  N N   . ARG A 1 120 ? 5.985   -2.969  3.843   1.00 20.53 ? 120 ARG A N   1 
ATOM   871  C CA  . ARG A 1 120 ? 5.427   -4.318  3.936   1.00 20.90 ? 120 ARG A CA  1 
ATOM   872  C C   . ARG A 1 120 ? 4.705   -4.737  2.658   1.00 19.20 ? 120 ARG A C   1 
ATOM   873  O O   . ARG A 1 120 ? 4.873   -5.866  2.188   1.00 19.03 ? 120 ARG A O   1 
ATOM   874  C CB  . ARG A 1 120 ? 4.471   -4.421  5.129   1.00 22.65 ? 120 ARG A CB  1 
ATOM   875  C CG  . ARG A 1 120 ? 3.787   -5.780  5.294   1.00 27.88 ? 120 ARG A CG  1 
ATOM   876  C CD  . ARG A 1 120 ? 4.698   -6.874  5.845   1.00 31.78 ? 120 ARG A CD  1 
ATOM   877  N NE  . ARG A 1 120 ? 4.139   -8.215  5.668   1.00 33.57 ? 120 ARG A NE  1 
ATOM   878  C CZ  . ARG A 1 120 ? 4.222   -8.932  4.551   1.00 35.92 ? 120 ARG A CZ  1 
ATOM   879  N NH1 . ARG A 1 120 ? 4.841   -8.451  3.475   1.00 31.17 ? 120 ARG A NH1 1 
ATOM   880  N NH2 . ARG A 1 120 ? 3.682   -10.140 4.509   1.00 36.58 ? 120 ARG A NH2 1 
ATOM   881  N N   . TRP A 1 121 ? 3.903   -3.828  2.106   1.00 15.28 ? 121 TRP A N   1 
ATOM   882  C CA  . TRP A 1 121 ? 3.130   -4.126  0.904   1.00 18.77 ? 121 TRP A CA  1 
ATOM   883  C C   . TRP A 1 121 ? 3.974   -4.076  -0.365  1.00 16.76 ? 121 TRP A C   1 
ATOM   884  O O   . TRP A 1 121 ? 3.660   -4.745  -1.349  1.00 20.38 ? 121 TRP A O   1 
ATOM   885  C CB  . TRP A 1 121 ? 1.896   -3.225  0.809   1.00 16.49 ? 121 TRP A CB  1 
ATOM   886  C CG  . TRP A 1 121 ? 0.848   -3.617  1.797   1.00 15.80 ? 121 TRP A CG  1 
ATOM   887  C CD1 . TRP A 1 121 ? 0.451   -2.910  2.896   1.00 14.95 ? 121 TRP A CD1 1 
ATOM   888  C CD2 . TRP A 1 121 ? 0.077   -4.825  1.797   1.00 14.46 ? 121 TRP A CD2 1 
ATOM   889  N NE1 . TRP A 1 121 ? -0.526  -3.600  3.575   1.00 20.05 ? 121 TRP A NE1 1 
ATOM   890  C CE2 . TRP A 1 121 ? -0.774  -4.780  2.921   1.00 16.75 ? 121 TRP A CE2 1 
ATOM   891  C CE3 . TRP A 1 121 ? 0.017   -5.946  0.954   1.00 15.34 ? 121 TRP A CE3 1 
ATOM   892  C CZ2 . TRP A 1 121 ? -1.675  -5.805  3.224   1.00 13.73 ? 121 TRP A CZ2 1 
ATOM   893  C CZ3 . TRP A 1 121 ? -0.876  -6.965  1.257   1.00 17.36 ? 121 TRP A CZ3 1 
ATOM   894  C CH2 . TRP A 1 121 ? -1.710  -6.886  2.383   1.00 17.46 ? 121 TRP A CH2 1 
ATOM   895  N N   . ILE A 1 122 ? 5.042   -3.279  -0.337  1.00 18.90 ? 122 ILE A N   1 
ATOM   896  C CA  . ILE A 1 122 ? 6.025   -3.267  -1.420  1.00 17.81 ? 122 ILE A CA  1 
ATOM   897  C C   . ILE A 1 122 ? 6.707   -4.636  -1.482  1.00 19.59 ? 122 ILE A C   1 
ATOM   898  O O   . ILE A 1 122 ? 6.832   -5.230  -2.557  1.00 21.90 ? 122 ILE A O   1 
ATOM   899  C CB  . ILE A 1 122 ? 7.035   -2.099  -1.236  1.00 18.75 ? 122 ILE A CB  1 
ATOM   900  C CG1 . ILE A 1 122 ? 6.432   -0.796  -1.778  1.00 15.44 ? 122 ILE A CG1 1 
ATOM   901  C CG2 . ILE A 1 122 ? 8.390   -2.391  -1.917  1.00 15.72 ? 122 ILE A CG2 1 
ATOM   902  C CD1 . ILE A 1 122 ? 7.013   0.467   -1.165  1.00 16.46 ? 122 ILE A CD1 1 
ATOM   903  N N   . THR A 1 123 ? 7.096   -5.144  -0.313  1.00 19.12 ? 123 THR A N   1 
ATOM   904  C CA  . THR A 1 123 ? 7.727   -6.458  -0.181  1.00 19.52 ? 123 THR A CA  1 
ATOM   905  C C   . THR A 1 123 ? 6.792   -7.589  -0.628  1.00 20.28 ? 123 THR A C   1 
ATOM   906  O O   . THR A 1 123 ? 7.218   -8.508  -1.331  1.00 23.12 ? 123 THR A O   1 
ATOM   907  C CB  . THR A 1 123 ? 8.210   -6.669  1.271   1.00 18.04 ? 123 THR A CB  1 
ATOM   908  O OG1 . THR A 1 123 ? 9.216   -5.697  1.582   1.00 20.45 ? 123 THR A OG1 1 
ATOM   909  C CG2 . THR A 1 123 ? 8.952   -7.997  1.425   1.00 23.29 ? 123 THR A CG2 1 
ATOM   910  N N   . PHE A 1 124 ? 5.527   -7.514  -0.219  1.00 18.64 ? 124 PHE A N   1 
ATOM   911  C CA  . PHE A 1 124 ? 4.503   -8.454  -0.667  1.00 18.74 ? 124 PHE A CA  1 
ATOM   912  C C   . PHE A 1 124 ? 4.448   -8.497  -2.194  1.00 20.29 ? 124 PHE A C   1 
ATOM   913  O O   . PHE A 1 124 ? 4.489   -9.577  -2.781  1.00 19.65 ? 124 PHE A O   1 
ATOM   914  C CB  . PHE A 1 124 ? 3.126   -8.067  -0.101  1.00 19.18 ? 124 PHE A CB  1 
ATOM   915  C CG  . PHE A 1 124 ? 1.966   -8.785  -0.752  1.00 18.96 ? 124 PHE A CG  1 
ATOM   916  C CD1 . PHE A 1 124 ? 1.537   -10.022 -0.272  1.00 19.01 ? 124 PHE A CD1 1 
ATOM   917  C CD2 . PHE A 1 124 ? 1.296   -8.219  -1.836  1.00 17.35 ? 124 PHE A CD2 1 
ATOM   918  C CE1 . PHE A 1 124 ? 0.460   -10.687 -0.864  1.00 19.32 ? 124 PHE A CE1 1 
ATOM   919  C CE2 . PHE A 1 124 ? 0.224   -8.877  -2.441  1.00 17.99 ? 124 PHE A CE2 1 
ATOM   920  C CZ  . PHE A 1 124 ? -0.198  -10.114 -1.954  1.00 18.21 ? 124 PHE A CZ  1 
ATOM   921  N N   . CYS A 1 125 ? 4.353   -7.323  -2.820  1.00 17.91 ? 125 CYS A N   1 
ATOM   922  C CA  . CYS A 1 125 ? 4.269   -7.212  -4.275  1.00 19.67 ? 125 CYS A CA  1 
ATOM   923  C C   . CYS A 1 125 ? 5.464   -7.885  -4.941  1.00 20.96 ? 125 CYS A C   1 
ATOM   924  O O   . CYS A 1 125 ? 5.293   -8.736  -5.810  1.00 19.00 ? 125 CYS A O   1 
ATOM   925  C CB  . CYS A 1 125 ? 4.184   -5.745  -4.709  1.00 20.09 ? 125 CYS A CB  1 
ATOM   926  S SG  . CYS A 1 125 ? 2.570   -4.975  -4.450  1.00 18.73 ? 125 CYS A SG  1 
ATOM   927  N N   . GLN A 1 126 ? 6.667   -7.511  -4.508  1.00 23.40 ? 126 GLN A N   1 
ATOM   928  C CA  . GLN A 1 126 ? 7.908   -8.043  -5.070  1.00 24.00 ? 126 GLN A CA  1 
ATOM   929  C C   . GLN A 1 126 ? 8.028   -9.556  -4.896  1.00 25.47 ? 126 GLN A C   1 
ATOM   930  O O   . GLN A 1 126 ? 8.519   -10.248 -5.790  1.00 20.35 ? 126 GLN A O   1 
ATOM   931  C CB  . GLN A 1 126 ? 9.120   -7.321  -4.476  1.00 27.33 ? 126 GLN A CB  1 
ATOM   932  C CG  . GLN A 1 126 ? 9.136   -5.833  -4.795  1.00 30.53 ? 126 GLN A CG  1 
ATOM   933  C CD  . GLN A 1 126 ? 10.393  -5.131  -4.338  1.00 34.45 ? 126 GLN A CD  1 
ATOM   934  O OE1 . GLN A 1 126 ? 11.143  -4.603  -5.160  1.00 32.87 ? 126 GLN A OE1 1 
ATOM   935  N NE2 . GLN A 1 126 ? 10.625  -5.108  -3.028  1.00 34.95 ? 126 GLN A NE2 1 
ATOM   936  N N   . SER A 1 127 ? 7.561   -10.057 -3.752  1.00 25.01 ? 127 SER A N   1 
ATOM   937  C CA  . SER A 1 127 ? 7.529   -11.496 -3.486  1.00 28.31 ? 127 SER A CA  1 
ATOM   938  C C   . SER A 1 127 ? 6.627   -12.260 -4.457  1.00 26.30 ? 127 SER A C   1 
ATOM   939  O O   . SER A 1 127 ? 6.995   -13.344 -4.914  1.00 27.15 ? 127 SER A O   1 
ATOM   940  C CB  . SER A 1 127 ? 7.104   -11.775 -2.041  1.00 29.61 ? 127 SER A CB  1 
ATOM   941  O OG  . SER A 1 127 ? 8.187   -11.571 -1.152  1.00 35.78 ? 127 SER A OG  1 
ATOM   942  N N   . ILE A 1 128 ? 5.459   -11.695 -4.768  1.00 24.78 ? 128 ILE A N   1 
ATOM   943  C CA  . ILE A 1 128 ? 4.505   -12.348 -5.675  1.00 27.20 ? 128 ILE A CA  1 
ATOM   944  C C   . ILE A 1 128 ? 4.944   -12.267 -7.139  1.00 24.70 ? 128 ILE A C   1 
ATOM   945  O O   . ILE A 1 128 ? 4.825   -13.247 -7.874  1.00 25.93 ? 128 ILE A O   1 
ATOM   946  C CB  . ILE A 1 128 ? 3.047   -11.811 -5.498  1.00 27.03 ? 128 ILE A CB  1 
ATOM   947  C CG1 . ILE A 1 128 ? 2.670   -11.638 -4.019  1.00 30.21 ? 128 ILE A CG1 1 
ATOM   948  C CG2 . ILE A 1 128 ? 2.041   -12.733 -6.194  1.00 28.21 ? 128 ILE A CG2 1 
ATOM   949  C CD1 . ILE A 1 128 ? 2.875   -12.874 -3.133  1.00 34.35 ? 128 ILE A CD1 1 
ATOM   950  N N   . ILE A 1 129 ? 5.439   -11.099 -7.556  1.00 25.12 ? 129 ILE A N   1 
ATOM   951  C CA  . ILE A 1 129 ? 5.984   -10.912 -8.907  1.00 24.27 ? 129 ILE A CA  1 
ATOM   952  C C   . ILE A 1 129 ? 7.049   -11.972 -9.197  1.00 26.21 ? 129 ILE A C   1 
ATOM   953  O O   . ILE A 1 129 ? 7.119   -12.507 -10.309 1.00 26.24 ? 129 ILE A O   1 
ATOM   954  C CB  . ILE A 1 129 ? 6.569   -9.477  -9.082  1.00 24.24 ? 129 ILE A CB  1 
ATOM   955  C CG1 . ILE A 1 129 ? 5.460   -8.422  -9.028  1.00 17.47 ? 129 ILE A CG1 1 
ATOM   956  C CG2 . ILE A 1 129 ? 7.337   -9.341  -10.403 1.00 24.31 ? 129 ILE A CG2 1 
ATOM   957  C CD1 . ILE A 1 129 ? 5.936   -7.042  -8.602  1.00 16.51 ? 129 ILE A CD1 1 
ATOM   958  N N   . SER A 1 130 ? 7.845   -12.290 -8.174  1.00 25.50 ? 130 SER A N   1 
ATOM   959  C CA  . SER A 1 130 ? 8.948   -13.246 -8.281  1.00 28.58 ? 130 SER A CA  1 
ATOM   960  C C   . SER A 1 130 ? 8.503   -14.687 -8.521  1.00 27.38 ? 130 SER A C   1 
ATOM   961  O O   . SER A 1 130 ? 9.283   -15.499 -9.019  1.00 27.14 ? 130 SER A O   1 
ATOM   962  C CB  . SER A 1 130 ? 9.830   -13.181 -7.033  1.00 30.13 ? 130 SER A CB  1 
ATOM   963  O OG  . SER A 1 130 ? 10.777  -12.137 -7.147  1.00 34.41 ? 130 SER A OG  1 
ATOM   964  N N   . THR A 1 131 ? 7.260   -15.003 -8.162  1.00 26.51 ? 131 THR A N   1 
ATOM   965  C CA  . THR A 1 131 ? 6.704   -16.332 -8.418  1.00 29.09 ? 131 THR A CA  1 
ATOM   966  C C   . THR A 1 131 ? 6.038   -16.421 -9.791  1.00 26.76 ? 131 THR A C   1 
ATOM   967  O O   . THR A 1 131 ? 5.539   -17.479 -10.174 1.00 29.45 ? 131 THR A O   1 
ATOM   968  C CB  . THR A 1 131 ? 5.696   -16.746 -7.317  1.00 27.68 ? 131 THR A CB  1 
ATOM   969  O OG1 . THR A 1 131 ? 4.568   -15.865 -7.344  1.00 25.55 ? 131 THR A OG1 1 
ATOM   970  C CG2 . THR A 1 131 ? 6.284   -16.550 -5.920  1.00 29.26 ? 131 THR A CG2 1 
ATOM   971  N N   . LEU A 1 132 ? 6.038   -15.313 -10.529 1.00 29.07 ? 132 LEU A N   1 
ATOM   972  C CA  . LEU A 1 132 ? 5.369   -15.248 -11.830 1.00 32.84 ? 132 LEU A CA  1 
ATOM   973  C C   . LEU A 1 132 ? 6.326   -15.072 -13.011 1.00 33.20 ? 132 LEU A C   1 
ATOM   974  O O   . LEU A 1 132 ? 5.919   -15.223 -14.161 1.00 36.68 ? 132 LEU A O   1 
ATOM   975  C CB  . LEU A 1 132 ? 4.292   -14.153 -11.836 1.00 28.90 ? 132 LEU A CB  1 
ATOM   976  C CG  . LEU A 1 132 ? 3.235   -14.176 -10.722 1.00 29.78 ? 132 LEU A CG  1 
ATOM   977  C CD1 . LEU A 1 132 ? 2.278   -13.001 -10.854 1.00 26.85 ? 132 LEU A CD1 1 
ATOM   978  C CD2 . LEU A 1 132 ? 2.461   -15.493 -10.688 1.00 31.99 ? 132 LEU A CD2 1 
ATOM   979  N N   . THR A 1 133 ? 7.591   -14.765 -12.718 1.00 38.22 ? 133 THR A N   1 
ATOM   980  C CA  . THR A 1 133 ? 8.615   -14.526 -13.742 1.00 39.39 ? 133 THR A CA  1 
ATOM   981  C C   . THR A 1 133 ? 8.797   -15.708 -14.700 1.00 41.10 ? 133 THR A C   1 
ATOM   982  O O   . THR A 1 133 ? 8.870   -16.864 -14.279 1.00 40.75 ? 133 THR A O   1 
ATOM   983  C CB  . THR A 1 133 ? 9.967   -14.163 -13.084 1.00 41.38 ? 133 THR A CB  1 
ATOM   984  O OG1 . THR A 1 133 ? 9.774   -13.136 -12.103 1.00 44.28 ? 133 THR A OG1 1 
ATOM   985  C CG2 . THR A 1 133 ? 10.897  -13.502 -14.092 1.00 43.57 ? 133 THR A CG2 1 
HETATM 986  S S   . SO4 B 2 .   ? -4.630  -18.285 4.884   1.00 63.03 ? 134 SO4 A S   1 
HETATM 987  O O1  . SO4 B 2 .   ? -5.129  -18.271 3.512   1.00 61.71 ? 134 SO4 A O1  1 
HETATM 988  O O2  . SO4 B 2 .   ? -3.209  -18.619 4.874   1.00 61.15 ? 134 SO4 A O2  1 
HETATM 989  O O3  . SO4 B 2 .   ? -4.817  -16.966 5.483   1.00 61.09 ? 134 SO4 A O3  1 
HETATM 990  O O4  . SO4 B 2 .   ? -5.365  -19.287 5.654   1.00 62.62 ? 134 SO4 A O4  1 
HETATM 991  S S1  . MHC C 3 .   ? 4.857   15.970  3.203   1.00 37.07 ? 201 MHC A S1  1 
HETATM 992  C C2  . MHC C 3 .   ? 5.468   16.716  1.671   1.00 37.81 ? 201 MHC A C2  1 
HETATM 993  C C3  . MHC C 3 .   ? 5.169   15.777  0.506   1.00 39.42 ? 201 MHC A C3  1 
HETATM 994  C C4  . MHC C 3 .   ? 3.680   15.776  0.218   1.00 42.09 ? 201 MHC A C4  1 
HETATM 995  O O5  . MHC C 3 .   ? 3.152   16.799  -0.198  1.00 40.68 ? 201 MHC A O5  1 
HETATM 996  N N6  . MHC C 3 .   ? 2.993   14.644  0.435   1.00 41.92 ? 201 MHC A N6  1 
HETATM 997  C C7  . MHC C 3 .   ? 1.576   14.677  0.827   1.00 40.52 ? 201 MHC A C7  1 
HETATM 998  C C8  . MHC C 3 .   ? 0.733   14.324  -0.407  1.00 40.90 ? 201 MHC A C8  1 
HETATM 999  C C9  . MHC C 3 .   ? 1.383   13.150  -1.101  1.00 41.73 ? 201 MHC A C9  1 
HETATM 1000 C C10 . MHC C 3 .   ? 2.747   12.636  -0.788  1.00 42.28 ? 201 MHC A C10 1 
HETATM 1001 C C11 . MHC C 3 .   ? 3.572   13.303  0.281   1.00 42.54 ? 201 MHC A C11 1 
HETATM 1002 N N12 . MHC C 3 .   ? 3.063   11.565  -1.583  1.00 44.52 ? 201 MHC A N12 1 
HETATM 1003 C C14 . MHC C 3 .   ? 0.959   12.313  -2.105  1.00 39.51 ? 201 MHC A C14 1 
HETATM 1004 C C13 . MHC C 3 .   ? 2.007   11.323  -2.404  1.00 41.70 ? 201 MHC A C13 1 
HETATM 1005 C C15 . MHC C 3 .   ? 1.690   10.377  -3.450  1.00 39.45 ? 201 MHC A C15 1 
HETATM 1006 C C18 . MHC C 3 .   ? -0.301  12.343  -2.801  1.00 39.62 ? 201 MHC A C18 1 
HETATM 1007 C C17 . MHC C 3 .   ? -0.518  11.388  -3.794  1.00 38.02 ? 201 MHC A C17 1 
HETATM 1008 C C16 . MHC C 3 .   ? 0.456   10.433  -4.107  1.00 38.70 ? 201 MHC A C16 1 
HETATM 1009 O O   . HOH D 4 .   ? 2.227   6.684   10.204  1.00 17.16 ? 202 HOH A O   1 
HETATM 1010 O O   . HOH D 4 .   ? -2.760  -3.865  5.820   1.00 15.94 ? 203 HOH A O   1 
HETATM 1011 O O   . HOH D 4 .   ? 12.043  5.676   4.615   1.00 31.37 ? 204 HOH A O   1 
HETATM 1012 O O   . HOH D 4 .   ? -1.651  -4.380  12.701  1.00 16.71 ? 205 HOH A O   1 
HETATM 1013 O O   . HOH D 4 .   ? 6.297   0.688   12.281  1.00 27.98 ? 206 HOH A O   1 
HETATM 1014 O O   . HOH D 4 .   ? 9.767   3.154   -7.950  1.00 22.32 ? 207 HOH A O   1 
HETATM 1015 O O   . HOH D 4 .   ? -1.543  16.254  -1.868  1.00 17.74 ? 208 HOH A O   1 
HETATM 1016 O O   . HOH D 4 .   ? -14.242 11.850  -9.639  1.00 30.53 ? 209 HOH A O   1 
HETATM 1017 O O   . HOH D 4 .   ? 7.466   4.524   -8.119  1.00 19.29 ? 210 HOH A O   1 
HETATM 1018 O O   . HOH D 4 .   ? 10.348  -8.452  -7.549  1.00 26.17 ? 211 HOH A O   1 
HETATM 1019 O O   . HOH D 4 .   ? -14.393 -13.119 -4.418  1.00 35.85 ? 212 HOH A O   1 
HETATM 1020 O O   . HOH D 4 .   ? -5.365  -15.720 -3.553  1.00 21.02 ? 213 HOH A O   1 
HETATM 1021 O O   . HOH D 4 .   ? -7.254  13.783  -2.611  1.00 31.37 ? 214 HOH A O   1 
HETATM 1022 O O   . HOH D 4 .   ? 11.703  -3.713  -0.920  1.00 28.58 ? 215 HOH A O   1 
HETATM 1023 O O   . HOH D 4 .   ? 8.508   6.910   -7.115  1.00 31.32 ? 216 HOH A O   1 
HETATM 1024 O O   . HOH D 4 .   ? -2.024  -15.711 -4.943  1.00 30.50 ? 217 HOH A O   1 
HETATM 1025 O O   . HOH D 4 .   ? 6.553   10.875  16.091  1.00 34.31 ? 218 HOH A O   1 
HETATM 1026 O O   . HOH D 4 .   ? 10.242  -2.853  1.178   1.00 36.49 ? 219 HOH A O   1 
HETATM 1027 O O   . HOH D 4 .   ? -15.869 -9.377  -6.200  1.00 30.19 ? 220 HOH A O   1 
HETATM 1028 O O   . HOH D 4 .   ? 8.633   3.744   10.838  1.00 30.82 ? 221 HOH A O   1 
HETATM 1029 O O   . HOH D 4 .   ? 0.874   20.957  -1.312  1.00 39.65 ? 222 HOH A O   1 
HETATM 1030 O O   . HOH D 4 .   ? -4.952  2.747   9.917   1.00 30.13 ? 223 HOH A O   1 
HETATM 1031 O O   . HOH D 4 .   ? 2.250   4.619   14.033  1.00 37.83 ? 224 HOH A O   1 
HETATM 1032 O O   . HOH D 4 .   ? -14.291 -4.888  -1.127  1.00 39.01 ? 225 HOH A O   1 
HETATM 1033 O O   . HOH D 4 .   ? 10.144  -9.680  -1.302  1.00 38.11 ? 226 HOH A O   1 
HETATM 1034 O O   . HOH D 4 .   ? -8.831  -8.190  -13.768 1.00 30.13 ? 227 HOH A O   1 
HETATM 1035 O O   . HOH D 4 .   ? -3.539  19.429  4.248   1.00 42.63 ? 228 HOH A O   1 
HETATM 1036 O O   . HOH D 4 .   ? 4.584   25.723  -4.936  1.00 36.90 ? 229 HOH A O   1 
HETATM 1037 O O   . HOH D 4 .   ? 6.528   17.651  14.605  1.00 33.20 ? 230 HOH A O   1 
HETATM 1038 O O   . HOH D 4 .   ? 0.848   17.046  10.060  1.00 41.97 ? 231 HOH A O   1 
HETATM 1039 O O   . HOH D 4 .   ? -2.198  -6.165  -16.730 1.00 40.17 ? 232 HOH A O   1 
HETATM 1040 O O   . HOH D 4 .   ? 7.832   15.587  -1.644  1.00 45.68 ? 233 HOH A O   1 
HETATM 1041 O O   . HOH D 4 .   ? 9.128   -8.761  -13.692 1.00 33.62 ? 234 HOH A O   1 
HETATM 1042 O O   . HOH D 4 .   ? -10.334 1.385   2.997   1.00 40.00 ? 235 HOH A O   1 
HETATM 1043 O O   . HOH D 4 .   ? 0.863   6.623   17.567  1.00 33.75 ? 236 HOH A O   1 
HETATM 1044 O O   . HOH D 4 .   ? 5.185   6.484   15.676  1.00 38.93 ? 237 HOH A O   1 
HETATM 1045 O O   . HOH D 4 .   ? 14.615  9.622   2.275   1.00 46.85 ? 238 HOH A O   1 
HETATM 1046 O O   . HOH D 4 .   ? 2.048   -8.482  16.125  1.00 42.94 ? 239 HOH A O   1 
HETATM 1047 O O   . HOH D 4 .   ? 2.698   2.188   15.044  1.00 44.78 ? 240 HOH A O   1 
HETATM 1048 O O   . HOH D 4 .   ? -8.526  1.385   9.396   1.00 44.21 ? 241 HOH A O   1 
HETATM 1049 O O   . HOH D 4 .   ? -11.685 2.239   -0.489  1.00 39.84 ? 242 HOH A O   1 
HETATM 1050 O O   . HOH D 4 .   ? -11.940 7.036   -0.300  1.00 45.14 ? 243 HOH A O   1 
HETATM 1051 O O   . HOH D 4 .   ? -8.245  15.645  -7.318  1.00 45.40 ? 244 HOH A O   1 
HETATM 1052 O O   . HOH D 4 .   ? 0.302   25.615  -6.320  1.00 44.72 ? 245 HOH A O   1 
HETATM 1053 O O   . HOH D 4 .   ? -2.415  17.215  -8.478  1.00 44.75 ? 246 HOH A O   1 
HETATM 1054 O O   . HOH D 4 .   ? -5.102  -5.437  15.036  1.00 41.20 ? 247 HOH A O   1 
HETATM 1055 O O   . HOH D 4 .   ? -1.393  3.111   -13.030 1.00 39.87 ? 248 HOH A O   1 
HETATM 1056 O O   . HOH D 4 .   ? -2.987  13.141  -9.785  1.00 47.52 ? 249 HOH A O   1 
HETATM 1057 O O   . HOH D 4 .   ? -2.139  -3.533  -16.269 1.00 35.13 ? 250 HOH A O   1 
# 
